data_8E1C
# 
_entry.id   8E1C 
# 
_audit_conform.dict_name       mmcif_pdbx.dic 
_audit_conform.dict_version    5.406 
_audit_conform.dict_location   http://mmcif.pdb.org/dictionaries/ascii/mmcif_pdbx.dic 
# 
loop_
_database_2.database_id 
_database_2.database_code 
_database_2.pdbx_database_accession 
_database_2.pdbx_DOI 
PDB   8E1C         pdb_00008e1c 10.2210/pdb8e1c/pdb 
WWPDB D_1000267505 ?            ?                   
# 
loop_
_pdbx_audit_revision_history.ordinal 
_pdbx_audit_revision_history.data_content_type 
_pdbx_audit_revision_history.major_revision 
_pdbx_audit_revision_history.minor_revision 
_pdbx_audit_revision_history.revision_date 
_pdbx_audit_revision_history.part_number 
1 'Structure model' 1 0 2023-10-04 ? 
2 'Structure model' 1 1 2024-10-16 ? 
3 'Structure model' 1 2 2025-09-17 ? 
# 
_pdbx_audit_revision_details.ordinal             1 
_pdbx_audit_revision_details.revision_ordinal    1 
_pdbx_audit_revision_details.data_content_type   'Structure model' 
_pdbx_audit_revision_details.provider            repository 
_pdbx_audit_revision_details.type                'Initial release' 
_pdbx_audit_revision_details.description         ? 
_pdbx_audit_revision_details.details             ? 
# 
loop_
_pdbx_audit_revision_group.ordinal 
_pdbx_audit_revision_group.revision_ordinal 
_pdbx_audit_revision_group.data_content_type 
_pdbx_audit_revision_group.group 
1 2 'Structure model' 'Structure summary' 
2 3 'Structure model' 'Structure summary' 
# 
loop_
_pdbx_audit_revision_category.ordinal 
_pdbx_audit_revision_category.revision_ordinal 
_pdbx_audit_revision_category.data_content_type 
_pdbx_audit_revision_category.category 
1 2 'Structure model' pdbx_entry_details        
2 2 'Structure model' pdbx_modification_feature 
3 3 'Structure model' audit_author              
# 
_pdbx_audit_revision_item.ordinal             1 
_pdbx_audit_revision_item.revision_ordinal    3 
_pdbx_audit_revision_item.data_content_type   'Structure model' 
_pdbx_audit_revision_item.item                '_audit_author.name' 
# 
_pdbx_database_status.status_code                     REL 
_pdbx_database_status.status_code_sf                  REL 
_pdbx_database_status.status_code_mr                  ? 
_pdbx_database_status.entry_id                        8E1C 
_pdbx_database_status.recvd_initial_deposition_date   2022-08-10 
_pdbx_database_status.SG_entry                        N 
_pdbx_database_status.deposit_site                    RCSB 
_pdbx_database_status.process_site                    RCSB 
_pdbx_database_status.status_code_cs                  ? 
_pdbx_database_status.status_code_nmr_data            ? 
_pdbx_database_status.methods_development_category    ? 
_pdbx_database_status.pdb_format_compatible           Y 
# 
_pdbx_contact_author.id                 2 
_pdbx_contact_author.email              dean.r.madden@dartmouth.edu 
_pdbx_contact_author.name_first         Dean 
_pdbx_contact_author.name_last          Madden 
_pdbx_contact_author.name_mi            R 
_pdbx_contact_author.role               'principal investigator/group leader' 
_pdbx_contact_author.identifier_ORCID   0000-0002-1810-6984 
# 
loop_
_audit_author.name 
_audit_author.pdbx_ordinal 
_audit_author.identifier_ORCID 
'Simard, A.R.' 1 0000-0001-8175-1196 
'Taher, N.M.'  2 0000-0001-8783-120X 
'Balsam, S.S.' 3 0000-0001-9723-7677 
'Madden, D.R.' 4 0000-0002-1810-6984 
# 
loop_
_citation.abstract 
_citation.abstract_id_CAS 
_citation.book_id_ISBN 
_citation.book_publisher 
_citation.book_publisher_city 
_citation.book_title 
_citation.coordinate_linkage 
_citation.country 
_citation.database_id_Medline 
_citation.details 
_citation.id 
_citation.journal_abbrev 
_citation.journal_id_ASTM 
_citation.journal_id_CSD 
_citation.journal_id_ISSN 
_citation.journal_full 
_citation.journal_issue 
_citation.journal_volume 
_citation.language 
_citation.page_first 
_citation.page_last 
_citation.title 
_citation.year 
_citation.database_id_CSD 
_citation.pdbx_database_id_DOI 
_citation.pdbx_database_id_PubMed 
_citation.pdbx_database_id_patent 
_citation.unpublished_flag 
? ? ? ? ? ? ? ? ? ? primary 'To Be Published' ? 0353 ?         ? ? ?    ? ?   ?   
'Crystal Structure of Nanobody VHH222 Specific for PA14 Cif'                                           ?    ? ? ?        ? ? 
? ? ? ? ? ? ? ? ? ? 1       'Anal Chim Acta'  ? ?    1873-4324 ? ? 1057 ? 106 113 
'Nanobody-based binding assay for the discovery of potent inhibitors of CFTR inhibitory factor (Cif).' 2019 ? 
10.1016/j.aca.2018.12.060 30832908 ? ? 
# 
loop_
_citation_author.citation_id 
_citation_author.name 
_citation_author.ordinal 
_citation_author.identifier_ORCID 
primary 'Simard, A.R.'   1  0000-0001-8175-1196 
primary 'Madden, D.R.'   2  0000-0002-1810-6984 
1       'Vasylieva, N.'  3  ?                   
1       'Kitamura, S.'   4  ?                   
1       'Dong, J.'       5  ?                   
1       'Barnych, B.'    6  ?                   
1       'Hvorecny, K.L.' 7  ?                   
1       'Madden, D.R.'   8  ?                   
1       'Gee, S.J.'      9  ?                   
1       'Wolan, D.W.'    10 ?                   
1       'Morisseau, C.'  11 ?                   
1       'Hammock, B.D.'  12 ?                   
# 
loop_
_entity.id 
_entity.type 
_entity.src_method 
_entity.pdbx_description 
_entity.formula_weight 
_entity.pdbx_number_of_molecules 
_entity.pdbx_ec 
_entity.pdbx_mutation 
_entity.pdbx_fragment 
_entity.details 
1 polymer man 'Nanobody VHH222' 13531.143 1  ? ? ? ? 
2 water   nat water             18.015    57 ? ? ? ? 
# 
_entity_poly.entity_id                      1 
_entity_poly.type                           'polypeptide(L)' 
_entity_poly.nstd_linkage                   no 
_entity_poly.nstd_monomer                   no 
_entity_poly.pdbx_seq_one_letter_code       
;MAQVKLQESGGGLVQPGGSLRLSCASSVPIFAITVMGWYRQAPGKQRELVAGIKRSGDTNYADSVKGRFTISRDDAKNTV
FLQMNSLTTEDTAVYYCNAQILSWMGGTDYWGQGTQVTVSSGQAGQ
;
_entity_poly.pdbx_seq_one_letter_code_can   
;MAQVKLQESGGGLVQPGGSLRLSCASSVPIFAITVMGWYRQAPGKQRELVAGIKRSGDTNYADSVKGRFTISRDDAKNTV
FLQMNSLTTEDTAVYYCNAQILSWMGGTDYWGQGTQVTVSSGQAGQ
;
_entity_poly.pdbx_strand_id                 A 
_entity_poly.pdbx_target_identifier         ? 
# 
_pdbx_entity_nonpoly.entity_id   2 
_pdbx_entity_nonpoly.name        water 
_pdbx_entity_nonpoly.comp_id     HOH 
# 
loop_
_entity_poly_seq.entity_id 
_entity_poly_seq.num 
_entity_poly_seq.mon_id 
_entity_poly_seq.hetero 
1 1   MET n 
1 2   ALA n 
1 3   GLN n 
1 4   VAL n 
1 5   LYS n 
1 6   LEU n 
1 7   GLN n 
1 8   GLU n 
1 9   SER n 
1 10  GLY n 
1 11  GLY n 
1 12  GLY n 
1 13  LEU n 
1 14  VAL n 
1 15  GLN n 
1 16  PRO n 
1 17  GLY n 
1 18  GLY n 
1 19  SER n 
1 20  LEU n 
1 21  ARG n 
1 22  LEU n 
1 23  SER n 
1 24  CYS n 
1 25  ALA n 
1 26  SER n 
1 27  SER n 
1 28  VAL n 
1 29  PRO n 
1 30  ILE n 
1 31  PHE n 
1 32  ALA n 
1 33  ILE n 
1 34  THR n 
1 35  VAL n 
1 36  MET n 
1 37  GLY n 
1 38  TRP n 
1 39  TYR n 
1 40  ARG n 
1 41  GLN n 
1 42  ALA n 
1 43  PRO n 
1 44  GLY n 
1 45  LYS n 
1 46  GLN n 
1 47  ARG n 
1 48  GLU n 
1 49  LEU n 
1 50  VAL n 
1 51  ALA n 
1 52  GLY n 
1 53  ILE n 
1 54  LYS n 
1 55  ARG n 
1 56  SER n 
1 57  GLY n 
1 58  ASP n 
1 59  THR n 
1 60  ASN n 
1 61  TYR n 
1 62  ALA n 
1 63  ASP n 
1 64  SER n 
1 65  VAL n 
1 66  LYS n 
1 67  GLY n 
1 68  ARG n 
1 69  PHE n 
1 70  THR n 
1 71  ILE n 
1 72  SER n 
1 73  ARG n 
1 74  ASP n 
1 75  ASP n 
1 76  ALA n 
1 77  LYS n 
1 78  ASN n 
1 79  THR n 
1 80  VAL n 
1 81  PHE n 
1 82  LEU n 
1 83  GLN n 
1 84  MET n 
1 85  ASN n 
1 86  SER n 
1 87  LEU n 
1 88  THR n 
1 89  THR n 
1 90  GLU n 
1 91  ASP n 
1 92  THR n 
1 93  ALA n 
1 94  VAL n 
1 95  TYR n 
1 96  TYR n 
1 97  CYS n 
1 98  ASN n 
1 99  ALA n 
1 100 GLN n 
1 101 ILE n 
1 102 LEU n 
1 103 SER n 
1 104 TRP n 
1 105 MET n 
1 106 GLY n 
1 107 GLY n 
1 108 THR n 
1 109 ASP n 
1 110 TYR n 
1 111 TRP n 
1 112 GLY n 
1 113 GLN n 
1 114 GLY n 
1 115 THR n 
1 116 GLN n 
1 117 VAL n 
1 118 THR n 
1 119 VAL n 
1 120 SER n 
1 121 SER n 
1 122 GLY n 
1 123 GLN n 
1 124 ALA n 
1 125 GLY n 
1 126 GLN n 
# 
_entity_src_gen.entity_id                          1 
_entity_src_gen.pdbx_src_id                        1 
_entity_src_gen.pdbx_alt_source_flag               sample 
_entity_src_gen.pdbx_seq_type                      'Biological sequence' 
_entity_src_gen.pdbx_beg_seq_num                   1 
_entity_src_gen.pdbx_end_seq_num                   126 
_entity_src_gen.gene_src_common_name               ? 
_entity_src_gen.gene_src_genus                     ? 
_entity_src_gen.pdbx_gene_src_gene                 ? 
_entity_src_gen.gene_src_species                   ? 
_entity_src_gen.gene_src_strain                    ? 
_entity_src_gen.gene_src_tissue                    ? 
_entity_src_gen.gene_src_tissue_fraction           ? 
_entity_src_gen.gene_src_details                   ? 
_entity_src_gen.pdbx_gene_src_fragment             ? 
_entity_src_gen.pdbx_gene_src_scientific_name      'Vicugna pacos' 
_entity_src_gen.pdbx_gene_src_ncbi_taxonomy_id     30538 
_entity_src_gen.pdbx_gene_src_variant              ? 
_entity_src_gen.pdbx_gene_src_cell_line            ? 
_entity_src_gen.pdbx_gene_src_atcc                 ? 
_entity_src_gen.pdbx_gene_src_organ                ? 
_entity_src_gen.pdbx_gene_src_organelle            ? 
_entity_src_gen.pdbx_gene_src_cell                 ? 
_entity_src_gen.pdbx_gene_src_cellular_location    ? 
_entity_src_gen.host_org_common_name               ? 
_entity_src_gen.pdbx_host_org_scientific_name      'Escherichia coli BL21' 
_entity_src_gen.pdbx_host_org_ncbi_taxonomy_id     511693 
_entity_src_gen.host_org_genus                     ? 
_entity_src_gen.pdbx_host_org_gene                 ? 
_entity_src_gen.pdbx_host_org_organ                ? 
_entity_src_gen.host_org_species                   ? 
_entity_src_gen.pdbx_host_org_tissue               ? 
_entity_src_gen.pdbx_host_org_tissue_fraction      ? 
_entity_src_gen.pdbx_host_org_strain               ? 
_entity_src_gen.pdbx_host_org_variant              'DE3 RIL' 
_entity_src_gen.pdbx_host_org_cell_line            ? 
_entity_src_gen.pdbx_host_org_atcc                 ? 
_entity_src_gen.pdbx_host_org_culture_collection   ? 
_entity_src_gen.pdbx_host_org_cell                 ? 
_entity_src_gen.pdbx_host_org_organelle            ? 
_entity_src_gen.pdbx_host_org_cellular_location    ? 
_entity_src_gen.pdbx_host_org_vector_type          plasmid 
_entity_src_gen.pdbx_host_org_vector               ? 
_entity_src_gen.host_org_details                   'N-term 10X His-SUMO fusion' 
_entity_src_gen.expression_system_id               ? 
_entity_src_gen.plasmid_name                       pET16b 
_entity_src_gen.plasmid_details                    ? 
_entity_src_gen.pdbx_description                   ? 
# 
loop_
_chem_comp.id 
_chem_comp.type 
_chem_comp.mon_nstd_flag 
_chem_comp.name 
_chem_comp.pdbx_synonyms 
_chem_comp.formula 
_chem_comp.formula_weight 
ALA 'L-peptide linking' y ALANINE         ? 'C3 H7 N O2'     89.093  
ARG 'L-peptide linking' y ARGININE        ? 'C6 H15 N4 O2 1' 175.209 
ASN 'L-peptide linking' y ASPARAGINE      ? 'C4 H8 N2 O3'    132.118 
ASP 'L-peptide linking' y 'ASPARTIC ACID' ? 'C4 H7 N O4'     133.103 
CYS 'L-peptide linking' y CYSTEINE        ? 'C3 H7 N O2 S'   121.158 
GLN 'L-peptide linking' y GLUTAMINE       ? 'C5 H10 N2 O3'   146.144 
GLU 'L-peptide linking' y 'GLUTAMIC ACID' ? 'C5 H9 N O4'     147.129 
GLY 'peptide linking'   y GLYCINE         ? 'C2 H5 N O2'     75.067  
HOH non-polymer         . WATER           ? 'H2 O'           18.015  
ILE 'L-peptide linking' y ISOLEUCINE      ? 'C6 H13 N O2'    131.173 
LEU 'L-peptide linking' y LEUCINE         ? 'C6 H13 N O2'    131.173 
LYS 'L-peptide linking' y LYSINE          ? 'C6 H15 N2 O2 1' 147.195 
MET 'L-peptide linking' y METHIONINE      ? 'C5 H11 N O2 S'  149.211 
PHE 'L-peptide linking' y PHENYLALANINE   ? 'C9 H11 N O2'    165.189 
PRO 'L-peptide linking' y PROLINE         ? 'C5 H9 N O2'     115.130 
SER 'L-peptide linking' y SERINE          ? 'C3 H7 N O3'     105.093 
THR 'L-peptide linking' y THREONINE       ? 'C4 H9 N O3'     119.119 
TRP 'L-peptide linking' y TRYPTOPHAN      ? 'C11 H12 N2 O2'  204.225 
TYR 'L-peptide linking' y TYROSINE        ? 'C9 H11 N O3'    181.189 
VAL 'L-peptide linking' y VALINE          ? 'C5 H11 N O2'    117.146 
# 
loop_
_pdbx_poly_seq_scheme.asym_id 
_pdbx_poly_seq_scheme.entity_id 
_pdbx_poly_seq_scheme.seq_id 
_pdbx_poly_seq_scheme.mon_id 
_pdbx_poly_seq_scheme.ndb_seq_num 
_pdbx_poly_seq_scheme.pdb_seq_num 
_pdbx_poly_seq_scheme.auth_seq_num 
_pdbx_poly_seq_scheme.pdb_mon_id 
_pdbx_poly_seq_scheme.auth_mon_id 
_pdbx_poly_seq_scheme.pdb_strand_id 
_pdbx_poly_seq_scheme.pdb_ins_code 
_pdbx_poly_seq_scheme.hetero 
A 1 1   MET 1   1   ?   ?   ?   A . n 
A 1 2   ALA 2   2   ?   ?   ?   A . n 
A 1 3   GLN 3   3   3   GLN GLN A . n 
A 1 4   VAL 4   4   4   VAL VAL A . n 
A 1 5   LYS 5   5   5   LYS LYS A . n 
A 1 6   LEU 6   6   6   LEU LEU A . n 
A 1 7   GLN 7   7   7   GLN GLN A . n 
A 1 8   GLU 8   8   8   GLU GLU A . n 
A 1 9   SER 9   9   9   SER SER A . n 
A 1 10  GLY 10  10  10  GLY GLY A . n 
A 1 11  GLY 11  11  11  GLY GLY A . n 
A 1 12  GLY 12  12  12  GLY GLY A . n 
A 1 13  LEU 13  13  13  LEU LEU A . n 
A 1 14  VAL 14  14  14  VAL VAL A . n 
A 1 15  GLN 15  15  15  GLN GLN A . n 
A 1 16  PRO 16  16  16  PRO PRO A . n 
A 1 17  GLY 17  17  17  GLY GLY A . n 
A 1 18  GLY 18  18  18  GLY GLY A . n 
A 1 19  SER 19  19  19  SER SER A . n 
A 1 20  LEU 20  20  20  LEU LEU A . n 
A 1 21  ARG 21  21  21  ARG ARG A . n 
A 1 22  LEU 22  22  22  LEU LEU A . n 
A 1 23  SER 23  23  23  SER SER A . n 
A 1 24  CYS 24  24  24  CYS CYS A . n 
A 1 25  ALA 25  25  25  ALA ALA A . n 
A 1 26  SER 26  26  26  SER SER A . n 
A 1 27  SER 27  27  27  SER SER A . n 
A 1 28  VAL 28  28  28  VAL VAL A . n 
A 1 29  PRO 29  29  29  PRO PRO A . n 
A 1 30  ILE 30  30  30  ILE ILE A . n 
A 1 31  PHE 31  31  31  PHE PHE A . n 
A 1 32  ALA 32  32  32  ALA ALA A . n 
A 1 33  ILE 33  33  33  ILE ILE A . n 
A 1 34  THR 34  34  34  THR THR A . n 
A 1 35  VAL 35  35  35  VAL VAL A . n 
A 1 36  MET 36  36  36  MET MET A . n 
A 1 37  GLY 37  37  37  GLY GLY A . n 
A 1 38  TRP 38  38  38  TRP TRP A . n 
A 1 39  TYR 39  39  39  TYR TYR A . n 
A 1 40  ARG 40  40  40  ARG ARG A . n 
A 1 41  GLN 41  41  41  GLN GLN A . n 
A 1 42  ALA 42  42  42  ALA ALA A . n 
A 1 43  PRO 43  43  43  PRO PRO A . n 
A 1 44  GLY 44  44  44  GLY GLY A . n 
A 1 45  LYS 45  45  45  LYS LYS A . n 
A 1 46  GLN 46  46  46  GLN GLN A . n 
A 1 47  ARG 47  47  47  ARG ARG A . n 
A 1 48  GLU 48  48  48  GLU GLU A . n 
A 1 49  LEU 49  49  49  LEU LEU A . n 
A 1 50  VAL 50  50  50  VAL VAL A . n 
A 1 51  ALA 51  51  51  ALA ALA A . n 
A 1 52  GLY 52  52  52  GLY GLY A . n 
A 1 53  ILE 53  53  53  ILE ILE A . n 
A 1 54  LYS 54  54  54  LYS LYS A . n 
A 1 55  ARG 55  55  55  ARG ARG A . n 
A 1 56  SER 56  56  56  SER SER A . n 
A 1 57  GLY 57  57  57  GLY GLY A . n 
A 1 58  ASP 58  58  58  ASP ASP A . n 
A 1 59  THR 59  59  59  THR THR A . n 
A 1 60  ASN 60  60  60  ASN ASN A . n 
A 1 61  TYR 61  61  61  TYR TYR A . n 
A 1 62  ALA 62  62  62  ALA ALA A . n 
A 1 63  ASP 63  63  63  ASP ASP A . n 
A 1 64  SER 64  64  64  SER SER A . n 
A 1 65  VAL 65  65  65  VAL VAL A . n 
A 1 66  LYS 66  66  66  LYS LYS A . n 
A 1 67  GLY 67  67  67  GLY GLY A . n 
A 1 68  ARG 68  68  68  ARG ARG A . n 
A 1 69  PHE 69  69  69  PHE PHE A . n 
A 1 70  THR 70  70  70  THR THR A . n 
A 1 71  ILE 71  71  71  ILE ILE A . n 
A 1 72  SER 72  72  72  SER SER A . n 
A 1 73  ARG 73  73  73  ARG ARG A . n 
A 1 74  ASP 74  74  74  ASP ASP A . n 
A 1 75  ASP 75  75  75  ASP ASP A . n 
A 1 76  ALA 76  76  76  ALA ALA A . n 
A 1 77  LYS 77  77  77  LYS LYS A . n 
A 1 78  ASN 78  78  78  ASN ASN A . n 
A 1 79  THR 79  79  79  THR THR A . n 
A 1 80  VAL 80  80  80  VAL VAL A . n 
A 1 81  PHE 81  81  81  PHE PHE A . n 
A 1 82  LEU 82  82  82  LEU LEU A . n 
A 1 83  GLN 83  83  83  GLN GLN A . n 
A 1 84  MET 84  84  84  MET MET A . n 
A 1 85  ASN 85  85  85  ASN ASN A . n 
A 1 86  SER 86  86  86  SER SER A . n 
A 1 87  LEU 87  87  87  LEU LEU A . n 
A 1 88  THR 88  88  88  THR THR A . n 
A 1 89  THR 89  89  89  THR THR A . n 
A 1 90  GLU 90  90  90  GLU GLU A . n 
A 1 91  ASP 91  91  91  ASP ASP A . n 
A 1 92  THR 92  92  92  THR THR A . n 
A 1 93  ALA 93  93  93  ALA ALA A . n 
A 1 94  VAL 94  94  94  VAL VAL A . n 
A 1 95  TYR 95  95  95  TYR TYR A . n 
A 1 96  TYR 96  96  96  TYR TYR A . n 
A 1 97  CYS 97  97  97  CYS CYS A . n 
A 1 98  ASN 98  98  98  ASN ASN A . n 
A 1 99  ALA 99  99  99  ALA ALA A . n 
A 1 100 GLN 100 100 100 GLN GLN A . n 
A 1 101 ILE 101 101 101 ILE ILE A . n 
A 1 102 LEU 102 102 102 LEU LEU A . n 
A 1 103 SER 103 103 103 SER SER A . n 
A 1 104 TRP 104 104 ?   ?   ?   A . n 
A 1 105 MET 105 105 ?   ?   ?   A . n 
A 1 106 GLY 106 106 ?   ?   ?   A . n 
A 1 107 GLY 107 107 107 GLY GLY A . n 
A 1 108 THR 108 108 108 THR THR A . n 
A 1 109 ASP 109 109 109 ASP ASP A . n 
A 1 110 TYR 110 110 110 TYR TYR A . n 
A 1 111 TRP 111 111 111 TRP TRP A . n 
A 1 112 GLY 112 112 112 GLY GLY A . n 
A 1 113 GLN 113 113 113 GLN GLN A . n 
A 1 114 GLY 114 114 114 GLY GLY A . n 
A 1 115 THR 115 115 115 THR THR A . n 
A 1 116 GLN 116 116 116 GLN GLN A . n 
A 1 117 VAL 117 117 117 VAL VAL A . n 
A 1 118 THR 118 118 118 THR THR A . n 
A 1 119 VAL 119 119 119 VAL VAL A . n 
A 1 120 SER 120 120 120 SER SER A . n 
A 1 121 SER 121 121 121 SER SER A . n 
A 1 122 GLY 122 122 122 GLY GLY A . n 
A 1 123 GLN 123 123 ?   ?   ?   A . n 
A 1 124 ALA 124 124 ?   ?   ?   A . n 
A 1 125 GLY 125 125 ?   ?   ?   A . n 
A 1 126 GLN 126 126 ?   ?   ?   A . n 
# 
loop_
_pdbx_nonpoly_scheme.asym_id 
_pdbx_nonpoly_scheme.entity_id 
_pdbx_nonpoly_scheme.mon_id 
_pdbx_nonpoly_scheme.ndb_seq_num 
_pdbx_nonpoly_scheme.pdb_seq_num 
_pdbx_nonpoly_scheme.auth_seq_num 
_pdbx_nonpoly_scheme.pdb_mon_id 
_pdbx_nonpoly_scheme.auth_mon_id 
_pdbx_nonpoly_scheme.pdb_strand_id 
_pdbx_nonpoly_scheme.pdb_ins_code 
B 2 HOH 1  201 35 HOH HOH A . 
B 2 HOH 2  202 10 HOH HOH A . 
B 2 HOH 3  203 25 HOH HOH A . 
B 2 HOH 4  204 30 HOH HOH A . 
B 2 HOH 5  205 44 HOH HOH A . 
B 2 HOH 6  206 2  HOH HOH A . 
B 2 HOH 7  207 22 HOH HOH A . 
B 2 HOH 8  208 5  HOH HOH A . 
B 2 HOH 9  209 1  HOH HOH A . 
B 2 HOH 10 210 12 HOH HOH A . 
B 2 HOH 11 211 6  HOH HOH A . 
B 2 HOH 12 212 52 HOH HOH A . 
B 2 HOH 13 213 45 HOH HOH A . 
B 2 HOH 14 214 43 HOH HOH A . 
B 2 HOH 15 215 37 HOH HOH A . 
B 2 HOH 16 216 24 HOH HOH A . 
B 2 HOH 17 217 40 HOH HOH A . 
B 2 HOH 18 218 16 HOH HOH A . 
B 2 HOH 19 219 3  HOH HOH A . 
B 2 HOH 20 220 48 HOH HOH A . 
B 2 HOH 21 221 19 HOH HOH A . 
B 2 HOH 22 222 28 HOH HOH A . 
B 2 HOH 23 223 53 HOH HOH A . 
B 2 HOH 24 224 7  HOH HOH A . 
B 2 HOH 25 225 15 HOH HOH A . 
B 2 HOH 26 226 4  HOH HOH A . 
B 2 HOH 27 227 20 HOH HOH A . 
B 2 HOH 28 228 9  HOH HOH A . 
B 2 HOH 29 229 21 HOH HOH A . 
B 2 HOH 30 230 36 HOH HOH A . 
B 2 HOH 31 231 18 HOH HOH A . 
B 2 HOH 32 232 29 HOH HOH A . 
B 2 HOH 33 233 23 HOH HOH A . 
B 2 HOH 34 234 33 HOH HOH A . 
B 2 HOH 35 235 32 HOH HOH A . 
B 2 HOH 36 236 34 HOH HOH A . 
B 2 HOH 37 237 8  HOH HOH A . 
B 2 HOH 38 238 46 HOH HOH A . 
B 2 HOH 39 239 13 HOH HOH A . 
B 2 HOH 40 240 38 HOH HOH A . 
B 2 HOH 41 241 17 HOH HOH A . 
B 2 HOH 42 242 11 HOH HOH A . 
B 2 HOH 43 243 27 HOH HOH A . 
B 2 HOH 44 244 42 HOH HOH A . 
B 2 HOH 45 245 31 HOH HOH A . 
B 2 HOH 46 246 41 HOH HOH A . 
B 2 HOH 47 247 26 HOH HOH A . 
B 2 HOH 48 248 50 HOH HOH A . 
B 2 HOH 49 249 54 HOH HOH A . 
B 2 HOH 50 250 49 HOH HOH A . 
B 2 HOH 51 251 14 HOH HOH A . 
B 2 HOH 52 252 55 HOH HOH A . 
B 2 HOH 53 253 57 HOH HOH A . 
B 2 HOH 54 254 47 HOH HOH A . 
B 2 HOH 55 255 51 HOH HOH A . 
B 2 HOH 56 256 56 HOH HOH A . 
B 2 HOH 57 257 39 HOH HOH A . 
# 
loop_
_software.citation_id 
_software.classification 
_software.compiler_name 
_software.compiler_version 
_software.contact_author 
_software.contact_author_email 
_software.date 
_software.description 
_software.dependencies 
_software.hardware 
_software.language 
_software.location 
_software.mods 
_software.name 
_software.os 
_software.os_version 
_software.type 
_software.version 
_software.pdbx_ordinal 
? 'data reduction' ? ? ? ? ? ? ? ? ? ? ? XDS    ? ? ? .           1 
? 'data scaling'   ? ? ? ? ? ? ? ? ? ? ? XSCALE ? ? ? .           2 
? phasing          ? ? ? ? ? ? ? ? ? ? ? PHASER ? ? ? .           3 
? refinement       ? ? ? ? ? ? ? ? ? ? ? PHENIX ? ? ? 1.20.1_4487 4 
? 'model building' ? ? ? ? ? ? ? ? ? ? ? Coot   ? ? ? .           5 
# 
_cell.angle_alpha                  90.000 
_cell.angle_alpha_esd              ? 
_cell.angle_beta                   90.000 
_cell.angle_beta_esd               ? 
_cell.angle_gamma                  120.000 
_cell.angle_gamma_esd              ? 
_cell.entry_id                     8E1C 
_cell.details                      ? 
_cell.formula_units_Z              ? 
_cell.length_a                     58.006 
_cell.length_a_esd                 ? 
_cell.length_b                     58.006 
_cell.length_b_esd                 ? 
_cell.length_c                     75.935 
_cell.length_c_esd                 ? 
_cell.volume                       221267.926 
_cell.volume_esd                   ? 
_cell.Z_PDB                        6 
_cell.reciprocal_angle_alpha       ? 
_cell.reciprocal_angle_beta        ? 
_cell.reciprocal_angle_gamma       ? 
_cell.reciprocal_angle_alpha_esd   ? 
_cell.reciprocal_angle_beta_esd    ? 
_cell.reciprocal_angle_gamma_esd   ? 
_cell.reciprocal_length_a          ? 
_cell.reciprocal_length_b          ? 
_cell.reciprocal_length_c          ? 
_cell.reciprocal_length_a_esd      ? 
_cell.reciprocal_length_b_esd      ? 
_cell.reciprocal_length_c_esd      ? 
_cell.pdbx_unique_axis             ? 
_cell.pdbx_esd_method              ? 
# 
_symmetry.entry_id                         8E1C 
_symmetry.cell_setting                     ? 
_symmetry.Int_Tables_number                152 
_symmetry.space_group_name_Hall            
;P 31 2"
;
_symmetry.space_group_name_H-M             'P 31 2 1' 
_symmetry.pdbx_full_space_group_name_H-M   ? 
# 
_exptl.absorpt_coefficient_mu     ? 
_exptl.absorpt_correction_T_max   ? 
_exptl.absorpt_correction_T_min   ? 
_exptl.absorpt_correction_type    ? 
_exptl.absorpt_process_details    ? 
_exptl.entry_id                   8E1C 
_exptl.crystals_number            1 
_exptl.details                    ? 
_exptl.method                     'X-RAY DIFFRACTION' 
_exptl.method_details             ? 
# 
_exptl_crystal.colour                       ? 
_exptl_crystal.density_diffrn               ? 
_exptl_crystal.density_Matthews             2.73 
_exptl_crystal.density_method               ? 
_exptl_crystal.density_percent_sol          54.87 
_exptl_crystal.description                  ? 
_exptl_crystal.F_000                        ? 
_exptl_crystal.id                           1 
_exptl_crystal.preparation                  ? 
_exptl_crystal.size_max                     ? 
_exptl_crystal.size_mid                     ? 
_exptl_crystal.size_min                     ? 
_exptl_crystal.size_rad                     ? 
_exptl_crystal.colour_lustre                ? 
_exptl_crystal.colour_modifier              ? 
_exptl_crystal.colour_primary               ? 
_exptl_crystal.density_meas                 ? 
_exptl_crystal.density_meas_esd             ? 
_exptl_crystal.density_meas_gt              ? 
_exptl_crystal.density_meas_lt              ? 
_exptl_crystal.density_meas_temp            ? 
_exptl_crystal.density_meas_temp_esd        ? 
_exptl_crystal.density_meas_temp_gt         ? 
_exptl_crystal.density_meas_temp_lt         ? 
_exptl_crystal.pdbx_crystal_image_url       ? 
_exptl_crystal.pdbx_crystal_image_format    ? 
_exptl_crystal.pdbx_mosaicity               ? 
_exptl_crystal.pdbx_mosaicity_esd           ? 
_exptl_crystal.pdbx_mosaic_method           ? 
_exptl_crystal.pdbx_mosaic_block_size       ? 
_exptl_crystal.pdbx_mosaic_block_size_esd   ? 
# 
_exptl_crystal_grow.apparatus       ? 
_exptl_crystal_grow.atmosphere      ? 
_exptl_crystal_grow.crystal_id      1 
_exptl_crystal_grow.details         ? 
_exptl_crystal_grow.method          'VAPOR DIFFUSION, SITTING DROP' 
_exptl_crystal_grow.method_ref      ? 
_exptl_crystal_grow.pH              6.0 
_exptl_crystal_grow.pressure        ? 
_exptl_crystal_grow.pressure_esd    ? 
_exptl_crystal_grow.seeding         ? 
_exptl_crystal_grow.seeding_ref     ? 
_exptl_crystal_grow.temp            292.8 
_exptl_crystal_grow.temp_details    ? 
_exptl_crystal_grow.temp_esd        ? 
_exptl_crystal_grow.time            ? 
_exptl_crystal_grow.pdbx_details    
'100 mM  succinic acid/sodium phosphate monobasic/glycine 2:7:7 (SPG) pH 6.0, 25% (w/v) PEG1500' 
_exptl_crystal_grow.pdbx_pH_range   ? 
# 
_diffrn.ambient_environment              ? 
_diffrn.ambient_temp                     100 
_diffrn.ambient_temp_details             ? 
_diffrn.ambient_temp_esd                 ? 
_diffrn.crystal_id                       1 
_diffrn.crystal_support                  ? 
_diffrn.crystal_treatment                ? 
_diffrn.details                          ? 
_diffrn.id                               1 
_diffrn.ambient_pressure                 ? 
_diffrn.ambient_pressure_esd             ? 
_diffrn.ambient_pressure_gt              ? 
_diffrn.ambient_pressure_lt              ? 
_diffrn.ambient_temp_gt                  ? 
_diffrn.ambient_temp_lt                  ? 
_diffrn.pdbx_serial_crystal_experiment   N 
# 
_diffrn_detector.details                      ? 
_diffrn_detector.detector                     PIXEL 
_diffrn_detector.diffrn_id                    1 
_diffrn_detector.type                         'DECTRIS EIGER X 16M' 
_diffrn_detector.area_resol_mean              ? 
_diffrn_detector.dtime                        ? 
_diffrn_detector.pdbx_frames_total            ? 
_diffrn_detector.pdbx_collection_time_total   ? 
_diffrn_detector.pdbx_collection_date         2020-07-29 
_diffrn_detector.pdbx_frequency               ? 
# 
_diffrn_radiation.collimation                      ? 
_diffrn_radiation.diffrn_id                        1 
_diffrn_radiation.filter_edge                      ? 
_diffrn_radiation.inhomogeneity                    ? 
_diffrn_radiation.monochromator                    ? 
_diffrn_radiation.polarisn_norm                    ? 
_diffrn_radiation.polarisn_ratio                   ? 
_diffrn_radiation.probe                            ? 
_diffrn_radiation.type                             ? 
_diffrn_radiation.xray_symbol                      ? 
_diffrn_radiation.wavelength_id                    1 
_diffrn_radiation.pdbx_monochromatic_or_laue_m_l   M 
_diffrn_radiation.pdbx_wavelength_list             ? 
_diffrn_radiation.pdbx_wavelength                  ? 
_diffrn_radiation.pdbx_diffrn_protocol             'SINGLE WAVELENGTH' 
_diffrn_radiation.pdbx_analyzer                    ? 
_diffrn_radiation.pdbx_scattering_type             x-ray 
# 
_diffrn_radiation_wavelength.id           1 
_diffrn_radiation_wavelength.wavelength   0.978636 
_diffrn_radiation_wavelength.wt           1.0 
# 
_diffrn_source.current                     ? 
_diffrn_source.details                     ? 
_diffrn_source.diffrn_id                   1 
_diffrn_source.power                       ? 
_diffrn_source.size                        ? 
_diffrn_source.source                      SYNCHROTRON 
_diffrn_source.target                      ? 
_diffrn_source.type                        'NSLS-II BEAMLINE 17-ID-2' 
_diffrn_source.voltage                     ? 
_diffrn_source.take-off_angle              ? 
_diffrn_source.pdbx_wavelength_list        0.978636 
_diffrn_source.pdbx_wavelength             ? 
_diffrn_source.pdbx_synchrotron_beamline   17-ID-2 
_diffrn_source.pdbx_synchrotron_site       NSLS-II 
# 
_reflns.B_iso_Wilson_estimate                          35.72 
_reflns.entry_id                                       8E1C 
_reflns.data_reduction_details                         ? 
_reflns.data_reduction_method                          ? 
_reflns.d_resolution_high                              1.9 
_reflns.d_resolution_low                               41.9 
_reflns.details                                        ? 
_reflns.limit_h_max                                    ? 
_reflns.limit_h_min                                    ? 
_reflns.limit_k_max                                    ? 
_reflns.limit_k_min                                    ? 
_reflns.limit_l_max                                    ? 
_reflns.limit_l_min                                    ? 
_reflns.number_all                                     ? 
_reflns.number_obs                                     12038 
_reflns.observed_criterion                             ? 
_reflns.observed_criterion_F_max                       ? 
_reflns.observed_criterion_F_min                       ? 
_reflns.observed_criterion_I_max                       ? 
_reflns.observed_criterion_I_min                       ? 
_reflns.observed_criterion_sigma_F                     ? 
_reflns.observed_criterion_sigma_I                     ? 
_reflns.percent_possible_obs                           99.48 
_reflns.R_free_details                                 ? 
_reflns.Rmerge_F_all                                   ? 
_reflns.Rmerge_F_obs                                   ? 
_reflns.Friedel_coverage                               ? 
_reflns.number_gt                                      ? 
_reflns.threshold_expression                           ? 
_reflns.pdbx_redundancy                                9.5 
_reflns.pdbx_Rmerge_I_obs                              0.07468 
_reflns.pdbx_Rmerge_I_all                              ? 
_reflns.pdbx_Rsym_value                                ? 
_reflns.pdbx_netI_over_av_sigmaI                       ? 
_reflns.pdbx_netI_over_sigmaI                          16.76 
_reflns.pdbx_res_netI_over_av_sigmaI_2                 ? 
_reflns.pdbx_res_netI_over_sigmaI_2                    ? 
_reflns.pdbx_chi_squared                               ? 
_reflns.pdbx_scaling_rejects                           ? 
_reflns.pdbx_d_res_high_opt                            ? 
_reflns.pdbx_d_res_low_opt                             ? 
_reflns.pdbx_d_res_opt_method                          ? 
_reflns.phase_calculation_details                      ? 
_reflns.pdbx_Rrim_I_all                                0.07902 
_reflns.pdbx_Rpim_I_all                                0.02545 
_reflns.pdbx_d_opt                                     ? 
_reflns.pdbx_number_measured_all                       ? 
_reflns.pdbx_diffrn_id                                 1 
_reflns.pdbx_ordinal                                   1 
_reflns.pdbx_CC_half                                   0.999 
_reflns.pdbx_CC_star                                   1 
_reflns.pdbx_R_split                                   ? 
_reflns.pdbx_aniso_diffraction_limit_axis_1_ortho[1]   ? 
_reflns.pdbx_aniso_diffraction_limit_axis_1_ortho[2]   ? 
_reflns.pdbx_aniso_diffraction_limit_axis_1_ortho[3]   ? 
_reflns.pdbx_aniso_diffraction_limit_axis_2_ortho[1]   ? 
_reflns.pdbx_aniso_diffraction_limit_axis_2_ortho[2]   ? 
_reflns.pdbx_aniso_diffraction_limit_axis_2_ortho[3]   ? 
_reflns.pdbx_aniso_diffraction_limit_axis_3_ortho[1]   ? 
_reflns.pdbx_aniso_diffraction_limit_axis_3_ortho[2]   ? 
_reflns.pdbx_aniso_diffraction_limit_axis_3_ortho[3]   ? 
_reflns.pdbx_aniso_diffraction_limit_1                 ? 
_reflns.pdbx_aniso_diffraction_limit_2                 ? 
_reflns.pdbx_aniso_diffraction_limit_3                 ? 
_reflns.pdbx_aniso_B_tensor_eigenvector_1_ortho[1]     ? 
_reflns.pdbx_aniso_B_tensor_eigenvector_1_ortho[2]     ? 
_reflns.pdbx_aniso_B_tensor_eigenvector_1_ortho[3]     ? 
_reflns.pdbx_aniso_B_tensor_eigenvector_2_ortho[1]     ? 
_reflns.pdbx_aniso_B_tensor_eigenvector_2_ortho[2]     ? 
_reflns.pdbx_aniso_B_tensor_eigenvector_2_ortho[3]     ? 
_reflns.pdbx_aniso_B_tensor_eigenvector_3_ortho[1]     ? 
_reflns.pdbx_aniso_B_tensor_eigenvector_3_ortho[2]     ? 
_reflns.pdbx_aniso_B_tensor_eigenvector_3_ortho[3]     ? 
_reflns.pdbx_aniso_B_tensor_eigenvalue_1               ? 
_reflns.pdbx_aniso_B_tensor_eigenvalue_2               ? 
_reflns.pdbx_aniso_B_tensor_eigenvalue_3               ? 
_reflns.pdbx_orthogonalization_convention              ? 
_reflns.pdbx_percent_possible_ellipsoidal              ? 
_reflns.pdbx_percent_possible_spherical                ? 
_reflns.pdbx_percent_possible_ellipsoidal_anomalous    ? 
_reflns.pdbx_percent_possible_spherical_anomalous      ? 
_reflns.pdbx_redundancy_anomalous                      ? 
_reflns.pdbx_CC_half_anomalous                         ? 
_reflns.pdbx_absDiff_over_sigma_anomalous              ? 
_reflns.pdbx_percent_possible_anomalous                ? 
_reflns.pdbx_observed_signal_threshold                 ? 
_reflns.pdbx_signal_type                               ? 
_reflns.pdbx_signal_details                            ? 
_reflns.pdbx_signal_software_id                        ? 
_reflns.pdbx_CC_split_method                           ? 
# 
_reflns_shell.d_res_high                                    1.9 
_reflns_shell.d_res_low                                     1.968 
_reflns_shell.meanI_over_sigI_all                           ? 
_reflns_shell.meanI_over_sigI_obs                           1.58 
_reflns_shell.number_measured_all                           ? 
_reflns_shell.number_measured_obs                           ? 
_reflns_shell.number_possible                               ? 
_reflns_shell.number_unique_all                             ? 
_reflns_shell.number_unique_obs                             1142 
_reflns_shell.percent_possible_all                          97.35 
_reflns_shell.percent_possible_obs                          ? 
_reflns_shell.Rmerge_F_all                                  ? 
_reflns_shell.Rmerge_F_obs                                  ? 
_reflns_shell.Rmerge_I_all                                  ? 
_reflns_shell.Rmerge_I_obs                                  1.286 
_reflns_shell.meanI_over_sigI_gt                            ? 
_reflns_shell.meanI_over_uI_all                             ? 
_reflns_shell.meanI_over_uI_gt                              ? 
_reflns_shell.number_measured_gt                            ? 
_reflns_shell.number_unique_gt                              ? 
_reflns_shell.percent_possible_gt                           ? 
_reflns_shell.Rmerge_F_gt                                   ? 
_reflns_shell.Rmerge_I_gt                                   ? 
_reflns_shell.pdbx_redundancy                               7.6 
_reflns_shell.pdbx_Rsym_value                               ? 
_reflns_shell.pdbx_chi_squared                              ? 
_reflns_shell.pdbx_netI_over_sigmaI_all                     ? 
_reflns_shell.pdbx_netI_over_sigmaI_obs                     ? 
_reflns_shell.pdbx_Rrim_I_all                               1.379 
_reflns_shell.pdbx_Rpim_I_all                               0.4838 
_reflns_shell.pdbx_rejects                                  ? 
_reflns_shell.pdbx_ordinal                                  1 
_reflns_shell.pdbx_diffrn_id                                1 
_reflns_shell.pdbx_CC_half                                  0.838 
_reflns_shell.pdbx_CC_star                                  0.955 
_reflns_shell.pdbx_R_split                                  ? 
_reflns_shell.pdbx_percent_possible_ellipsoidal             ? 
_reflns_shell.pdbx_percent_possible_spherical               ? 
_reflns_shell.pdbx_percent_possible_ellipsoidal_anomalous   ? 
_reflns_shell.pdbx_percent_possible_spherical_anomalous     ? 
_reflns_shell.pdbx_redundancy_anomalous                     ? 
_reflns_shell.pdbx_CC_half_anomalous                        ? 
_reflns_shell.pdbx_absDiff_over_sigma_anomalous             ? 
_reflns_shell.pdbx_percent_possible_anomalous               ? 
# 
_refine.aniso_B[1][1]                            ? 
_refine.aniso_B[1][2]                            ? 
_refine.aniso_B[1][3]                            ? 
_refine.aniso_B[2][2]                            ? 
_refine.aniso_B[2][3]                            ? 
_refine.aniso_B[3][3]                            ? 
_refine.B_iso_max                                ? 
_refine.B_iso_mean                               42.92 
_refine.B_iso_min                                ? 
_refine.correlation_coeff_Fo_to_Fc               ? 
_refine.correlation_coeff_Fo_to_Fc_free          ? 
_refine.details                                  
;Positive electron-density peaks are observed where residues 104:106 of Chain A would be located, but the placement of main-chain atoms could not be resolved.
;
_refine.diff_density_max                         ? 
_refine.diff_density_max_esd                     ? 
_refine.diff_density_min                         ? 
_refine.diff_density_min_esd                     ? 
_refine.diff_density_rms                         ? 
_refine.diff_density_rms_esd                     ? 
_refine.entry_id                                 8E1C 
_refine.pdbx_refine_id                           'X-RAY DIFFRACTION' 
_refine.ls_abs_structure_details                 ? 
_refine.ls_abs_structure_Flack                   ? 
_refine.ls_abs_structure_Flack_esd               ? 
_refine.ls_abs_structure_Rogers                  ? 
_refine.ls_abs_structure_Rogers_esd              ? 
_refine.ls_d_res_high                            1.90 
_refine.ls_d_res_low                             41.90 
_refine.ls_extinction_coef                       ? 
_refine.ls_extinction_coef_esd                   ? 
_refine.ls_extinction_expression                 ? 
_refine.ls_extinction_method                     ? 
_refine.ls_goodness_of_fit_all                   ? 
_refine.ls_goodness_of_fit_all_esd               ? 
_refine.ls_goodness_of_fit_obs                   ? 
_refine.ls_goodness_of_fit_obs_esd               ? 
_refine.ls_hydrogen_treatment                    ? 
_refine.ls_matrix_type                           ? 
_refine.ls_number_constraints                    ? 
_refine.ls_number_parameters                     ? 
_refine.ls_number_reflns_all                     ? 
_refine.ls_number_reflns_obs                     12013 
_refine.ls_number_reflns_R_free                  598 
_refine.ls_number_reflns_R_work                  11415 
_refine.ls_number_restraints                     ? 
_refine.ls_percent_reflns_obs                    99.49 
_refine.ls_percent_reflns_R_free                 4.98 
_refine.ls_R_factor_all                          ? 
_refine.ls_R_factor_obs                          0.2126 
_refine.ls_R_factor_R_free                       0.2242 
_refine.ls_R_factor_R_free_error                 ? 
_refine.ls_R_factor_R_free_error_details         ? 
_refine.ls_R_factor_R_work                       0.2120 
_refine.ls_R_Fsqd_factor_obs                     ? 
_refine.ls_R_I_factor_obs                        ? 
_refine.ls_redundancy_reflns_all                 ? 
_refine.ls_redundancy_reflns_obs                 ? 
_refine.ls_restrained_S_all                      ? 
_refine.ls_restrained_S_obs                      ? 
_refine.ls_shift_over_esd_max                    ? 
_refine.ls_shift_over_esd_mean                   ? 
_refine.ls_structure_factor_coef                 ? 
_refine.ls_weighting_details                     ? 
_refine.ls_weighting_scheme                      ? 
_refine.ls_wR_factor_all                         ? 
_refine.ls_wR_factor_obs                         ? 
_refine.ls_wR_factor_R_free                      ? 
_refine.ls_wR_factor_R_work                      ? 
_refine.occupancy_max                            ? 
_refine.occupancy_min                            ? 
_refine.solvent_model_details                    'FLAT BULK SOLVENT MODEL' 
_refine.solvent_model_param_bsol                 ? 
_refine.solvent_model_param_ksol                 ? 
_refine.pdbx_R_complete                          ? 
_refine.ls_R_factor_gt                           ? 
_refine.ls_goodness_of_fit_gt                    ? 
_refine.ls_goodness_of_fit_ref                   ? 
_refine.ls_shift_over_su_max                     ? 
_refine.ls_shift_over_su_max_lt                  ? 
_refine.ls_shift_over_su_mean                    ? 
_refine.ls_shift_over_su_mean_lt                 ? 
_refine.pdbx_ls_sigma_I                          ? 
_refine.pdbx_ls_sigma_F                          1.37 
_refine.pdbx_ls_sigma_Fsqd                       ? 
_refine.pdbx_data_cutoff_high_absF               ? 
_refine.pdbx_data_cutoff_high_rms_absF           ? 
_refine.pdbx_data_cutoff_low_absF                ? 
_refine.pdbx_isotropic_thermal_model             ? 
_refine.pdbx_ls_cross_valid_method               'FREE R-VALUE' 
_refine.pdbx_method_to_determine_struct          'MOLECULAR REPLACEMENT' 
_refine.pdbx_starting_model                      3EZJ 
_refine.pdbx_stereochemistry_target_values       'GeoStd + Monomer Library + CDL v1.2' 
_refine.pdbx_R_Free_selection_details            ? 
_refine.pdbx_stereochem_target_val_spec_case     ? 
_refine.pdbx_overall_ESU_R                       ? 
_refine.pdbx_overall_ESU_R_Free                  ? 
_refine.pdbx_solvent_vdw_probe_radii             1.1000 
_refine.pdbx_solvent_ion_probe_radii             ? 
_refine.pdbx_solvent_shrinkage_radii             0.9000 
_refine.pdbx_real_space_R                        ? 
_refine.pdbx_density_correlation                 ? 
_refine.pdbx_pd_number_of_powder_patterns        ? 
_refine.pdbx_pd_number_of_points                 ? 
_refine.pdbx_pd_meas_number_of_points            ? 
_refine.pdbx_pd_proc_ls_prof_R_factor            ? 
_refine.pdbx_pd_proc_ls_prof_wR_factor           ? 
_refine.pdbx_pd_Marquardt_correlation_coeff      ? 
_refine.pdbx_pd_Fsqrd_R_factor                   ? 
_refine.pdbx_pd_ls_matrix_band_width             ? 
_refine.pdbx_overall_phase_error                 30.2802 
_refine.pdbx_overall_SU_R_free_Cruickshank_DPI   ? 
_refine.pdbx_overall_SU_R_free_Blow_DPI          ? 
_refine.pdbx_overall_SU_R_Blow_DPI               ? 
_refine.pdbx_TLS_residual_ADP_flag               ? 
_refine.pdbx_diffrn_id                           1 
_refine.overall_SU_B                             ? 
_refine.overall_SU_ML                            0.2361 
_refine.overall_SU_R_Cruickshank_DPI             ? 
_refine.overall_SU_R_free                        ? 
_refine.overall_FOM_free_R_set                   ? 
_refine.overall_FOM_work_R_set                   ? 
_refine.pdbx_average_fsc_overall                 ? 
_refine.pdbx_average_fsc_work                    ? 
_refine.pdbx_average_fsc_free                    ? 
# 
_refine_hist.pdbx_refine_id                   'X-RAY DIFFRACTION' 
_refine_hist.cycle_id                         LAST 
_refine_hist.details                          ? 
_refine_hist.d_res_high                       1.90 
_refine_hist.d_res_low                        41.90 
_refine_hist.number_atoms_solvent             57 
_refine_hist.number_atoms_total               938 
_refine_hist.number_reflns_all                ? 
_refine_hist.number_reflns_obs                ? 
_refine_hist.number_reflns_R_free             ? 
_refine_hist.number_reflns_R_work             ? 
_refine_hist.R_factor_all                     ? 
_refine_hist.R_factor_obs                     ? 
_refine_hist.R_factor_R_free                  ? 
_refine_hist.R_factor_R_work                  ? 
_refine_hist.pdbx_number_residues_total       ? 
_refine_hist.pdbx_B_iso_mean_ligand           ? 
_refine_hist.pdbx_B_iso_mean_solvent          ? 
_refine_hist.pdbx_number_atoms_protein        881 
_refine_hist.pdbx_number_atoms_nucleic_acid   0 
_refine_hist.pdbx_number_atoms_ligand         0 
_refine_hist.pdbx_number_atoms_lipid          ? 
_refine_hist.pdbx_number_atoms_carb           ? 
_refine_hist.pdbx_pseudo_atom_details         ? 
# 
loop_
_refine_ls_restr.pdbx_refine_id 
_refine_ls_restr.criterion 
_refine_ls_restr.dev_ideal 
_refine_ls_restr.dev_ideal_target 
_refine_ls_restr.number 
_refine_ls_restr.rejects 
_refine_ls_restr.type 
_refine_ls_restr.weight 
_refine_ls_restr.pdbx_restraint_function 
'X-RAY DIFFRACTION' ? 0.0098  ? 894  ? f_bond_d           ? ? 
'X-RAY DIFFRACTION' ? 0.8185  ? 1208 ? f_angle_d          ? ? 
'X-RAY DIFFRACTION' ? 0.0626  ? 136  ? f_chiral_restr     ? ? 
'X-RAY DIFFRACTION' ? 0.0031  ? 156  ? f_plane_restr      ? ? 
'X-RAY DIFFRACTION' ? 13.9787 ? 321  ? f_dihedral_angle_d ? ? 
# 
loop_
_refine_ls_shell.pdbx_refine_id 
_refine_ls_shell.d_res_high 
_refine_ls_shell.d_res_low 
_refine_ls_shell.number_reflns_all 
_refine_ls_shell.number_reflns_obs 
_refine_ls_shell.number_reflns_R_free 
_refine_ls_shell.number_reflns_R_work 
_refine_ls_shell.percent_reflns_obs 
_refine_ls_shell.percent_reflns_R_free 
_refine_ls_shell.R_factor_all 
_refine_ls_shell.R_factor_obs 
_refine_ls_shell.R_factor_R_free 
_refine_ls_shell.R_factor_R_free_error 
_refine_ls_shell.R_factor_R_work 
_refine_ls_shell.redundancy_reflns_all 
_refine_ls_shell.redundancy_reflns_obs 
_refine_ls_shell.wR_factor_all 
_refine_ls_shell.wR_factor_obs 
_refine_ls_shell.wR_factor_R_free 
_refine_ls_shell.wR_factor_R_work 
_refine_ls_shell.pdbx_R_complete 
_refine_ls_shell.pdbx_total_number_of_bins_used 
_refine_ls_shell.pdbx_phase_error 
_refine_ls_shell.pdbx_fsc_work 
_refine_ls_shell.pdbx_fsc_free 
'X-RAY DIFFRACTION' 1.90 2.09  . . 148 2755 98.47 . . . 0.3396 . 0.2878 . . . . . . . . . . . 
'X-RAY DIFFRACTION' 2.09 2.39  . . 154 2825 99.70 . . . 0.2630 . 0.2354 . . . . . . . . . . . 
'X-RAY DIFFRACTION' 2.39 3.02  . . 150 2847 99.93 . . . 0.2953 . 0.2462 . . . . . . . . . . . 
'X-RAY DIFFRACTION' 3.02 41.90 . . 146 2988 99.84 . . . 0.1814 . 0.1884 . . . . . . . . . . . 
# 
_struct.entry_id                     8E1C 
_struct.title                        'Crystal Structure of Nanobody VHH222 Specific for PA14 Cif' 
_struct.pdbx_model_details           ? 
_struct.pdbx_formula_weight          ? 
_struct.pdbx_formula_weight_method   ? 
_struct.pdbx_model_type_details      ? 
_struct.pdbx_CASP_flag               N 
# 
_struct_keywords.entry_id        8E1C 
_struct_keywords.text            
'Pseudomonas aeruginosa, nanobody VHH, immunoglobulin domain, CFTR inhibitory factor (Cif), IMMUNE SYSTEM' 
_struct_keywords.pdbx_keywords   'IMMUNE SYSTEM' 
# 
loop_
_struct_asym.id 
_struct_asym.pdbx_blank_PDB_chainid_flag 
_struct_asym.pdbx_modified 
_struct_asym.entity_id 
_struct_asym.details 
A N N 1 ? 
B N N 2 ? 
# 
_struct_ref.id                         1 
_struct_ref.db_name                    PDB 
_struct_ref.db_code                    8E1C 
_struct_ref.pdbx_db_accession          8E1C 
_struct_ref.pdbx_db_isoform            ? 
_struct_ref.entity_id                  1 
_struct_ref.pdbx_seq_one_letter_code   ? 
_struct_ref.pdbx_align_begin           1 
# 
_struct_ref_seq.align_id                      1 
_struct_ref_seq.ref_id                        1 
_struct_ref_seq.pdbx_PDB_id_code              8E1C 
_struct_ref_seq.pdbx_strand_id                A 
_struct_ref_seq.seq_align_beg                 1 
_struct_ref_seq.pdbx_seq_align_beg_ins_code   ? 
_struct_ref_seq.seq_align_end                 126 
_struct_ref_seq.pdbx_seq_align_end_ins_code   ? 
_struct_ref_seq.pdbx_db_accession             8E1C 
_struct_ref_seq.db_align_beg                  1 
_struct_ref_seq.pdbx_db_align_beg_ins_code    ? 
_struct_ref_seq.db_align_end                  126 
_struct_ref_seq.pdbx_db_align_end_ins_code    ? 
_struct_ref_seq.pdbx_auth_seq_align_beg       1 
_struct_ref_seq.pdbx_auth_seq_align_end       126 
# 
_pdbx_struct_assembly.id                   1 
_pdbx_struct_assembly.details              author_and_software_defined_assembly 
_pdbx_struct_assembly.method_details       PISA 
_pdbx_struct_assembly.oligomeric_details   monomeric 
_pdbx_struct_assembly.oligomeric_count     1 
# 
_pdbx_struct_assembly_gen.assembly_id       1 
_pdbx_struct_assembly_gen.oper_expression   1 
_pdbx_struct_assembly_gen.asym_id_list      A,B 
# 
_pdbx_struct_assembly_auth_evidence.id                     1 
_pdbx_struct_assembly_auth_evidence.assembly_id            1 
_pdbx_struct_assembly_auth_evidence.experimental_support   'gel filtration' 
_pdbx_struct_assembly_auth_evidence.details                ? 
# 
_pdbx_struct_oper_list.id                   1 
_pdbx_struct_oper_list.type                 'identity operation' 
_pdbx_struct_oper_list.name                 1_555 
_pdbx_struct_oper_list.symmetry_operation   x,y,z 
_pdbx_struct_oper_list.matrix[1][1]         1.0000000000 
_pdbx_struct_oper_list.matrix[1][2]         0.0000000000 
_pdbx_struct_oper_list.matrix[1][3]         0.0000000000 
_pdbx_struct_oper_list.vector[1]            0.0000000000 
_pdbx_struct_oper_list.matrix[2][1]         0.0000000000 
_pdbx_struct_oper_list.matrix[2][2]         1.0000000000 
_pdbx_struct_oper_list.matrix[2][3]         0.0000000000 
_pdbx_struct_oper_list.vector[2]            0.0000000000 
_pdbx_struct_oper_list.matrix[3][1]         0.0000000000 
_pdbx_struct_oper_list.matrix[3][2]         0.0000000000 
_pdbx_struct_oper_list.matrix[3][3]         1.0000000000 
_pdbx_struct_oper_list.vector[3]            0.0000000000 
# 
loop_
_struct_conf.conf_type_id 
_struct_conf.id 
_struct_conf.pdbx_PDB_helix_id 
_struct_conf.beg_label_comp_id 
_struct_conf.beg_label_asym_id 
_struct_conf.beg_label_seq_id 
_struct_conf.pdbx_beg_PDB_ins_code 
_struct_conf.end_label_comp_id 
_struct_conf.end_label_asym_id 
_struct_conf.end_label_seq_id 
_struct_conf.pdbx_end_PDB_ins_code 
_struct_conf.beg_auth_comp_id 
_struct_conf.beg_auth_asym_id 
_struct_conf.beg_auth_seq_id 
_struct_conf.end_auth_comp_id 
_struct_conf.end_auth_asym_id 
_struct_conf.end_auth_seq_id 
_struct_conf.pdbx_PDB_helix_class 
_struct_conf.details 
_struct_conf.pdbx_PDB_helix_length 
HELX_P HELX_P1 AA1 PRO A 29 ? ILE A 33 ? PRO A 29 ILE A 33 5 ? 5 
HELX_P HELX_P2 AA2 ASP A 63 ? LYS A 66 ? ASP A 63 LYS A 66 5 ? 4 
HELX_P HELX_P3 AA3 THR A 88 ? THR A 92 ? THR A 88 THR A 92 5 ? 5 
# 
_struct_conf_type.id          HELX_P 
_struct_conf_type.criteria    ? 
_struct_conf_type.reference   ? 
# 
_struct_conn.id                            disulf1 
_struct_conn.conn_type_id                  disulf 
_struct_conn.pdbx_leaving_atom_flag        ? 
_struct_conn.pdbx_PDB_id                   ? 
_struct_conn.ptnr1_label_asym_id           A 
_struct_conn.ptnr1_label_comp_id           CYS 
_struct_conn.ptnr1_label_seq_id            24 
_struct_conn.ptnr1_label_atom_id           SG 
_struct_conn.pdbx_ptnr1_label_alt_id       ? 
_struct_conn.pdbx_ptnr1_PDB_ins_code       ? 
_struct_conn.pdbx_ptnr1_standard_comp_id   ? 
_struct_conn.ptnr1_symmetry                1_555 
_struct_conn.ptnr2_label_asym_id           A 
_struct_conn.ptnr2_label_comp_id           CYS 
_struct_conn.ptnr2_label_seq_id            97 
_struct_conn.ptnr2_label_atom_id           SG 
_struct_conn.pdbx_ptnr2_label_alt_id       ? 
_struct_conn.pdbx_ptnr2_PDB_ins_code       ? 
_struct_conn.ptnr1_auth_asym_id            A 
_struct_conn.ptnr1_auth_comp_id            CYS 
_struct_conn.ptnr1_auth_seq_id             24 
_struct_conn.ptnr2_auth_asym_id            A 
_struct_conn.ptnr2_auth_comp_id            CYS 
_struct_conn.ptnr2_auth_seq_id             97 
_struct_conn.ptnr2_symmetry                1_555 
_struct_conn.pdbx_ptnr3_label_atom_id      ? 
_struct_conn.pdbx_ptnr3_label_seq_id       ? 
_struct_conn.pdbx_ptnr3_label_comp_id      ? 
_struct_conn.pdbx_ptnr3_label_asym_id      ? 
_struct_conn.pdbx_ptnr3_label_alt_id       ? 
_struct_conn.pdbx_ptnr3_PDB_ins_code       ? 
_struct_conn.details                       ? 
_struct_conn.pdbx_dist_value               2.024 
_struct_conn.pdbx_value_order              ? 
_struct_conn.pdbx_role                     ? 
# 
_struct_conn_type.id          disulf 
_struct_conn_type.criteria    ? 
_struct_conn_type.reference   ? 
# 
_pdbx_modification_feature.ordinal                            1 
_pdbx_modification_feature.label_comp_id                      CYS 
_pdbx_modification_feature.label_asym_id                      A 
_pdbx_modification_feature.label_seq_id                       24 
_pdbx_modification_feature.label_alt_id                       ? 
_pdbx_modification_feature.modified_residue_label_comp_id     CYS 
_pdbx_modification_feature.modified_residue_label_asym_id     A 
_pdbx_modification_feature.modified_residue_label_seq_id      97 
_pdbx_modification_feature.modified_residue_label_alt_id      ? 
_pdbx_modification_feature.auth_comp_id                       CYS 
_pdbx_modification_feature.auth_asym_id                       A 
_pdbx_modification_feature.auth_seq_id                        24 
_pdbx_modification_feature.PDB_ins_code                       ? 
_pdbx_modification_feature.symmetry                           1_555 
_pdbx_modification_feature.modified_residue_auth_comp_id      CYS 
_pdbx_modification_feature.modified_residue_auth_asym_id      A 
_pdbx_modification_feature.modified_residue_auth_seq_id       97 
_pdbx_modification_feature.modified_residue_PDB_ins_code      ? 
_pdbx_modification_feature.modified_residue_symmetry          1_555 
_pdbx_modification_feature.comp_id_linking_atom               SG 
_pdbx_modification_feature.modified_residue_id_linking_atom   SG 
_pdbx_modification_feature.modified_residue_id                . 
_pdbx_modification_feature.ref_pcm_id                         . 
_pdbx_modification_feature.ref_comp_id                        . 
_pdbx_modification_feature.type                               None 
_pdbx_modification_feature.category                           'Disulfide bridge' 
# 
loop_
_struct_sheet.id 
_struct_sheet.type 
_struct_sheet.number_strands 
_struct_sheet.details 
AA1 ? 4 ? 
AA2 ? 6 ? 
AA3 ? 4 ? 
# 
loop_
_struct_sheet_order.sheet_id 
_struct_sheet_order.range_id_1 
_struct_sheet_order.range_id_2 
_struct_sheet_order.offset 
_struct_sheet_order.sense 
AA1 1 2 ? anti-parallel 
AA1 2 3 ? anti-parallel 
AA1 3 4 ? anti-parallel 
AA2 1 2 ? parallel      
AA2 2 3 ? anti-parallel 
AA2 3 4 ? anti-parallel 
AA2 4 5 ? anti-parallel 
AA2 5 6 ? anti-parallel 
AA3 1 2 ? parallel      
AA3 2 3 ? anti-parallel 
AA3 3 4 ? anti-parallel 
# 
loop_
_struct_sheet_range.sheet_id 
_struct_sheet_range.id 
_struct_sheet_range.beg_label_comp_id 
_struct_sheet_range.beg_label_asym_id 
_struct_sheet_range.beg_label_seq_id 
_struct_sheet_range.pdbx_beg_PDB_ins_code 
_struct_sheet_range.end_label_comp_id 
_struct_sheet_range.end_label_asym_id 
_struct_sheet_range.end_label_seq_id 
_struct_sheet_range.pdbx_end_PDB_ins_code 
_struct_sheet_range.beg_auth_comp_id 
_struct_sheet_range.beg_auth_asym_id 
_struct_sheet_range.beg_auth_seq_id 
_struct_sheet_range.end_auth_comp_id 
_struct_sheet_range.end_auth_asym_id 
_struct_sheet_range.end_auth_seq_id 
AA1 1 LEU A 6   ? SER A 9   ? LEU A 6   SER A 9   
AA1 2 LEU A 20  ? SER A 26  ? LEU A 20  SER A 26  
AA1 3 THR A 79  ? MET A 84  ? THR A 79  MET A 84  
AA1 4 PHE A 69  ? ASP A 74  ? PHE A 69  ASP A 74  
AA2 1 GLY A 12  ? VAL A 14  ? GLY A 12  VAL A 14  
AA2 2 THR A 115 ? VAL A 119 ? THR A 115 VAL A 119 
AA2 3 ALA A 93  ? ILE A 101 ? ALA A 93  ILE A 101 
AA2 4 VAL A 35  ? GLN A 41  ? VAL A 35  GLN A 41  
AA2 5 GLU A 48  ? LYS A 54  ? GLU A 48  LYS A 54  
AA2 6 THR A 59  ? TYR A 61  ? THR A 59  TYR A 61  
AA3 1 GLY A 12  ? VAL A 14  ? GLY A 12  VAL A 14  
AA3 2 THR A 115 ? VAL A 119 ? THR A 115 VAL A 119 
AA3 3 ALA A 93  ? ILE A 101 ? ALA A 93  ILE A 101 
AA3 4 THR A 108 ? TRP A 111 ? THR A 108 TRP A 111 
# 
loop_
_pdbx_struct_sheet_hbond.sheet_id 
_pdbx_struct_sheet_hbond.range_id_1 
_pdbx_struct_sheet_hbond.range_id_2 
_pdbx_struct_sheet_hbond.range_1_label_atom_id 
_pdbx_struct_sheet_hbond.range_1_label_comp_id 
_pdbx_struct_sheet_hbond.range_1_label_asym_id 
_pdbx_struct_sheet_hbond.range_1_label_seq_id 
_pdbx_struct_sheet_hbond.range_1_PDB_ins_code 
_pdbx_struct_sheet_hbond.range_1_auth_atom_id 
_pdbx_struct_sheet_hbond.range_1_auth_comp_id 
_pdbx_struct_sheet_hbond.range_1_auth_asym_id 
_pdbx_struct_sheet_hbond.range_1_auth_seq_id 
_pdbx_struct_sheet_hbond.range_2_label_atom_id 
_pdbx_struct_sheet_hbond.range_2_label_comp_id 
_pdbx_struct_sheet_hbond.range_2_label_asym_id 
_pdbx_struct_sheet_hbond.range_2_label_seq_id 
_pdbx_struct_sheet_hbond.range_2_PDB_ins_code 
_pdbx_struct_sheet_hbond.range_2_auth_atom_id 
_pdbx_struct_sheet_hbond.range_2_auth_comp_id 
_pdbx_struct_sheet_hbond.range_2_auth_asym_id 
_pdbx_struct_sheet_hbond.range_2_auth_seq_id 
AA1 1 2 N SER A 9   ? N SER A 9   O SER A 23  ? O SER A 23  
AA1 2 3 N LEU A 20  ? N LEU A 20  O MET A 84  ? O MET A 84  
AA1 3 4 O GLN A 83  ? O GLN A 83  N THR A 70  ? N THR A 70  
AA2 1 2 N GLY A 12  ? N GLY A 12  O THR A 118 ? O THR A 118 
AA2 2 3 O THR A 115 ? O THR A 115 N TYR A 95  ? N TYR A 95  
AA2 3 4 O GLN A 100 ? O GLN A 100 N VAL A 35  ? N VAL A 35  
AA2 4 5 N TRP A 38  ? N TRP A 38  O ALA A 51  ? O ALA A 51  
AA2 5 6 N GLY A 52  ? N GLY A 52  O ASN A 60  ? O ASN A 60  
AA3 1 2 N GLY A 12  ? N GLY A 12  O THR A 118 ? O THR A 118 
AA3 2 3 O THR A 115 ? O THR A 115 N TYR A 95  ? N TYR A 95  
AA3 3 4 N ALA A 99  ? N ALA A 99  O TYR A 110 ? O TYR A 110 
# 
_pdbx_entry_details.entry_id                   8E1C 
_pdbx_entry_details.compound_details           ? 
_pdbx_entry_details.source_details             ? 
_pdbx_entry_details.nonpolymer_details         ? 
_pdbx_entry_details.sequence_details           ? 
_pdbx_entry_details.has_ligand_of_interest     ? 
_pdbx_entry_details.has_protein_modification   Y 
# 
_pdbx_validate_torsion.id              1 
_pdbx_validate_torsion.PDB_model_num   1 
_pdbx_validate_torsion.auth_comp_id    ALA 
_pdbx_validate_torsion.auth_asym_id    A 
_pdbx_validate_torsion.auth_seq_id     93 
_pdbx_validate_torsion.PDB_ins_code    ? 
_pdbx_validate_torsion.label_alt_id    ? 
_pdbx_validate_torsion.phi             176.07 
_pdbx_validate_torsion.psi             168.48 
# 
_pdbx_struct_special_symmetry.id              1 
_pdbx_struct_special_symmetry.PDB_model_num   1 
_pdbx_struct_special_symmetry.auth_asym_id    A 
_pdbx_struct_special_symmetry.auth_comp_id    HOH 
_pdbx_struct_special_symmetry.auth_seq_id     213 
_pdbx_struct_special_symmetry.PDB_ins_code    ? 
_pdbx_struct_special_symmetry.label_asym_id   B 
_pdbx_struct_special_symmetry.label_comp_id   HOH 
_pdbx_struct_special_symmetry.label_seq_id    . 
# 
loop_
_space_group_symop.id 
_space_group_symop.operation_xyz 
1 x,y,z          
2 -y,x-y,z+1/3   
3 -x+y,-x,z+2/3  
4 x-y,-y,-z+2/3  
5 -x,-x+y,-z+1/3 
6 y,x,-z         
# 
loop_
_pdbx_unobs_or_zero_occ_residues.id 
_pdbx_unobs_or_zero_occ_residues.PDB_model_num 
_pdbx_unobs_or_zero_occ_residues.polymer_flag 
_pdbx_unobs_or_zero_occ_residues.occupancy_flag 
_pdbx_unobs_or_zero_occ_residues.auth_asym_id 
_pdbx_unobs_or_zero_occ_residues.auth_comp_id 
_pdbx_unobs_or_zero_occ_residues.auth_seq_id 
_pdbx_unobs_or_zero_occ_residues.PDB_ins_code 
_pdbx_unobs_or_zero_occ_residues.label_asym_id 
_pdbx_unobs_or_zero_occ_residues.label_comp_id 
_pdbx_unobs_or_zero_occ_residues.label_seq_id 
1 1 Y 1 A MET 1   ? A MET 1   
2 1 Y 1 A ALA 2   ? A ALA 2   
3 1 Y 1 A TRP 104 ? A TRP 104 
4 1 Y 1 A MET 105 ? A MET 105 
5 1 Y 1 A GLY 106 ? A GLY 106 
6 1 Y 1 A GLN 123 ? A GLN 123 
7 1 Y 1 A ALA 124 ? A ALA 124 
8 1 Y 1 A GLY 125 ? A GLY 125 
9 1 Y 1 A GLN 126 ? A GLN 126 
# 
loop_
_chem_comp_atom.comp_id 
_chem_comp_atom.atom_id 
_chem_comp_atom.type_symbol 
_chem_comp_atom.pdbx_aromatic_flag 
_chem_comp_atom.pdbx_stereo_config 
_chem_comp_atom.pdbx_ordinal 
ALA N    N N N 1   
ALA CA   C N S 2   
ALA C    C N N 3   
ALA O    O N N 4   
ALA CB   C N N 5   
ALA OXT  O N N 6   
ALA H    H N N 7   
ALA H2   H N N 8   
ALA HA   H N N 9   
ALA HB1  H N N 10  
ALA HB2  H N N 11  
ALA HB3  H N N 12  
ALA HXT  H N N 13  
ARG N    N N N 14  
ARG CA   C N S 15  
ARG C    C N N 16  
ARG O    O N N 17  
ARG CB   C N N 18  
ARG CG   C N N 19  
ARG CD   C N N 20  
ARG NE   N N N 21  
ARG CZ   C N N 22  
ARG NH1  N N N 23  
ARG NH2  N N N 24  
ARG OXT  O N N 25  
ARG H    H N N 26  
ARG H2   H N N 27  
ARG HA   H N N 28  
ARG HB2  H N N 29  
ARG HB3  H N N 30  
ARG HG2  H N N 31  
ARG HG3  H N N 32  
ARG HD2  H N N 33  
ARG HD3  H N N 34  
ARG HE   H N N 35  
ARG HH11 H N N 36  
ARG HH12 H N N 37  
ARG HH21 H N N 38  
ARG HH22 H N N 39  
ARG HXT  H N N 40  
ASN N    N N N 41  
ASN CA   C N S 42  
ASN C    C N N 43  
ASN O    O N N 44  
ASN CB   C N N 45  
ASN CG   C N N 46  
ASN OD1  O N N 47  
ASN ND2  N N N 48  
ASN OXT  O N N 49  
ASN H    H N N 50  
ASN H2   H N N 51  
ASN HA   H N N 52  
ASN HB2  H N N 53  
ASN HB3  H N N 54  
ASN HD21 H N N 55  
ASN HD22 H N N 56  
ASN HXT  H N N 57  
ASP N    N N N 58  
ASP CA   C N S 59  
ASP C    C N N 60  
ASP O    O N N 61  
ASP CB   C N N 62  
ASP CG   C N N 63  
ASP OD1  O N N 64  
ASP OD2  O N N 65  
ASP OXT  O N N 66  
ASP H    H N N 67  
ASP H2   H N N 68  
ASP HA   H N N 69  
ASP HB2  H N N 70  
ASP HB3  H N N 71  
ASP HD2  H N N 72  
ASP HXT  H N N 73  
CYS N    N N N 74  
CYS CA   C N R 75  
CYS C    C N N 76  
CYS O    O N N 77  
CYS CB   C N N 78  
CYS SG   S N N 79  
CYS OXT  O N N 80  
CYS H    H N N 81  
CYS H2   H N N 82  
CYS HA   H N N 83  
CYS HB2  H N N 84  
CYS HB3  H N N 85  
CYS HG   H N N 86  
CYS HXT  H N N 87  
GLN N    N N N 88  
GLN CA   C N S 89  
GLN C    C N N 90  
GLN O    O N N 91  
GLN CB   C N N 92  
GLN CG   C N N 93  
GLN CD   C N N 94  
GLN OE1  O N N 95  
GLN NE2  N N N 96  
GLN OXT  O N N 97  
GLN H    H N N 98  
GLN H2   H N N 99  
GLN HA   H N N 100 
GLN HB2  H N N 101 
GLN HB3  H N N 102 
GLN HG2  H N N 103 
GLN HG3  H N N 104 
GLN HE21 H N N 105 
GLN HE22 H N N 106 
GLN HXT  H N N 107 
GLU N    N N N 108 
GLU CA   C N S 109 
GLU C    C N N 110 
GLU O    O N N 111 
GLU CB   C N N 112 
GLU CG   C N N 113 
GLU CD   C N N 114 
GLU OE1  O N N 115 
GLU OE2  O N N 116 
GLU OXT  O N N 117 
GLU H    H N N 118 
GLU H2   H N N 119 
GLU HA   H N N 120 
GLU HB2  H N N 121 
GLU HB3  H N N 122 
GLU HG2  H N N 123 
GLU HG3  H N N 124 
GLU HE2  H N N 125 
GLU HXT  H N N 126 
GLY N    N N N 127 
GLY CA   C N N 128 
GLY C    C N N 129 
GLY O    O N N 130 
GLY OXT  O N N 131 
GLY H    H N N 132 
GLY H2   H N N 133 
GLY HA2  H N N 134 
GLY HA3  H N N 135 
GLY HXT  H N N 136 
HOH O    O N N 137 
HOH H1   H N N 138 
HOH H2   H N N 139 
ILE N    N N N 140 
ILE CA   C N S 141 
ILE C    C N N 142 
ILE O    O N N 143 
ILE CB   C N S 144 
ILE CG1  C N N 145 
ILE CG2  C N N 146 
ILE CD1  C N N 147 
ILE OXT  O N N 148 
ILE H    H N N 149 
ILE H2   H N N 150 
ILE HA   H N N 151 
ILE HB   H N N 152 
ILE HG12 H N N 153 
ILE HG13 H N N 154 
ILE HG21 H N N 155 
ILE HG22 H N N 156 
ILE HG23 H N N 157 
ILE HD11 H N N 158 
ILE HD12 H N N 159 
ILE HD13 H N N 160 
ILE HXT  H N N 161 
LEU N    N N N 162 
LEU CA   C N S 163 
LEU C    C N N 164 
LEU O    O N N 165 
LEU CB   C N N 166 
LEU CG   C N N 167 
LEU CD1  C N N 168 
LEU CD2  C N N 169 
LEU OXT  O N N 170 
LEU H    H N N 171 
LEU H2   H N N 172 
LEU HA   H N N 173 
LEU HB2  H N N 174 
LEU HB3  H N N 175 
LEU HG   H N N 176 
LEU HD11 H N N 177 
LEU HD12 H N N 178 
LEU HD13 H N N 179 
LEU HD21 H N N 180 
LEU HD22 H N N 181 
LEU HD23 H N N 182 
LEU HXT  H N N 183 
LYS N    N N N 184 
LYS CA   C N S 185 
LYS C    C N N 186 
LYS O    O N N 187 
LYS CB   C N N 188 
LYS CG   C N N 189 
LYS CD   C N N 190 
LYS CE   C N N 191 
LYS NZ   N N N 192 
LYS OXT  O N N 193 
LYS H    H N N 194 
LYS H2   H N N 195 
LYS HA   H N N 196 
LYS HB2  H N N 197 
LYS HB3  H N N 198 
LYS HG2  H N N 199 
LYS HG3  H N N 200 
LYS HD2  H N N 201 
LYS HD3  H N N 202 
LYS HE2  H N N 203 
LYS HE3  H N N 204 
LYS HZ1  H N N 205 
LYS HZ2  H N N 206 
LYS HZ3  H N N 207 
LYS HXT  H N N 208 
MET N    N N N 209 
MET CA   C N S 210 
MET C    C N N 211 
MET O    O N N 212 
MET CB   C N N 213 
MET CG   C N N 214 
MET SD   S N N 215 
MET CE   C N N 216 
MET OXT  O N N 217 
MET H    H N N 218 
MET H2   H N N 219 
MET HA   H N N 220 
MET HB2  H N N 221 
MET HB3  H N N 222 
MET HG2  H N N 223 
MET HG3  H N N 224 
MET HE1  H N N 225 
MET HE2  H N N 226 
MET HE3  H N N 227 
MET HXT  H N N 228 
PHE N    N N N 229 
PHE CA   C N S 230 
PHE C    C N N 231 
PHE O    O N N 232 
PHE CB   C N N 233 
PHE CG   C Y N 234 
PHE CD1  C Y N 235 
PHE CD2  C Y N 236 
PHE CE1  C Y N 237 
PHE CE2  C Y N 238 
PHE CZ   C Y N 239 
PHE OXT  O N N 240 
PHE H    H N N 241 
PHE H2   H N N 242 
PHE HA   H N N 243 
PHE HB2  H N N 244 
PHE HB3  H N N 245 
PHE HD1  H N N 246 
PHE HD2  H N N 247 
PHE HE1  H N N 248 
PHE HE2  H N N 249 
PHE HZ   H N N 250 
PHE HXT  H N N 251 
PRO N    N N N 252 
PRO CA   C N S 253 
PRO C    C N N 254 
PRO O    O N N 255 
PRO CB   C N N 256 
PRO CG   C N N 257 
PRO CD   C N N 258 
PRO OXT  O N N 259 
PRO H    H N N 260 
PRO HA   H N N 261 
PRO HB2  H N N 262 
PRO HB3  H N N 263 
PRO HG2  H N N 264 
PRO HG3  H N N 265 
PRO HD2  H N N 266 
PRO HD3  H N N 267 
PRO HXT  H N N 268 
SER N    N N N 269 
SER CA   C N S 270 
SER C    C N N 271 
SER O    O N N 272 
SER CB   C N N 273 
SER OG   O N N 274 
SER OXT  O N N 275 
SER H    H N N 276 
SER H2   H N N 277 
SER HA   H N N 278 
SER HB2  H N N 279 
SER HB3  H N N 280 
SER HG   H N N 281 
SER HXT  H N N 282 
THR N    N N N 283 
THR CA   C N S 284 
THR C    C N N 285 
THR O    O N N 286 
THR CB   C N R 287 
THR OG1  O N N 288 
THR CG2  C N N 289 
THR OXT  O N N 290 
THR H    H N N 291 
THR H2   H N N 292 
THR HA   H N N 293 
THR HB   H N N 294 
THR HG1  H N N 295 
THR HG21 H N N 296 
THR HG22 H N N 297 
THR HG23 H N N 298 
THR HXT  H N N 299 
TRP N    N N N 300 
TRP CA   C N S 301 
TRP C    C N N 302 
TRP O    O N N 303 
TRP CB   C N N 304 
TRP CG   C Y N 305 
TRP CD1  C Y N 306 
TRP CD2  C Y N 307 
TRP NE1  N Y N 308 
TRP CE2  C Y N 309 
TRP CE3  C Y N 310 
TRP CZ2  C Y N 311 
TRP CZ3  C Y N 312 
TRP CH2  C Y N 313 
TRP OXT  O N N 314 
TRP H    H N N 315 
TRP H2   H N N 316 
TRP HA   H N N 317 
TRP HB2  H N N 318 
TRP HB3  H N N 319 
TRP HD1  H N N 320 
TRP HE1  H N N 321 
TRP HE3  H N N 322 
TRP HZ2  H N N 323 
TRP HZ3  H N N 324 
TRP HH2  H N N 325 
TRP HXT  H N N 326 
TYR N    N N N 327 
TYR CA   C N S 328 
TYR C    C N N 329 
TYR O    O N N 330 
TYR CB   C N N 331 
TYR CG   C Y N 332 
TYR CD1  C Y N 333 
TYR CD2  C Y N 334 
TYR CE1  C Y N 335 
TYR CE2  C Y N 336 
TYR CZ   C Y N 337 
TYR OH   O N N 338 
TYR OXT  O N N 339 
TYR H    H N N 340 
TYR H2   H N N 341 
TYR HA   H N N 342 
TYR HB2  H N N 343 
TYR HB3  H N N 344 
TYR HD1  H N N 345 
TYR HD2  H N N 346 
TYR HE1  H N N 347 
TYR HE2  H N N 348 
TYR HH   H N N 349 
TYR HXT  H N N 350 
VAL N    N N N 351 
VAL CA   C N S 352 
VAL C    C N N 353 
VAL O    O N N 354 
VAL CB   C N N 355 
VAL CG1  C N N 356 
VAL CG2  C N N 357 
VAL OXT  O N N 358 
VAL H    H N N 359 
VAL H2   H N N 360 
VAL HA   H N N 361 
VAL HB   H N N 362 
VAL HG11 H N N 363 
VAL HG12 H N N 364 
VAL HG13 H N N 365 
VAL HG21 H N N 366 
VAL HG22 H N N 367 
VAL HG23 H N N 368 
VAL HXT  H N N 369 
# 
loop_
_chem_comp_bond.comp_id 
_chem_comp_bond.atom_id_1 
_chem_comp_bond.atom_id_2 
_chem_comp_bond.value_order 
_chem_comp_bond.pdbx_aromatic_flag 
_chem_comp_bond.pdbx_stereo_config 
_chem_comp_bond.pdbx_ordinal 
ALA N   CA   sing N N 1   
ALA N   H    sing N N 2   
ALA N   H2   sing N N 3   
ALA CA  C    sing N N 4   
ALA CA  CB   sing N N 5   
ALA CA  HA   sing N N 6   
ALA C   O    doub N N 7   
ALA C   OXT  sing N N 8   
ALA CB  HB1  sing N N 9   
ALA CB  HB2  sing N N 10  
ALA CB  HB3  sing N N 11  
ALA OXT HXT  sing N N 12  
ARG N   CA   sing N N 13  
ARG N   H    sing N N 14  
ARG N   H2   sing N N 15  
ARG CA  C    sing N N 16  
ARG CA  CB   sing N N 17  
ARG CA  HA   sing N N 18  
ARG C   O    doub N N 19  
ARG C   OXT  sing N N 20  
ARG CB  CG   sing N N 21  
ARG CB  HB2  sing N N 22  
ARG CB  HB3  sing N N 23  
ARG CG  CD   sing N N 24  
ARG CG  HG2  sing N N 25  
ARG CG  HG3  sing N N 26  
ARG CD  NE   sing N N 27  
ARG CD  HD2  sing N N 28  
ARG CD  HD3  sing N N 29  
ARG NE  CZ   sing N N 30  
ARG NE  HE   sing N N 31  
ARG CZ  NH1  sing N N 32  
ARG CZ  NH2  doub N N 33  
ARG NH1 HH11 sing N N 34  
ARG NH1 HH12 sing N N 35  
ARG NH2 HH21 sing N N 36  
ARG NH2 HH22 sing N N 37  
ARG OXT HXT  sing N N 38  
ASN N   CA   sing N N 39  
ASN N   H    sing N N 40  
ASN N   H2   sing N N 41  
ASN CA  C    sing N N 42  
ASN CA  CB   sing N N 43  
ASN CA  HA   sing N N 44  
ASN C   O    doub N N 45  
ASN C   OXT  sing N N 46  
ASN CB  CG   sing N N 47  
ASN CB  HB2  sing N N 48  
ASN CB  HB3  sing N N 49  
ASN CG  OD1  doub N N 50  
ASN CG  ND2  sing N N 51  
ASN ND2 HD21 sing N N 52  
ASN ND2 HD22 sing N N 53  
ASN OXT HXT  sing N N 54  
ASP N   CA   sing N N 55  
ASP N   H    sing N N 56  
ASP N   H2   sing N N 57  
ASP CA  C    sing N N 58  
ASP CA  CB   sing N N 59  
ASP CA  HA   sing N N 60  
ASP C   O    doub N N 61  
ASP C   OXT  sing N N 62  
ASP CB  CG   sing N N 63  
ASP CB  HB2  sing N N 64  
ASP CB  HB3  sing N N 65  
ASP CG  OD1  doub N N 66  
ASP CG  OD2  sing N N 67  
ASP OD2 HD2  sing N N 68  
ASP OXT HXT  sing N N 69  
CYS N   CA   sing N N 70  
CYS N   H    sing N N 71  
CYS N   H2   sing N N 72  
CYS CA  C    sing N N 73  
CYS CA  CB   sing N N 74  
CYS CA  HA   sing N N 75  
CYS C   O    doub N N 76  
CYS C   OXT  sing N N 77  
CYS CB  SG   sing N N 78  
CYS CB  HB2  sing N N 79  
CYS CB  HB3  sing N N 80  
CYS SG  HG   sing N N 81  
CYS OXT HXT  sing N N 82  
GLN N   CA   sing N N 83  
GLN N   H    sing N N 84  
GLN N   H2   sing N N 85  
GLN CA  C    sing N N 86  
GLN CA  CB   sing N N 87  
GLN CA  HA   sing N N 88  
GLN C   O    doub N N 89  
GLN C   OXT  sing N N 90  
GLN CB  CG   sing N N 91  
GLN CB  HB2  sing N N 92  
GLN CB  HB3  sing N N 93  
GLN CG  CD   sing N N 94  
GLN CG  HG2  sing N N 95  
GLN CG  HG3  sing N N 96  
GLN CD  OE1  doub N N 97  
GLN CD  NE2  sing N N 98  
GLN NE2 HE21 sing N N 99  
GLN NE2 HE22 sing N N 100 
GLN OXT HXT  sing N N 101 
GLU N   CA   sing N N 102 
GLU N   H    sing N N 103 
GLU N   H2   sing N N 104 
GLU CA  C    sing N N 105 
GLU CA  CB   sing N N 106 
GLU CA  HA   sing N N 107 
GLU C   O    doub N N 108 
GLU C   OXT  sing N N 109 
GLU CB  CG   sing N N 110 
GLU CB  HB2  sing N N 111 
GLU CB  HB3  sing N N 112 
GLU CG  CD   sing N N 113 
GLU CG  HG2  sing N N 114 
GLU CG  HG3  sing N N 115 
GLU CD  OE1  doub N N 116 
GLU CD  OE2  sing N N 117 
GLU OE2 HE2  sing N N 118 
GLU OXT HXT  sing N N 119 
GLY N   CA   sing N N 120 
GLY N   H    sing N N 121 
GLY N   H2   sing N N 122 
GLY CA  C    sing N N 123 
GLY CA  HA2  sing N N 124 
GLY CA  HA3  sing N N 125 
GLY C   O    doub N N 126 
GLY C   OXT  sing N N 127 
GLY OXT HXT  sing N N 128 
HOH O   H1   sing N N 129 
HOH O   H2   sing N N 130 
ILE N   CA   sing N N 131 
ILE N   H    sing N N 132 
ILE N   H2   sing N N 133 
ILE CA  C    sing N N 134 
ILE CA  CB   sing N N 135 
ILE CA  HA   sing N N 136 
ILE C   O    doub N N 137 
ILE C   OXT  sing N N 138 
ILE CB  CG1  sing N N 139 
ILE CB  CG2  sing N N 140 
ILE CB  HB   sing N N 141 
ILE CG1 CD1  sing N N 142 
ILE CG1 HG12 sing N N 143 
ILE CG1 HG13 sing N N 144 
ILE CG2 HG21 sing N N 145 
ILE CG2 HG22 sing N N 146 
ILE CG2 HG23 sing N N 147 
ILE CD1 HD11 sing N N 148 
ILE CD1 HD12 sing N N 149 
ILE CD1 HD13 sing N N 150 
ILE OXT HXT  sing N N 151 
LEU N   CA   sing N N 152 
LEU N   H    sing N N 153 
LEU N   H2   sing N N 154 
LEU CA  C    sing N N 155 
LEU CA  CB   sing N N 156 
LEU CA  HA   sing N N 157 
LEU C   O    doub N N 158 
LEU C   OXT  sing N N 159 
LEU CB  CG   sing N N 160 
LEU CB  HB2  sing N N 161 
LEU CB  HB3  sing N N 162 
LEU CG  CD1  sing N N 163 
LEU CG  CD2  sing N N 164 
LEU CG  HG   sing N N 165 
LEU CD1 HD11 sing N N 166 
LEU CD1 HD12 sing N N 167 
LEU CD1 HD13 sing N N 168 
LEU CD2 HD21 sing N N 169 
LEU CD2 HD22 sing N N 170 
LEU CD2 HD23 sing N N 171 
LEU OXT HXT  sing N N 172 
LYS N   CA   sing N N 173 
LYS N   H    sing N N 174 
LYS N   H2   sing N N 175 
LYS CA  C    sing N N 176 
LYS CA  CB   sing N N 177 
LYS CA  HA   sing N N 178 
LYS C   O    doub N N 179 
LYS C   OXT  sing N N 180 
LYS CB  CG   sing N N 181 
LYS CB  HB2  sing N N 182 
LYS CB  HB3  sing N N 183 
LYS CG  CD   sing N N 184 
LYS CG  HG2  sing N N 185 
LYS CG  HG3  sing N N 186 
LYS CD  CE   sing N N 187 
LYS CD  HD2  sing N N 188 
LYS CD  HD3  sing N N 189 
LYS CE  NZ   sing N N 190 
LYS CE  HE2  sing N N 191 
LYS CE  HE3  sing N N 192 
LYS NZ  HZ1  sing N N 193 
LYS NZ  HZ2  sing N N 194 
LYS NZ  HZ3  sing N N 195 
LYS OXT HXT  sing N N 196 
MET N   CA   sing N N 197 
MET N   H    sing N N 198 
MET N   H2   sing N N 199 
MET CA  C    sing N N 200 
MET CA  CB   sing N N 201 
MET CA  HA   sing N N 202 
MET C   O    doub N N 203 
MET C   OXT  sing N N 204 
MET CB  CG   sing N N 205 
MET CB  HB2  sing N N 206 
MET CB  HB3  sing N N 207 
MET CG  SD   sing N N 208 
MET CG  HG2  sing N N 209 
MET CG  HG3  sing N N 210 
MET SD  CE   sing N N 211 
MET CE  HE1  sing N N 212 
MET CE  HE2  sing N N 213 
MET CE  HE3  sing N N 214 
MET OXT HXT  sing N N 215 
PHE N   CA   sing N N 216 
PHE N   H    sing N N 217 
PHE N   H2   sing N N 218 
PHE CA  C    sing N N 219 
PHE CA  CB   sing N N 220 
PHE CA  HA   sing N N 221 
PHE C   O    doub N N 222 
PHE C   OXT  sing N N 223 
PHE CB  CG   sing N N 224 
PHE CB  HB2  sing N N 225 
PHE CB  HB3  sing N N 226 
PHE CG  CD1  doub Y N 227 
PHE CG  CD2  sing Y N 228 
PHE CD1 CE1  sing Y N 229 
PHE CD1 HD1  sing N N 230 
PHE CD2 CE2  doub Y N 231 
PHE CD2 HD2  sing N N 232 
PHE CE1 CZ   doub Y N 233 
PHE CE1 HE1  sing N N 234 
PHE CE2 CZ   sing Y N 235 
PHE CE2 HE2  sing N N 236 
PHE CZ  HZ   sing N N 237 
PHE OXT HXT  sing N N 238 
PRO N   CA   sing N N 239 
PRO N   CD   sing N N 240 
PRO N   H    sing N N 241 
PRO CA  C    sing N N 242 
PRO CA  CB   sing N N 243 
PRO CA  HA   sing N N 244 
PRO C   O    doub N N 245 
PRO C   OXT  sing N N 246 
PRO CB  CG   sing N N 247 
PRO CB  HB2  sing N N 248 
PRO CB  HB3  sing N N 249 
PRO CG  CD   sing N N 250 
PRO CG  HG2  sing N N 251 
PRO CG  HG3  sing N N 252 
PRO CD  HD2  sing N N 253 
PRO CD  HD3  sing N N 254 
PRO OXT HXT  sing N N 255 
SER N   CA   sing N N 256 
SER N   H    sing N N 257 
SER N   H2   sing N N 258 
SER CA  C    sing N N 259 
SER CA  CB   sing N N 260 
SER CA  HA   sing N N 261 
SER C   O    doub N N 262 
SER C   OXT  sing N N 263 
SER CB  OG   sing N N 264 
SER CB  HB2  sing N N 265 
SER CB  HB3  sing N N 266 
SER OG  HG   sing N N 267 
SER OXT HXT  sing N N 268 
THR N   CA   sing N N 269 
THR N   H    sing N N 270 
THR N   H2   sing N N 271 
THR CA  C    sing N N 272 
THR CA  CB   sing N N 273 
THR CA  HA   sing N N 274 
THR C   O    doub N N 275 
THR C   OXT  sing N N 276 
THR CB  OG1  sing N N 277 
THR CB  CG2  sing N N 278 
THR CB  HB   sing N N 279 
THR OG1 HG1  sing N N 280 
THR CG2 HG21 sing N N 281 
THR CG2 HG22 sing N N 282 
THR CG2 HG23 sing N N 283 
THR OXT HXT  sing N N 284 
TRP N   CA   sing N N 285 
TRP N   H    sing N N 286 
TRP N   H2   sing N N 287 
TRP CA  C    sing N N 288 
TRP CA  CB   sing N N 289 
TRP CA  HA   sing N N 290 
TRP C   O    doub N N 291 
TRP C   OXT  sing N N 292 
TRP CB  CG   sing N N 293 
TRP CB  HB2  sing N N 294 
TRP CB  HB3  sing N N 295 
TRP CG  CD1  doub Y N 296 
TRP CG  CD2  sing Y N 297 
TRP CD1 NE1  sing Y N 298 
TRP CD1 HD1  sing N N 299 
TRP CD2 CE2  doub Y N 300 
TRP CD2 CE3  sing Y N 301 
TRP NE1 CE2  sing Y N 302 
TRP NE1 HE1  sing N N 303 
TRP CE2 CZ2  sing Y N 304 
TRP CE3 CZ3  doub Y N 305 
TRP CE3 HE3  sing N N 306 
TRP CZ2 CH2  doub Y N 307 
TRP CZ2 HZ2  sing N N 308 
TRP CZ3 CH2  sing Y N 309 
TRP CZ3 HZ3  sing N N 310 
TRP CH2 HH2  sing N N 311 
TRP OXT HXT  sing N N 312 
TYR N   CA   sing N N 313 
TYR N   H    sing N N 314 
TYR N   H2   sing N N 315 
TYR CA  C    sing N N 316 
TYR CA  CB   sing N N 317 
TYR CA  HA   sing N N 318 
TYR C   O    doub N N 319 
TYR C   OXT  sing N N 320 
TYR CB  CG   sing N N 321 
TYR CB  HB2  sing N N 322 
TYR CB  HB3  sing N N 323 
TYR CG  CD1  doub Y N 324 
TYR CG  CD2  sing Y N 325 
TYR CD1 CE1  sing Y N 326 
TYR CD1 HD1  sing N N 327 
TYR CD2 CE2  doub Y N 328 
TYR CD2 HD2  sing N N 329 
TYR CE1 CZ   doub Y N 330 
TYR CE1 HE1  sing N N 331 
TYR CE2 CZ   sing Y N 332 
TYR CE2 HE2  sing N N 333 
TYR CZ  OH   sing N N 334 
TYR OH  HH   sing N N 335 
TYR OXT HXT  sing N N 336 
VAL N   CA   sing N N 337 
VAL N   H    sing N N 338 
VAL N   H2   sing N N 339 
VAL CA  C    sing N N 340 
VAL CA  CB   sing N N 341 
VAL CA  HA   sing N N 342 
VAL C   O    doub N N 343 
VAL C   OXT  sing N N 344 
VAL CB  CG1  sing N N 345 
VAL CB  CG2  sing N N 346 
VAL CB  HB   sing N N 347 
VAL CG1 HG11 sing N N 348 
VAL CG1 HG12 sing N N 349 
VAL CG1 HG13 sing N N 350 
VAL CG2 HG21 sing N N 351 
VAL CG2 HG22 sing N N 352 
VAL CG2 HG23 sing N N 353 
VAL OXT HXT  sing N N 354 
# 
loop_
_pdbx_audit_support.funding_organization 
_pdbx_audit_support.country 
_pdbx_audit_support.grant_number 
_pdbx_audit_support.ordinal 
'National Institutes of Health/National Institute Of Allergy and Infectious Diseases (NIH/NIAID)'           'United States' 
R01-AI091699 1 
'National Institutes of Health/National Institute of Diabetes and Digestive and Kidney Disease (NIH/NIDDK)' 'United States' 
P30-DK117469 2 
'National Institutes of Health/National Institute of General Medical Sciences (NIH/NIGMS)'                  'United States' 
P20-GM113132 3 
'National Institutes of Health/National Institute Of Allergy and Infectious Diseases (NIH/NIAID)'           'United States' 
T32AI007519  4 
'Cystic Fibrosis Foundation'                                                                                'United States' 
STANTO19R0   5 
# 
_space_group.name_H-M_alt     'P 31 2 1' 
_space_group.name_Hall        
;P 31 2"
;
_space_group.IT_number        152 
_space_group.crystal_system   trigonal 
_space_group.id               1 
# 
_atom_sites.entry_id                    8E1C 
_atom_sites.Cartn_transf_matrix[1][1]   ? 
_atom_sites.Cartn_transf_matrix[1][2]   ? 
_atom_sites.Cartn_transf_matrix[1][3]   ? 
_atom_sites.Cartn_transf_matrix[2][1]   ? 
_atom_sites.Cartn_transf_matrix[2][2]   ? 
_atom_sites.Cartn_transf_matrix[2][3]   ? 
_atom_sites.Cartn_transf_matrix[3][1]   ? 
_atom_sites.Cartn_transf_matrix[3][2]   ? 
_atom_sites.Cartn_transf_matrix[3][3]   ? 
_atom_sites.Cartn_transf_vector[1]      ? 
_atom_sites.Cartn_transf_vector[2]      ? 
_atom_sites.Cartn_transf_vector[3]      ? 
_atom_sites.fract_transf_matrix[1][1]   -0.00972768 
_atom_sites.fract_transf_matrix[1][2]   0.01061398 
_atom_sites.fract_transf_matrix[1][3]   0.01374756 
_atom_sites.fract_transf_matrix[2][1]   -0.01909106 
_atom_sites.fract_transf_matrix[2][2]   -0.00399188 
_atom_sites.fract_transf_matrix[2][3]   0.00398561 
_atom_sites.fract_transf_matrix[3][1]   0.00372902 
_atom_sites.fract_transf_matrix[3][2]   -0.00858314 
_atom_sites.fract_transf_matrix[3][3]   0.00926535 
_atom_sites.fract_transf_vector[1]      0.396201 
_atom_sites.fract_transf_vector[2]      -0.116793 
_atom_sites.fract_transf_vector[3]      0.121757 
_atom_sites.solution_primary            ? 
_atom_sites.solution_secondary          ? 
_atom_sites.solution_hydrogens          ? 
_atom_sites.special_details             ? 
# 
loop_
_atom_type.symbol 
_atom_type.scat_dispersion_real 
_atom_type.scat_dispersion_imag 
_atom_type.scat_Cromer_Mann_a1 
_atom_type.scat_Cromer_Mann_a2 
_atom_type.scat_Cromer_Mann_a3 
_atom_type.scat_Cromer_Mann_a4 
_atom_type.scat_Cromer_Mann_b1 
_atom_type.scat_Cromer_Mann_b2 
_atom_type.scat_Cromer_Mann_b3 
_atom_type.scat_Cromer_Mann_b4 
_atom_type.scat_Cromer_Mann_c 
_atom_type.scat_source 
_atom_type.scat_dispersion_source 
C ? ? 3.54356 2.42580 ? ? 25.62398 1.50364  ? ? 0.0 
;2-Gaussian fit: Grosse-Kunstleve RW, Sauter NK, Adams PD: Newsletter of the IUCr Commission on Crystallographic Computing 2004, 3, 22-31.
;
? 
N ? ? 4.01032 2.96436 ? ? 19.97189 1.75589  ? ? 0.0 
;2-Gaussian fit: Grosse-Kunstleve RW, Sauter NK, Adams PD: Newsletter of the IUCr Commission on Crystallographic Computing 2004, 3, 22-31.
;
? 
O ? ? 4.49882 3.47563 ? ? 15.80542 1.70748  ? ? 0.0 
;2-Gaussian fit: Grosse-Kunstleve RW, Sauter NK, Adams PD: Newsletter of the IUCr Commission on Crystallographic Computing 2004, 3, 22-31.
;
? 
S ? ? 9.55732 6.39887 ? ? 1.23737  29.19336 ? ? 0.0 
;2-Gaussian fit: Grosse-Kunstleve RW, Sauter NK, Adams PD: Newsletter of the IUCr Commission on Crystallographic Computing 2004, 3, 22-31.
;
? 
# 
loop_
_atom_site.group_PDB 
_atom_site.id 
_atom_site.type_symbol 
_atom_site.label_atom_id 
_atom_site.label_alt_id 
_atom_site.label_comp_id 
_atom_site.label_asym_id 
_atom_site.label_entity_id 
_atom_site.label_seq_id 
_atom_site.pdbx_PDB_ins_code 
_atom_site.Cartn_x 
_atom_site.Cartn_y 
_atom_site.Cartn_z 
_atom_site.occupancy 
_atom_site.B_iso_or_equiv 
_atom_site.pdbx_formal_charge 
_atom_site.auth_seq_id 
_atom_site.auth_comp_id 
_atom_site.auth_asym_id 
_atom_site.auth_atom_id 
_atom_site.pdbx_PDB_model_num 
ATOM   1   N N   . GLN A 1 3   ? 2.59499   8.48018   -18.06559 1.000 62.28000 ? 3   GLN A N   1 
ATOM   2   C CA  . GLN A 1 3   ? 3.77516   9.20296   -17.60237 1.000 68.70000 ? 3   GLN A CA  1 
ATOM   3   C C   . GLN A 1 3   ? 3.75820   9.37139   -16.08643 1.000 61.40000 ? 3   GLN A C   1 
ATOM   4   O O   . GLN A 1 3   ? 4.44679   10.23400  -15.54031 1.000 63.54000 ? 3   GLN A O   1 
ATOM   5   C CB  . GLN A 1 3   ? 3.86382   10.57545  -18.27546 1.000 74.70000 ? 3   GLN A CB  1 
ATOM   6   C CG  . GLN A 1 3   ? 2.72659   11.51673  -17.90517 1.000 76.15000 ? 3   GLN A CG  1 
ATOM   7   C CD  . GLN A 1 3   ? 3.06049   12.97304  -18.16865 1.000 81.01000 ? 3   GLN A CD  1 
ATOM   8   O OE1 . GLN A 1 3   ? 3.60549   13.31956  -19.21683 1.000 83.69000 ? 3   GLN A OE1 1 
ATOM   9   N NE2 . GLN A 1 3   ? 2.74197   13.83430  -17.20849 1.000 79.53000 ? 3   GLN A NE2 1 
ATOM   10  N N   . VAL A 1 4   ? 2.97248   8.54058   -15.41273 1.000 57.79000 ? 4   VAL A N   1 
ATOM   11  C CA  . VAL A 1 4   ? 2.76696   8.63888   -13.97114 1.000 51.72000 ? 4   VAL A CA  1 
ATOM   12  C C   . VAL A 1 4   ? 3.85537   7.85983   -13.24905 1.000 52.90000 ? 4   VAL A C   1 
ATOM   13  O O   . VAL A 1 4   ? 4.22451   6.75338   -13.65794 1.000 53.06000 ? 4   VAL A O   1 
ATOM   14  C CB  . VAL A 1 4   ? 1.36704   8.12416   -13.59033 1.000 50.14000 ? 4   VAL A CB  1 
ATOM   15  C CG1 . VAL A 1 4   ? 1.11084   8.30999   -12.10410 1.000 47.20000 ? 4   VAL A CG1 1 
ATOM   16  C CG2 . VAL A 1 4   ? 0.30908   8.83357   -14.41618 1.000 51.97000 ? 4   VAL A CG2 1 
ATOM   17  N N   . LYS A 1 5   ? 4.36972   8.43577   -12.16639 1.000 48.84000 ? 5   LYS A N   1 
ATOM   18  C CA  . LYS A 1 5   ? 5.41998   7.81897   -11.36962 1.000 38.30000 ? 5   LYS A CA  1 
ATOM   19  C C   . LYS A 1 5   ? 4.94799   7.69510   -9.92851  1.000 42.67000 ? 5   LYS A C   1 
ATOM   20  O O   . LYS A 1 5   ? 4.39048   8.64535   -9.36964  1.000 35.11000 ? 5   LYS A O   1 
ATOM   21  C CB  . LYS A 1 5   ? 6.71596   8.63162   -11.44540 1.000 41.82000 ? 5   LYS A CB  1 
ATOM   22  C CG  . LYS A 1 5   ? 7.98025   7.80149   -11.29056 1.000 53.41000 ? 5   LYS A CG  1 
ATOM   23  C CD  . LYS A 1 5   ? 8.46293   7.77336   -9.85078  1.000 51.74000 ? 5   LYS A CD  1 
ATOM   24  C CE  . LYS A 1 5   ? 9.53712   6.71918   -9.65216  1.000 51.65000 ? 5   LYS A CE  1 
ATOM   25  N NZ  . LYS A 1 5   ? 10.35399  6.97616   -8.43383  1.000 57.01000 ? 5   LYS A NZ  1 
ATOM   26  N N   . LEU A 1 6   ? 5.17150   6.52355   -9.33706  1.000 38.04000 ? 6   LEU A N   1 
ATOM   27  C CA  . LEU A 1 6   ? 4.79205   6.22740   -7.96489  1.000 36.80000 ? 6   LEU A CA  1 
ATOM   28  C C   . LEU A 1 6   ? 6.02131   5.77185   -7.19311  1.000 38.31000 ? 6   LEU A C   1 
ATOM   29  O O   . LEU A 1 6   ? 6.90046   5.09689   -7.73870  1.000 37.26000 ? 6   LEU A O   1 
ATOM   30  C CB  . LEU A 1 6   ? 3.71503   5.13707   -7.90756  1.000 39.88000 ? 6   LEU A CB  1 
ATOM   31  C CG  . LEU A 1 6   ? 2.46694   5.38790   -8.75481  1.000 43.26000 ? 6   LEU A CG  1 
ATOM   32  C CD1 . LEU A 1 6   ? 1.65557   4.11208   -8.90943  1.000 40.41000 ? 6   LEU A CD1 1 
ATOM   33  C CD2 . LEU A 1 6   ? 1.62391   6.48951   -8.13836  1.000 37.75000 ? 6   LEU A CD2 1 
ATOM   34  N N   . GLN A 1 7   ? 6.07790   6.13941   -5.91458  1.000 34.79000 ? 7   GLN A N   1 
ATOM   35  C CA  . GLN A 1 7   ? 7.23837   5.83718   -5.08395  1.000 37.37000 ? 7   GLN A CA  1 
ATOM   36  C C   . GLN A 1 7   ? 6.78364   5.41102   -3.69815  1.000 37.18000 ? 7   GLN A C   1 
ATOM   37  O O   . GLN A 1 7   ? 6.16135   6.19821   -2.97857  1.000 34.25000 ? 7   GLN A O   1 
ATOM   38  C CB  . GLN A 1 7   ? 8.16677   7.04800   -4.98831  1.000 37.42000 ? 7   GLN A CB  1 
ATOM   39  C CG  . GLN A 1 7   ? 9.27224   6.89828   -3.96869  1.000 43.09000 ? 7   GLN A CG  1 
ATOM   40  C CD  . GLN A 1 7   ? 10.27671  8.02190   -4.05552  1.000 49.85000 ? 7   GLN A CD  1 
ATOM   41  O OE1 . GLN A 1 7   ? 10.28986  8.92632   -3.22156  1.000 52.56000 ? 7   GLN A OE1 1 
ATOM   42  N NE2 . GLN A 1 7   ? 11.12436  7.97623   -5.07573  1.000 52.60000 ? 7   GLN A NE2 1 
ATOM   43  N N   . GLU A 1 8   ? 7.10901   4.17677   -3.32091  1.000 37.95000 ? 8   GLU A N   1 
ATOM   44  C CA  . GLU A 1 8   ? 6.80672   3.67660   -1.98828  1.000 38.01000 ? 8   GLU A CA  1 
ATOM   45  C C   . GLU A 1 8   ? 7.96834   3.94323   -1.04189  1.000 38.88000 ? 8   GLU A C   1 
ATOM   46  O O   . GLU A 1 8   ? 9.13422   3.97698   -1.44717  1.000 38.40000 ? 8   GLU A O   1 
ATOM   47  C CB  . GLU A 1 8   ? 6.50784   2.17632   -2.00562  1.000 37.60000 ? 8   GLU A CB  1 
ATOM   48  C CG  . GLU A 1 8   ? 5.36197   1.76122   -2.90542  1.000 37.14000 ? 8   GLU A CG  1 
ATOM   49  C CD  . GLU A 1 8   ? 5.83301   1.37107   -4.28647  1.000 35.09000 ? 8   GLU A CD  1 
ATOM   50  O OE1 . GLU A 1 8   ? 6.97547   1.72596   -4.64209  1.000 35.89000 ? 8   GLU A OE1 1 
ATOM   51  O OE2 . GLU A 1 8   ? 5.06593   0.70156   -5.01014  1.000 36.20000 ? 8   GLU A OE2 1 
ATOM   52  N N   . SER A 1 9   ? 7.63515   4.12528   0.23161   1.000 37.56000 ? 9   SER A N   1 
ATOM   53  C CA  . SER A 1 9   ? 8.63233   4.25671   1.28381   1.000 37.99000 ? 9   SER A CA  1 
ATOM   54  C C   . SER A 1 9   ? 7.99666   3.82569   2.59721   1.000 33.73000 ? 9   SER A C   1 
ATOM   55  O O   . SER A 1 9   ? 6.77802   3.67040   2.69793   1.000 34.25000 ? 9   SER A O   1 
ATOM   56  C CB  . SER A 1 9   ? 9.16744   5.68618   1.37784   1.000 37.14000 ? 9   SER A CB  1 
ATOM   57  O OG  . SER A 1 9   ? 8.10298   6.61443   1.49925   1.000 47.36000 ? 9   SER A OG  1 
ATOM   58  N N   . GLY A 1 10  ? 8.84263   3.62716   3.60357   1.000 36.35000 ? 10  GLY A N   1 
ATOM   59  C CA  . GLY A 1 10  ? 8.37553   3.34442   4.94386   1.000 32.96000 ? 10  GLY A CA  1 
ATOM   60  C C   . GLY A 1 10  ? 8.44757   1.89748   5.37812   1.000 38.10000 ? 10  GLY A C   1 
ATOM   61  O O   . GLY A 1 10  ? 8.10634   1.60236   6.52978   1.000 39.02000 ? 10  GLY A O   1 
ATOM   62  N N   . GLY A 1 11  ? 8.86782   0.98691   4.50616   1.000 37.43000 ? 11  GLY A N   1 
ATOM   63  C CA  . GLY A 1 11  ? 8.99648   -0.40791  4.86926   1.000 33.03000 ? 11  GLY A CA  1 
ATOM   64  C C   . GLY A 1 11  ? 10.22593  -0.66259  5.72329   1.000 41.80000 ? 11  GLY A C   1 
ATOM   65  O O   . GLY A 1 11  ? 10.94483  0.25127   6.13129   1.000 42.94000 ? 11  GLY A O   1 
ATOM   66  N N   . GLY A 1 12  ? 10.46046  -1.93864  6.00315   1.000 35.03000 ? 12  GLY A N   1 
ATOM   67  C CA  . GLY A 1 12  ? 11.64693  -2.33752  6.72667   1.000 33.12000 ? 12  GLY A CA  1 
ATOM   68  C C   . GLY A 1 12  ? 11.38657  -3.49576  7.66591   1.000 32.45000 ? 12  GLY A C   1 
ATOM   69  O O   . GLY A 1 12  ? 10.48373  -4.30108  7.44954   1.000 33.63000 ? 12  GLY A O   1 
ATOM   70  N N   . LEU A 1 13  ? 12.20400  -3.56954  8.71547   1.000 29.68000 ? 13  LEU A N   1 
ATOM   71  C CA  . LEU A 1 13  ? 12.08198  -4.62228  9.71382   1.000 32.94000 ? 13  LEU A CA  1 
ATOM   72  C C   . LEU A 1 13  ? 11.15508  -4.13303  10.81867  1.000 37.88000 ? 13  LEU A C   1 
ATOM   73  O O   . LEU A 1 13  ? 11.13853  -2.94904  11.16600  1.000 38.36000 ? 13  LEU A O   1 
ATOM   74  C CB  . LEU A 1 13  ? 13.44112  -4.99302  10.30864  1.000 33.79000 ? 13  LEU A CB  1 
ATOM   75  C CG  . LEU A 1 13  ? 14.17996  -6.19086  9.71606   1.000 39.02000 ? 13  LEU A CG  1 
ATOM   76  C CD1 . LEU A 1 13  ? 15.57766  -6.28825  10.29984  1.000 42.57000 ? 13  LEU A CD1 1 
ATOM   77  C CD2 . LEU A 1 13  ? 13.40385  -7.46773  9.98404   1.000 37.88000 ? 13  LEU A CD2 1 
ATOM   78  N N   . VAL A 1 14  ? 10.37890  -5.06125  11.37555  1.000 35.07000 ? 14  VAL A N   1 
ATOM   79  C CA  . VAL A 1 14  ? 9.43741   -4.73695  12.44007  1.000 35.20000 ? 14  VAL A CA  1 
ATOM   80  C C   . VAL A 1 14  ? 9.21517   -5.98550  13.28172  1.000 36.51000 ? 14  VAL A C   1 
ATOM   81  O O   . VAL A 1 14  ? 9.24066   -7.11079  12.77624  1.000 34.19000 ? 14  VAL A O   1 
ATOM   82  C CB  . VAL A 1 14  ? 8.10790   -4.18531  11.86872  1.000 36.80000 ? 14  VAL A CB  1 
ATOM   83  C CG1 . VAL A 1 14  ? 7.33249   -5.27791  11.15585  1.000 36.19000 ? 14  VAL A CG1 1 
ATOM   84  C CG2 . VAL A 1 14  ? 7.26927   -3.54085  12.96244  1.000 42.21000 ? 14  VAL A CG2 1 
ATOM   85  N N   . GLN A 1 15  ? 9.01997   -5.78019  14.58520  1.000 36.07000 ? 15  GLN A N   1 
ATOM   86  C CA  . GLN A 1 15  ? 8.74320   -6.88241  15.49197  1.000 37.37000 ? 15  GLN A CA  1 
ATOM   87  C C   . GLN A 1 15  ? 7.30179   -7.35606  15.32063  1.000 34.11000 ? 15  GLN A C   1 
ATOM   88  O O   . GLN A 1 15  ? 6.42259   -6.56648  14.97181  1.000 35.17000 ? 15  GLN A O   1 
ATOM   89  C CB  . GLN A 1 15  ? 8.96710   -6.45353  16.93906  1.000 39.78000 ? 15  GLN A CB  1 
ATOM   90  C CG  . GLN A 1 15  ? 10.38246  -6.00204  17.24817  1.000 44.88000 ? 15  GLN A CG  1 
ATOM   91  C CD  . GLN A 1 15  ? 11.38402  -7.13381  17.17105  1.000 45.29000 ? 15  GLN A CD  1 
ATOM   92  O OE1 . GLN A 1 15  ? 11.08098  -8.27270  17.52569  1.000 44.16000 ? 15  GLN A OE1 1 
ATOM   93  N NE2 . GLN A 1 15  ? 12.58550  -6.82822  16.69910  1.000 52.43000 ? 15  GLN A NE2 1 
ATOM   94  N N   . PRO A 1 16  ? 7.03800   -8.64412  15.54403  1.000 35.58000 ? 16  PRO A N   1 
ATOM   95  C CA  . PRO A 1 16  ? 5.64843   -9.11174  15.56208  1.000 33.09000 ? 16  PRO A CA  1 
ATOM   96  C C   . PRO A 1 16  ? 4.82855   -8.29647  16.55207  1.000 32.99000 ? 16  PRO A C   1 
ATOM   97  O O   . PRO A 1 16  ? 5.29241   -7.95526  17.64228  1.000 33.99000 ? 16  PRO A O   1 
ATOM   98  C CB  . PRO A 1 16  ? 5.77390   -10.57708 15.98906  1.000 34.13000 ? 16  PRO A CB  1 
ATOM   99  C CG  . PRO A 1 16  ? 7.14273   -10.97496 15.55423  1.000 37.44000 ? 16  PRO A CG  1 
ATOM   100 C CD  . PRO A 1 16  ? 7.99667   -9.74778  15.71915  1.000 34.29000 ? 16  PRO A CD  1 
ATOM   101 N N   . GLY A 1 17  ? 3.60396   -7.96134  16.15153  1.000 33.39000 ? 17  GLY A N   1 
ATOM   102 C CA  . GLY A 1 17  ? 2.78325   -7.04295  16.90621  1.000 36.86000 ? 17  GLY A CA  1 
ATOM   103 C C   . GLY A 1 17  ? 3.09669   -5.57880  16.68240  1.000 37.14000 ? 17  GLY A C   1 
ATOM   104 O O   . GLY A 1 17  ? 2.32749   -4.72287  17.13677  1.000 35.18000 ? 17  GLY A O   1 
ATOM   105 N N   . GLY A 1 18  ? 4.19198   -5.26150  15.99826  1.000 37.27000 ? 18  GLY A N   1 
ATOM   106 C CA  . GLY A 1 18  ? 4.58020   -3.88948  15.75565  1.000 34.09000 ? 18  GLY A CA  1 
ATOM   107 C C   . GLY A 1 18  ? 3.75302   -3.23496  14.66668  1.000 35.78000 ? 18  GLY A C   1 
ATOM   108 O O   . GLY A 1 18  ? 2.78658   -3.79329  14.14330  1.000 34.00000 ? 18  GLY A O   1 
ATOM   109 N N   . SER A 1 19  ? 4.15617   -2.01396  14.31938  1.000 35.94000 ? 19  SER A N   1 
ATOM   110 C CA  . SER A 1 19  ? 3.43291   -1.21118  13.34724  1.000 34.14000 ? 19  SER A CA  1 
ATOM   111 C C   . SER A 1 19  ? 4.40215   -0.56231  12.37144  1.000 36.99000 ? 19  SER A C   1 
ATOM   112 O O   . SER A 1 19  ? 5.54768   -0.25944  12.71260  1.000 37.17000 ? 19  SER A O   1 
ATOM   113 C CB  . SER A 1 19  ? 2.58947   -0.12383  14.02739  1.000 37.01000 ? 19  SER A CB  1 
ATOM   114 O OG  . SER A 1 19  ? 1.53286   -0.69063  14.78179  1.000 44.45000 ? 19  SER A OG  1 
ATOM   115 N N   . LEU A 1 20  ? 3.92160   -0.36120  11.14507  1.000 37.88000 ? 20  LEU A N   1 
ATOM   116 C CA  . LEU A 1 20  ? 4.61566   0.42098   10.13346  1.000 34.43000 ? 20  LEU A CA  1 
ATOM   117 C C   . LEU A 1 20  ? 3.58917   1.25466   9.38305   1.000 34.94000 ? 20  LEU A C   1 
ATOM   118 O O   . LEU A 1 20  ? 2.40122   0.92361   9.33987   1.000 32.96000 ? 20  LEU A O   1 
ATOM   119 C CB  . LEU A 1 20  ? 5.38391   -0.45528  9.13476   1.000 35.91000 ? 20  LEU A CB  1 
ATOM   120 C CG  . LEU A 1 20  ? 6.57155   -1.29321  9.59891   1.000 39.01000 ? 20  LEU A CG  1 
ATOM   121 C CD1 . LEU A 1 20  ? 7.00704   -2.21970  8.47440   1.000 36.67000 ? 20  LEU A CD1 1 
ATOM   122 C CD2 . LEU A 1 20  ? 7.71651   -0.39560  10.02363  1.000 41.71000 ? 20  LEU A CD2 1 
ATOM   123 N N   . ARG A 1 21  ? 4.07096   2.34424   8.81130   1.000 34.93000 ? 21  ARG A N   1 
ATOM   124 C CA  . ARG A 1 21  ? 3.23591   3.16666   7.97768   1.000 35.16000 ? 21  ARG A CA  1 
ATOM   125 C C   . ARG A 1 21  ? 3.92157   3.35114   6.63180   1.000 38.10000 ? 21  ARG A C   1 
ATOM   126 O O   . ARG A 1 21  ? 4.94299   4.03086   6.54623   1.000 38.34000 ? 21  ARG A O   1 
ATOM   127 C CB  . ARG A 1 21  ? 2.96400   4.51326   8.59832   1.000 37.73000 ? 21  ARG A CB  1 
ATOM   128 C CG  . ARG A 1 21  ? 2.09610   5.35144   7.69303   1.000 40.95000 ? 21  ARG A CG  1 
ATOM   129 C CD  . ARG A 1 21  ? 1.30366   6.33895   8.50747   1.000 51.46000 ? 21  ARG A CD  1 
ATOM   130 N NE  . ARG A 1 21  ? 1.84660   7.67392   8.32461   1.000 60.94000 ? 21  ARG A NE  1 
ATOM   131 C CZ  . ARG A 1 21  ? 1.12138   8.78215   8.36820   1.000 65.60000 ? 21  ARG A CZ  1 
ATOM   132 N NH1 . ARG A 1 21  ? -0.18093  8.70948   8.60045   1.000 62.82000 ? 21  ARG A NH1 1 
ATOM   133 N NH2 . ARG A 1 21  ? 1.69795   9.95939   8.18346   1.000 61.82000 ? 21  ARG A NH2 1 
ATOM   134 N N   . LEU A 1 22  ? 3.37744   2.76904   5.60516   1.000 31.72000 ? 22  LEU A N   1 
ATOM   135 C CA  . LEU A 1 22  ? 3.93935   2.90070   4.27296   1.000 34.19000 ? 22  LEU A CA  1 
ATOM   136 C C   . LEU A 1 22  ? 3.41214   4.16419   3.60749   1.000 31.84000 ? 22  LEU A C   1 
ATOM   137 O O   . LEU A 1 22  ? 2.28446   4.59805   3.85493   1.000 32.83000 ? 22  LEU A O   1 
ATOM   138 C CB  . LEU A 1 22  ? 3.60246   1.68494   3.41449   1.000 32.41000 ? 22  LEU A CB  1 
ATOM   139 C CG  . LEU A 1 22  ? 3.97204   0.32082   3.99333   1.000 30.77000 ? 22  LEU A CG  1 
ATOM   140 C CD1 . LEU A 1 22  ? 3.62774   -0.76782  2.99692   1.000 31.87000 ? 22  LEU A CD1 1 
ATOM   141 C CD2 . LEU A 1 22  ? 5.44289   0.26975   4.37456   1.000 30.18000 ? 22  LEU A CD2 1 
ATOM   142 N N   . SER A 1 23  ? 4.24867   4.75658   2.76355   1.000 34.03000 ? 23  SER A N   1 
ATOM   143 C CA  . SER A 1 23  ? 3.90180   5.94849   2.00608   1.000 34.25000 ? 23  SER A CA  1 
ATOM   144 C C   . SER A 1 23  ? 3.97430   5.63546   0.52145   1.000 35.82000 ? 23  SER A C   1 
ATOM   145 O O   . SER A 1 23  ? 4.87722   4.92443   0.07359   1.000 37.47000 ? 23  SER A O   1 
ATOM   146 C CB  . SER A 1 23  ? 4.84551   7.11188   2.32736   1.000 35.38000 ? 23  SER A CB  1 
ATOM   147 O OG  . SER A 1 23  ? 4.67464   7.56422   3.65515   1.000 47.76000 ? 23  SER A OG  1 
ATOM   148 N N   . CYS A 1 24  ? 3.02667   6.16977   -0.24097  1.000 34.90000 ? 24  CYS A N   1 
ATOM   149 C CA  . CYS A 1 24  ? 3.06330   6.08597   -1.69781  1.000 35.51000 ? 24  CYS A CA  1 
ATOM   150 C C   . CYS A 1 24  ? 2.85124   7.49128   -2.24504  1.000 34.11000 ? 24  CYS A C   1 
ATOM   151 O O   . CYS A 1 24  ? 1.71866   7.97810   -2.28768  1.000 32.28000 ? 24  CYS A O   1 
ATOM   152 C CB  . CYS A 1 24  ? 2.01588   5.12345   -2.23471  1.000 37.22000 ? 24  CYS A CB  1 
ATOM   153 S SG  . CYS A 1 24  ? 1.91914   5.16792   -4.03213  1.000 42.78000 ? 24  CYS A SG  1 
ATOM   154 N N   . ALA A 1 25  ? 3.94239   8.13448   -2.65261  1.000 35.56000 ? 25  ALA A N   1 
ATOM   155 C CA  . ALA A 1 25  ? 3.89601   9.47113   -3.22922  1.000 33.56000 ? 25  ALA A CA  1 
ATOM   156 C C   . ALA A 1 25  ? 3.70732   9.38206   -4.73670  1.000 33.11000 ? 25  ALA A C   1 
ATOM   157 O O   . ALA A 1 25  ? 4.23570   8.47766   -5.38919  1.000 34.39000 ? 25  ALA A O   1 
ATOM   158 C CB  . ALA A 1 25  ? 5.17624   10.23834  -2.90157  1.000 36.94000 ? 25  ALA A CB  1 
ATOM   159 N N   . SER A 1 26  ? 2.95534   10.33209  -5.28939  1.000 31.58000 ? 26  SER A N   1 
ATOM   160 C CA  . SER A 1 26  ? 2.55843   10.30388  -6.68939  1.000 30.47000 ? 26  SER A CA  1 
ATOM   161 C C   . SER A 1 26  ? 3.06683   11.54422  -7.41219  1.000 34.46000 ? 26  SER A C   1 
ATOM   162 O O   . SER A 1 26  ? 3.11109   12.63841  -6.83852  1.000 34.06000 ? 26  SER A O   1 
ATOM   163 C CB  . SER A 1 26  ? 1.03452   10.21311  -6.82248  1.000 37.24000 ? 26  SER A CB  1 
ATOM   164 O OG  . SER A 1 26  ? 0.61908   10.47995  -8.15062  1.000 32.76000 ? 26  SER A OG  1 
ATOM   165 N N   . SER A 1 27  ? 3.44420   11.36586  -8.68016  1.000 32.59000 ? 27  SER A N   1 
ATOM   166 C CA  . SER A 1 27  ? 3.90814   12.47886  -9.49878  1.000 33.85000 ? 27  SER A CA  1 
ATOM   167 C C   . SER A 1 27  ? 2.76636   13.34157  -10.01812 1.000 36.82000 ? 27  SER A C   1 
ATOM   168 O O   . SER A 1 27  ? 3.01033   14.47471  -10.44671 1.000 36.74000 ? 27  SER A O   1 
ATOM   169 C CB  . SER A 1 27  ? 4.73031   11.95752  -10.67790 1.000 35.29000 ? 27  SER A CB  1 
ATOM   170 O OG  . SER A 1 27  ? 3.92473   11.19992  -11.56433 1.000 38.32000 ? 27  SER A OG  1 
ATOM   171 N N   . VAL A 1 28  ? 1.54167   12.83232  -10.00124 1.000 38.46000 ? 28  VAL A N   1 
ATOM   172 C CA  . VAL A 1 28  ? 0.36605   13.58372  -10.42957 1.000 37.38000 ? 28  VAL A CA  1 
ATOM   173 C C   . VAL A 1 28  ? -0.53809  13.75052  -9.21899  1.000 36.83000 ? 28  VAL A C   1 
ATOM   174 O O   . VAL A 1 28  ? -0.43180  12.98890  -8.23899  1.000 32.46000 ? 28  VAL A O   1 
ATOM   175 C CB  . VAL A 1 28  ? -0.37301  12.88000  -11.59276 1.000 40.05000 ? 28  VAL A CB  1 
ATOM   176 C CG1 . VAL A 1 28  ? 0.56270   12.67267  -12.77258 1.000 38.97000 ? 28  VAL A CG1 1 
ATOM   177 C CG2 . VAL A 1 28  ? -0.96379  11.56041  -11.11915 1.000 38.90000 ? 28  VAL A CG2 1 
ATOM   178 N N   . PRO A 1 29  ? -1.43184  14.74030  -9.23720  1.000 34.90000 ? 29  PRO A N   1 
ATOM   179 C CA  . PRO A 1 29  ? -2.38547  14.88555  -8.13041  1.000 33.73000 ? 29  PRO A CA  1 
ATOM   180 C C   . PRO A 1 29  ? -3.20403  13.61411  -7.95544  1.000 39.25000 ? 29  PRO A C   1 
ATOM   181 O O   . PRO A 1 29  ? -3.72946  13.05790  -8.92156  1.000 35.76000 ? 29  PRO A O   1 
ATOM   182 C CB  . PRO A 1 29  ? -3.25616  16.07030  -8.56714  1.000 37.18000 ? 29  PRO A CB  1 
ATOM   183 C CG  . PRO A 1 29  ? -2.38416  16.84469  -9.48843  1.000 34.40000 ? 29  PRO A CG  1 
ATOM   184 C CD  . PRO A 1 29  ? -1.59270  15.81466  -10.23527 1.000 32.58000 ? 29  PRO A CD  1 
ATOM   185 N N   . ILE A 1 30  ? -3.29011  13.14042  -6.70946  1.000 37.59000 ? 30  ILE A N   1 
ATOM   186 C CA  . ILE A 1 30  ? -3.95635  11.86705  -6.46113  1.000 40.48000 ? 30  ILE A CA  1 
ATOM   187 C C   . ILE A 1 30  ? -5.44831  11.93956  -6.75715  1.000 45.48000 ? 30  ILE A C   1 
ATOM   188 O O   . ILE A 1 30  ? -6.07045  10.90453  -7.02781  1.000 44.79000 ? 30  ILE A O   1 
ATOM   189 C CB  . ILE A 1 30  ? -3.70276  11.38617  -5.01882  1.000 40.03000 ? 30  ILE A CB  1 
ATOM   190 C CG1 . ILE A 1 30  ? -4.14782  12.43407  -3.99830  1.000 36.89000 ? 30  ILE A CG1 1 
ATOM   191 C CG2 . ILE A 1 30  ? -2.23520  11.04519  -4.82383  1.000 39.13000 ? 30  ILE A CG2 1 
ATOM   192 C CD1 . ILE A 1 30  ? -3.94478  11.99302  -2.55845  1.000 43.26000 ? 30  ILE A CD1 1 
ATOM   193 N N   . PHE A 1 31  ? -6.04435  13.13422  -6.73239  1.000 44.58000 ? 31  PHE A N   1 
ATOM   194 C CA  . PHE A 1 31  ? -7.44561  13.24984  -7.12020  1.000 51.44000 ? 31  PHE A CA  1 
ATOM   195 C C   . PHE A 1 31  ? -7.65691  12.83373  -8.56905  1.000 50.11000 ? 31  PHE A C   1 
ATOM   196 O O   . PHE A 1 31  ? -8.75663  12.40857  -8.93817  1.000 54.65000 ? 31  PHE A O   1 
ATOM   197 C CB  . PHE A 1 31  ? -7.94347  14.67668  -6.89713  1.000 60.46000 ? 31  PHE A CB  1 
ATOM   198 C CG  . PHE A 1 31  ? -9.43507  14.82279  -7.02277  1.000 71.38000 ? 31  PHE A CG  1 
ATOM   199 C CD1 . PHE A 1 31  ? -10.27075 14.45713  -5.97766  1.000 67.43000 ? 31  PHE A CD1 1 
ATOM   200 C CD2 . PHE A 1 31  ? -10.00188 15.32835  -8.18256  1.000 70.17000 ? 31  PHE A CD2 1 
ATOM   201 C CE1 . PHE A 1 31  ? -11.64405 14.59174  -6.08766  1.000 71.38000 ? 31  PHE A CE1 1 
ATOM   202 C CE2 . PHE A 1 31  ? -11.37588 15.46414  -8.29971  1.000 67.56000 ? 31  PHE A CE2 1 
ATOM   203 C CZ  . PHE A 1 31  ? -12.19655 15.09522  -7.25086  1.000 70.94000 ? 31  PHE A CZ  1 
ATOM   204 N N   . ALA A 1 32  ? -6.61787  12.93508  -9.39934  1.000 43.63000 ? 32  ALA A N   1 
ATOM   205 C CA  . ALA A 1 32  ? -6.70448  12.45772  -10.77176 1.000 47.72000 ? 32  ALA A CA  1 
ATOM   206 C C   . ALA A 1 32  ? -6.66593  10.93965  -10.86890 1.000 48.59000 ? 32  ALA A C   1 
ATOM   207 O O   . ALA A 1 32  ? -6.96141  10.40026  -11.94042 1.000 47.88000 ? 32  ALA A O   1 
ATOM   208 C CB  . ALA A 1 32  ? -5.57280  13.05504  -11.61054 1.000 45.29000 ? 32  ALA A CB  1 
ATOM   209 N N   . ILE A 1 33  ? -6.31941  10.24507  -9.78988  1.000 45.93000 ? 33  ILE A N   1 
ATOM   210 C CA  . ILE A 1 33  ? -6.19432  8.79153   -9.80238  1.000 46.88000 ? 33  ILE A CA  1 
ATOM   211 C C   . ILE A 1 33  ? -7.51291  8.18256   -9.34120  1.000 51.81000 ? 33  ILE A C   1 
ATOM   212 O O   . ILE A 1 33  ? -7.97983  8.45800   -8.23010  1.000 49.30000 ? 33  ILE A O   1 
ATOM   213 C CB  . ILE A 1 33  ? -5.02633  8.32975   -8.92074  1.000 46.03000 ? 33  ILE A CB  1 
ATOM   214 C CG1 . ILE A 1 33  ? -3.70981  8.85627   -9.49443  1.000 49.01000 ? 33  ILE A CG1 1 
ATOM   215 C CG2 . ILE A 1 33  ? -5.00406  6.81441   -8.80840  1.000 46.32000 ? 33  ILE A CG2 1 
ATOM   216 C CD1 . ILE A 1 33  ? -2.50103  8.52743   -8.66384  1.000 49.70000 ? 33  ILE A CD1 1 
ATOM   217 N N   . THR A 1 34  ? -8.10990  7.34971   -10.19794 1.000 45.58000 ? 34  THR A N   1 
ATOM   218 C CA  . THR A 1 34  ? -9.43055  6.79980   -9.90721  1.000 45.66000 ? 34  THR A CA  1 
ATOM   219 C C   . THR A 1 34  ? -9.39147  5.90638   -8.67687  1.000 46.86000 ? 34  THR A C   1 
ATOM   220 O O   . THR A 1 34  ? -10.15599 6.10455   -7.72509  1.000 43.65000 ? 34  THR A O   1 
ATOM   221 C CB  . THR A 1 34  ? -9.95290  6.02284   -11.11460 1.000 50.18000 ? 34  THR A CB  1 
ATOM   222 O OG1 . THR A 1 34  ? -10.04707 6.90108   -12.24444 1.000 60.37000 ? 34  THR A OG1 1 
ATOM   223 C CG2 . THR A 1 34  ? -11.32435 5.44059   -10.81490 1.000 53.73000 ? 34  THR A CG2 1 
ATOM   224 N N   . VAL A 1 35  ? -8.50834  4.91177   -8.68444  1.000 44.75000 ? 35  VAL A N   1 
ATOM   225 C CA  . VAL A 1 35  ? -8.32667  3.99551   -7.56818  1.000 45.76000 ? 35  VAL A CA  1 
ATOM   226 C C   . VAL A 1 35  ? -6.83795  3.89846   -7.27228  1.000 44.21000 ? 35  VAL A C   1 
ATOM   227 O O   . VAL A 1 35  ? -6.03004  3.69925   -8.18706  1.000 43.87000 ? 35  VAL A O   1 
ATOM   228 C CB  . VAL A 1 35  ? -8.90521  2.59841   -7.86775  1.000 46.08000 ? 35  VAL A CB  1 
ATOM   229 C CG1 . VAL A 1 35  ? -8.66147  1.66079   -6.69535  1.000 45.46000 ? 35  VAL A CG1 1 
ATOM   230 C CG2 . VAL A 1 35  ? -10.38749 2.68789   -8.18036  1.000 51.70000 ? 35  VAL A CG2 1 
ATOM   231 N N   . MET A 1 36  ? -6.49284  4.02424   -6.00268  1.000 37.49000 ? 36  MET A N   1 
ATOM   232 C CA  . MET A 1 36  ? -5.13554  3.76741   -5.58729  1.000 36.70000 ? 36  MET A CA  1 
ATOM   233 C C   . MET A 1 36  ? -5.16848  2.58315   -4.63860  1.000 38.74000 ? 36  MET A C   1 
ATOM   234 O O   . MET A 1 36  ? -5.96083  2.53939   -3.70786  1.000 33.90000 ? 36  MET A O   1 
ATOM   235 C CB  . MET A 1 36  ? -4.55637  4.92524   -4.87999  1.000 35.58000 ? 36  MET A CB  1 
ATOM   236 C CG  . MET A 1 36  ? -3.09918  4.68964   -4.50928  1.000 44.27000 ? 36  MET A CG  1 
ATOM   237 S SD  . MET A 1 36  ? -1.97091  5.30857   -5.76728  1.000 54.33000 ? 36  MET A SD  1 
ATOM   238 C CE  . MET A 1 36  ? -2.16392  7.05830   -5.44880  1.000 42.58000 ? 36  MET A CE  1 
ATOM   239 N N   . GLY A 1 37  ? -4.29283  1.62603   -4.87423  1.000 40.44000 ? 37  GLY A N   1 
ATOM   240 C CA  . GLY A 1 37  ? -4.28334  0.42346   -4.10029  1.000 41.18000 ? 37  GLY A CA  1 
ATOM   241 C C   . GLY A 1 37  ? -2.93370  -0.03755  -3.64639  1.000 37.95000 ? 37  GLY A C   1 
ATOM   242 O O   . GLY A 1 37  ? -1.91001  0.24821   -4.26555  1.000 40.74000 ? 37  GLY A O   1 
ATOM   243 N N   . TRP A 1 38  ? -2.95179  -0.76289  -2.54151  1.000 38.14000 ? 38  TRP A N   1 
ATOM   244 C CA  . TRP A 1 38  ? -1.74537  -1.38183  -2.01281  1.000 36.44000 ? 38  TRP A CA  1 
ATOM   245 C C   . TRP A 1 38  ? -1.82357  -2.88406  -2.23874  1.000 33.54000 ? 38  TRP A C   1 
ATOM   246 O O   . TRP A 1 38  ? -2.81561  -3.51982  -1.86842  1.000 34.35000 ? 38  TRP A O   1 
ATOM   247 C CB  . TRP A 1 38  ? -1.57015  -1.08191  -0.52346  1.000 36.95000 ? 38  TRP A CB  1 
ATOM   248 C CG  . TRP A 1 38  ? -0.92152  0.23425   -0.24892  1.000 37.01000 ? 38  TRP A CG  1 
ATOM   249 C CD1 . TRP A 1 38  ? -1.54012  1.39193   0.12021   1.000 36.77000 ? 38  TRP A CD1 1 
ATOM   250 C CD2 . TRP A 1 38  ? 0.47842   0.53046   -0.31907  1.000 37.07000 ? 38  TRP A CD2 1 
ATOM   251 N NE1 . TRP A 1 38  ? -0.61202  2.39053   0.28657   1.000 33.53000 ? 38  TRP A NE1 1 
ATOM   252 C CE2 . TRP A 1 38  ? 0.63392   1.88965   0.01899   1.000 34.23000 ? 38  TRP A CE2 1 
ATOM   253 C CE3 . TRP A 1 38  ? 1.61478   -0.22078  -0.63803  1.000 34.08000 ? 38  TRP A CE3 1 
ATOM   254 C CZ2 . TRP A 1 38  ? 1.88064   2.51281   0.05186   1.000 34.34000 ? 38  TRP A CZ2 1 
ATOM   255 C CZ3 . TRP A 1 38  ? 2.85137   0.39948   -0.60661  1.000 32.71000 ? 38  TRP A CZ3 1 
ATOM   256 C CH2 . TRP A 1 38  ? 2.97383   1.75385   -0.26683  1.000 36.17000 ? 38  TRP A CH2 1 
ATOM   257 N N   . TYR A 1 39  ? -0.78875  -3.43752  -2.86093  1.000 29.70000 ? 39  TYR A N   1 
ATOM   258 C CA  . TYR A 1 39  ? -0.65873  -4.86724  -3.08075  1.000 35.43000 ? 39  TYR A CA  1 
ATOM   259 C C   . TYR A 1 39  ? 0.60688   -5.35468  -2.39153  1.000 33.63000 ? 39  TYR A C   1 
ATOM   260 O O   . TYR A 1 39  ? 1.47943   -4.56289  -2.02911  1.000 36.86000 ? 39  TYR A O   1 
ATOM   261 C CB  . TYR A 1 39  ? -0.60745  -5.20519  -4.57710  1.000 41.42000 ? 39  TYR A CB  1 
ATOM   262 C CG  . TYR A 1 39  ? -1.87079  -4.85863  -5.33663  1.000 39.53000 ? 39  TYR A CG  1 
ATOM   263 C CD1 . TYR A 1 39  ? -2.19604  -3.53824  -5.61707  1.000 41.51000 ? 39  TYR A CD1 1 
ATOM   264 C CD2 . TYR A 1 39  ? -2.73156  -5.85307  -5.78066  1.000 42.21000 ? 39  TYR A CD2 1 
ATOM   265 C CE1 . TYR A 1 39  ? -3.34865  -3.21627  -6.31035  1.000 45.01000 ? 39  TYR A CE1 1 
ATOM   266 C CE2 . TYR A 1 39  ? -3.88870  -5.54077  -6.47538  1.000 44.31000 ? 39  TYR A CE2 1 
ATOM   267 C CZ  . TYR A 1 39  ? -4.18953  -4.21924  -6.73759  1.000 46.02000 ? 39  TYR A CZ  1 
ATOM   268 O OH  . TYR A 1 39  ? -5.33431  -3.89702  -7.42810  1.000 51.26000 ? 39  TYR A OH  1 
ATOM   269 N N   . ARG A 1 40  ? 0.70186   -6.66692  -2.20700  1.000 32.02000 ? 40  ARG A N   1 
ATOM   270 C CA  . ARG A 1 40  ? 1.90480   -7.26517  -1.64921  1.000 34.74000 ? 40  ARG A CA  1 
ATOM   271 C C   . ARG A 1 40  ? 2.17960   -8.58706  -2.34619  1.000 37.63000 ? 40  ARG A C   1 
ATOM   272 O O   . ARG A 1 40  ? 1.25806   -9.27844  -2.78775  1.000 42.23000 ? 40  ARG A O   1 
ATOM   273 C CB  . ARG A 1 40  ? 1.79188   -7.48078  -0.13345  1.000 32.45000 ? 40  ARG A CB  1 
ATOM   274 C CG  . ARG A 1 40  ? 0.81887   -8.57298  0.28536   1.000 35.87000 ? 40  ARG A CG  1 
ATOM   275 C CD  . ARG A 1 40  ? 0.74616   -8.66581  1.80204   1.000 36.31000 ? 40  ARG A CD  1 
ATOM   276 N NE  . ARG A 1 40  ? -0.23567  -9.64876  2.25311   1.000 37.13000 ? 40  ARG A NE  1 
ATOM   277 C CZ  . ARG A 1 40  ? -0.58852  -9.81507  3.52308   1.000 41.78000 ? 40  ARG A CZ  1 
ATOM   278 N NH1 . ARG A 1 40  ? -0.04312  -9.06120  4.46813   1.000 35.35000 ? 40  ARG A NH1 1 
ATOM   279 N NH2 . ARG A 1 40  ? -1.48927  -10.73290 3.84835   1.000 40.87000 ? 40  ARG A NH2 1 
ATOM   280 N N   . GLN A 1 41  ? 3.46235   -8.92719  -2.45125  1.000 36.00000 ? 41  GLN A N   1 
ATOM   281 C CA  . GLN A 1 41  ? 3.86597   -10.19276 -3.05410  1.000 37.13000 ? 41  GLN A CA  1 
ATOM   282 C C   . GLN A 1 41  ? 5.13109   -10.68402 -2.37106  1.000 34.65000 ? 41  GLN A C   1 
ATOM   283 O O   . GLN A 1 41  ? 6.12856   -9.95865  -2.31091  1.000 33.90000 ? 41  GLN A O   1 
ATOM   284 C CB  . GLN A 1 41  ? 4.09585   -10.04179 -4.55885  1.000 39.09000 ? 41  GLN A CB  1 
ATOM   285 C CG  . GLN A 1 41  ? 4.44363   -11.34612 -5.26325  1.000 42.37000 ? 41  GLN A CG  1 
ATOM   286 C CD  . GLN A 1 41  ? 4.60781   -11.17284 -6.76069  1.000 46.19000 ? 41  GLN A CD  1 
ATOM   287 O OE1 . GLN A 1 41  ? 4.40655   -10.08319 -7.29767  1.000 51.10000 ? 41  GLN A OE1 1 
ATOM   288 N NE2 . GLN A 1 41  ? 4.97717   -12.24958 -7.44345  1.000 48.28000 ? 41  GLN A NE2 1 
ATOM   289 N N   . ALA A 1 42  ? 5.08150   -11.90167 -1.85026  1.000 39.41000 ? 42  ALA A N   1 
ATOM   290 C CA  . ALA A 1 42  ? 6.31798   -12.51541 -1.39707  1.000 41.79000 ? 42  ALA A CA  1 
ATOM   291 C C   . ALA A 1 42  ? 6.85553   -13.44267 -2.47809  1.000 44.48000 ? 42  ALA A C   1 
ATOM   292 O O   . ALA A 1 42  ? 6.06976   -14.08266 -3.18679  1.000 43.63000 ? 42  ALA A O   1 
ATOM   293 C CB  . ALA A 1 42  ? 6.09543   -13.30660 -0.10887  1.000 42.39000 ? 42  ALA A CB  1 
ATOM   294 N N   . PRO A 1 43  ? 8.17396   -13.51738 -2.64585  1.000 43.76000 ? 43  PRO A N   1 
ATOM   295 C CA  . PRO A 1 43  ? 8.73808   -14.39203 -3.68171  1.000 45.35000 ? 43  PRO A CA  1 
ATOM   296 C C   . PRO A 1 43  ? 8.21934   -15.81603 -3.55696  1.000 46.42000 ? 43  PRO A C   1 
ATOM   297 O O   . PRO A 1 43  ? 8.22820   -16.41097 -2.47715  1.000 48.72000 ? 43  PRO A O   1 
ATOM   298 C CB  . PRO A 1 43  ? 10.24577  -14.30779 -3.42306  1.000 40.66000 ? 43  PRO A CB  1 
ATOM   299 C CG  . PRO A 1 43  ? 10.43109  -12.95412 -2.82782  1.000 40.46000 ? 43  PRO A CG  1 
ATOM   300 C CD  . PRO A 1 43  ? 9.21698   -12.73281 -1.96359  1.000 43.31000 ? 43  PRO A CD  1 
ATOM   301 N N   . GLY A 1 44  ? 7.69415   -16.32215 -4.65160  1.000 53.50000 ? 44  GLY A N   1 
ATOM   302 C CA  . GLY A 1 44  ? 7.11903   -17.64283 -4.68844  1.000 53.11000 ? 44  GLY A CA  1 
ATOM   303 C C   . GLY A 1 44  ? 5.63152   -17.68113 -4.50474  1.000 55.79000 ? 44  GLY A C   1 
ATOM   304 O O   . GLY A 1 44  ? 5.02703   -18.70528 -4.68999  1.000 59.20000 ? 44  GLY A O   1 
ATOM   305 N N   . LYS A 1 45  ? 5.03852   -16.55641 -4.14092  1.000 51.62000 ? 45  LYS A N   1 
ATOM   306 C CA  . LYS A 1 45  ? 3.60248   -16.53222 -3.94278  1.000 50.31000 ? 45  LYS A CA  1 
ATOM   307 C C   . LYS A 1 45  ? 2.95234   -15.57339 -4.89786  1.000 46.84000 ? 45  LYS A C   1 
ATOM   308 O O   . LYS A 1 45  ? 3.61535   -14.80806 -5.59562  1.000 49.58000 ? 45  LYS A O   1 
ATOM   309 C CB  . LYS A 1 45  ? 3.27077   -16.13646 -2.52306  1.000 48.53000 ? 45  LYS A CB  1 
ATOM   310 C CG  . LYS A 1 45  ? 4.33171   -16.50388 -1.50525  1.000 56.33000 ? 45  LYS A CG  1 
ATOM   311 C CD  . LYS A 1 45  ? 4.32070   -17.99560 -1.23397  1.000 62.69000 ? 45  LYS A CD  1 
ATOM   312 C CE  . LYS A 1 45  ? 5.37938   -18.35911 -0.21306  1.000 59.77000 ? 45  LYS A CE  1 
ATOM   313 N NZ  . LYS A 1 45  ? 5.11637   -19.67730 0.42841   1.000 65.71000 ? 45  LYS A NZ  1 
ATOM   314 N N   . GLN A 1 46  ? 1.63413   -15.62443 -4.91491  1.000 52.00000 ? 46  GLN A N   1 
ATOM   315 C CA  . GLN A 1 46  ? 0.87412   -14.76254 -5.76917  1.000 52.34000 ? 46  GLN A CA  1 
ATOM   316 C C   . GLN A 1 46  ? 0.74931   -13.39364 -5.16576  1.000 51.22000 ? 46  GLN A C   1 
ATOM   317 O O   . GLN A 1 46  ? 0.72180   -13.23848 -3.98333  1.000 48.51000 ? 46  GLN A O   1 
ATOM   318 C CB  . GLN A 1 46  ? -0.50998  -15.34702 -5.94686  1.000 61.78000 ? 46  GLN A CB  1 
ATOM   319 C CG  . GLN A 1 46  ? -1.40872  -14.61986 -6.92126  1.000 63.84000 ? 46  GLN A CG  1 
ATOM   320 C CD  . GLN A 1 46  ? -2.24511  -15.56747 -7.75101  1.000 72.68000 ? 46  GLN A CD  1 
ATOM   321 O OE1 . GLN A 1 46  ? -2.06565  -16.77203 -7.69829  1.000 75.26000 ? 46  GLN A OE1 1 
ATOM   322 N NE2 . GLN A 1 46  ? -3.15085  -15.02165 -8.53100  1.000 69.70000 ? 46  GLN A NE2 1 
ATOM   323 N N   . ARG A 1 47  ? 0.66397   -12.40432 -6.01716  1.000 49.48000 ? 47  ARG A N   1 
ATOM   324 C CA  . ARG A 1 47  ? 0.43417   -11.07220 -5.59886  1.000 48.64000 ? 47  ARG A CA  1 
ATOM   325 C C   . ARG A 1 47  ? -0.96093  -10.96752 -5.06405  1.000 54.43000 ? 47  ARG A C   1 
ATOM   326 O O   . ARG A 1 47  ? -1.87485  -11.51840 -5.59314  1.000 61.01000 ? 47  ARG A O   1 
ATOM   327 C CB  . ARG A 1 47  ? 0.62621   -10.13662 -6.76377  1.000 50.50000 ? 47  ARG A CB  1 
ATOM   328 C CG  . ARG A 1 47  ? 0.31363   -8.69057  -6.48803  1.000 47.76000 ? 47  ARG A CG  1 
ATOM   329 C CD  . ARG A 1 47  ? -0.39202  -8.09652  -7.68477  1.000 55.12000 ? 47  ARG A CD  1 
ATOM   330 N NE  . ARG A 1 47  ? 0.50869   -7.99950  -8.80736  1.000 60.81000 ? 47  ARG A NE  1 
ATOM   331 C CZ  . ARG A 1 47  ? 0.14403   -7.84299  -10.06769 1.000 63.05000 ? 47  ARG A CZ  1 
ATOM   332 N NH1 . ARG A 1 47  ? -1.12992  -7.75811  -10.40587 1.000 55.29000 ? 47  ARG A NH1 1 
ATOM   333 N NH2 . ARG A 1 47  ? 1.07255   -7.78179  -10.99302 1.000 62.63000 ? 47  ARG A NH2 1 
ATOM   334 N N   . GLU A 1 48  ? -1.09655  -10.22623 -3.99728  1.000 44.75000 ? 48  GLU A N   1 
ATOM   335 C CA  . GLU A 1 48  ? -2.29820  -10.14974 -3.17843  1.000 46.80000 ? 48  GLU A CA  1 
ATOM   336 C C   . GLU A 1 48  ? -2.70726  -8.69472  -3.00621  1.000 45.53000 ? 48  GLU A C   1 
ATOM   337 O O   . GLU A 1 48  ? -1.89135  -7.86286  -2.59526  1.000 40.06000 ? 48  GLU A O   1 
ATOM   338 C CB  . GLU A 1 48  ? -2.05538  -10.80252 -1.81001  1.000 45.37000 ? 48  GLU A CB  1 
ATOM   339 C CG  . GLU A 1 48  ? -3.30895  -11.08494 -1.00001  1.000 56.22000 ? 48  GLU A CG  1 
ATOM   340 C CD  . GLU A 1 48  ? -2.99510  -11.68808 0.35879   1.000 54.83000 ? 48  GLU A CD  1 
ATOM   341 O OE1 . GLU A 1 48  ? -1.79952  -11.76908 0.71506   1.000 55.45000 ? 48  GLU A OE1 1 
ATOM   342 O OE2 . GLU A 1 48  ? -3.94224  -12.08117 1.07229   1.000 61.92000 ? 48  GLU A OE2 1 
ATOM   343 N N   . LEU A 1 49  ? -3.96271  -8.38730  -3.32762  1.000 46.25000 ? 49  LEU A N   1 
ATOM   344 C CA  . LEU A 1 49  ? -4.51263  -7.07632  -3.01042  1.000 39.79000 ? 49  LEU A CA  1 
ATOM   345 C C   . LEU A 1 49  ? -4.65602  -6.93414  -1.50201  1.000 42.55000 ? 49  LEU A C   1 
ATOM   346 O O   . LEU A 1 49  ? -5.21498  -7.81164  -0.83776  1.000 47.30000 ? 49  LEU A O   1 
ATOM   347 C CB  . LEU A 1 49  ? -5.86915  -6.88194  -3.68439  1.000 47.54000 ? 49  LEU A CB  1 
ATOM   348 C CG  . LEU A 1 49  ? -6.64787  -5.64337  -3.22706  1.000 45.35000 ? 49  LEU A CG  1 
ATOM   349 C CD1 . LEU A 1 49  ? -6.00768  -4.36761  -3.75263  1.000 42.57000 ? 49  LEU A CD1 1 
ATOM   350 C CD2 . LEU A 1 49  ? -8.10999  -5.72615  -3.64056  1.000 52.80000 ? 49  LEU A CD2 1 
ATOM   351 N N   . VAL A 1 50  ? -4.14747  -5.83580  -0.95785  1.000 34.95000 ? 50  VAL A N   1 
ATOM   352 C CA  . VAL A 1 50  ? -4.20030  -5.58228  0.47653   1.000 38.90000 ? 50  VAL A CA  1 
ATOM   353 C C   . VAL A 1 50  ? -5.26506  -4.55444  0.82109   1.000 38.16000 ? 50  VAL A C   1 
ATOM   354 O O   . VAL A 1 50  ? -6.10862  -4.78723  1.68688   1.000 36.28000 ? 50  VAL A O   1 
ATOM   355 C CB  . VAL A 1 50  ? -2.81165  -5.14763  0.99542   1.000 41.75000 ? 50  VAL A CB  1 
ATOM   356 C CG1 . VAL A 1 50  ? -2.92869  -4.51685  2.37021   1.000 36.99000 ? 50  VAL A CG1 1 
ATOM   357 C CG2 . VAL A 1 50  ? -1.88490  -6.34097  1.04772   1.000 33.86000 ? 50  VAL A CG2 1 
ATOM   358 N N   . ALA A 1 51  ? -5.24390  -3.40886  0.14690   1.000 36.77000 ? 51  ALA A N   1 
ATOM   359 C CA  . ALA A 1 51  ? -6.20009  -2.35102  0.42723   1.000 35.54000 ? 51  ALA A CA  1 
ATOM   360 C C   . ALA A 1 51  ? -6.27335  -1.43125  -0.78058  1.000 36.93000 ? 51  ALA A C   1 
ATOM   361 O O   . ALA A 1 51  ? -5.30096  -1.28341  -1.52391  1.000 35.66000 ? 51  ALA A O   1 
ATOM   362 C CB  . ALA A 1 51  ? -5.81530  -1.56417  1.68493   1.000 30.62000 ? 51  ALA A CB  1 
ATOM   363 N N   . GLY A 1 52  ? -7.44419  -0.83055  -0.97237  1.000 37.16000 ? 52  GLY A N   1 
ATOM   364 C CA  . GLY A 1 52  ? -7.63183  0.12713   -2.04075  1.000 36.22000 ? 52  GLY A CA  1 
ATOM   365 C C   . GLY A 1 52  ? -8.44981  1.30155   -1.54602  1.000 39.49000 ? 52  GLY A C   1 
ATOM   366 O O   . GLY A 1 52  ? -9.14988  1.21575   -0.53501  1.000 39.45000 ? 52  GLY A O   1 
ATOM   367 N N   . ILE A 1 53  ? -8.34650  2.41098   -2.27255  1.000 39.22000 ? 53  ILE A N   1 
ATOM   368 C CA  . ILE A 1 53  ? -9.07471  3.61708   -1.89546  1.000 39.93000 ? 53  ILE A CA  1 
ATOM   369 C C   . ILE A 1 53  ? -9.46833  4.36157   -3.16514  1.000 46.22000 ? 53  ILE A C   1 
ATOM   370 O O   . ILE A 1 53  ? -8.63459  4.60943   -4.04285  1.000 37.10000 ? 53  ILE A O   1 
ATOM   371 C CB  . ILE A 1 53  ? -8.25378  4.50278   -0.93208  1.000 38.88000 ? 53  ILE A CB  1 
ATOM   372 C CG1 . ILE A 1 53  ? -9.09051  5.68125   -0.43317  1.000 41.41000 ? 53  ILE A CG1 1 
ATOM   373 C CG2 . ILE A 1 53  ? -6.94689  4.97350   -1.56779  1.000 38.85000 ? 53  ILE A CG2 1 
ATOM   374 C CD1 . ILE A 1 53  ? -8.46541  6.41072   0.73436   1.000 38.90000 ? 53  ILE A CD1 1 
ATOM   375 N N   . LYS A 1 54  ? -10.73160 4.71551   -3.27259  1.000 42.01000 ? 54  LYS A N   1 
ATOM   376 C CA  . LYS A 1 54  ? -11.21809 5.39484   -4.44301  1.000 47.06000 ? 54  LYS A CA  1 
ATOM   377 C C   . LYS A 1 54  ? -11.10865 6.88670   -4.28758  1.000 45.44000 ? 54  LYS A C   1 
ATOM   378 O O   . LYS A 1 54  ? -10.86399 7.36608   -3.21993  1.000 41.32000 ? 54  LYS A O   1 
ATOM   379 C CB  . LYS A 1 54  ? -12.65987 5.00292   -4.69910  1.000 49.35000 ? 54  LYS A CB  1 
ATOM   380 C CG  . LYS A 1 54  ? -12.84623 3.56446   -5.10953  1.000 51.55000 ? 54  LYS A CG  1 
ATOM   381 C CD  . LYS A 1 54  ? -14.20257 3.06524   -4.69920  1.000 58.16000 ? 54  LYS A CD  1 
ATOM   382 C CE  . LYS A 1 54  ? -14.92529 2.44226   -5.86808  1.000 65.30000 ? 54  LYS A CE  1 
ATOM   383 N NZ  . LYS A 1 54  ? -16.33152 2.04132   -5.56836  1.000 70.42000 ? 54  LYS A NZ  1 
ATOM   384 N N   . ARG A 1 55  ? -11.28493 7.60997   -5.38153  1.000 45.80000 ? 55  ARG A N   1 
ATOM   385 C CA  . ARG A 1 55  ? -11.26957 9.06652   -5.32755  1.000 45.00000 ? 55  ARG A CA  1 
ATOM   386 C C   . ARG A 1 55  ? -12.24221 9.57850   -4.27419  1.000 42.69000 ? 55  ARG A C   1 
ATOM   387 O O   . ARG A 1 55  ? -11.95115 10.54937  -3.56586  1.000 45.62000 ? 55  ARG A O   1 
ATOM   388 C CB  . ARG A 1 55  ? -11.60925 9.64076   -6.70415  1.000 44.80000 ? 55  ARG A CB  1 
ATOM   389 C CG  . ARG A 1 55  ? -11.62580 11.15663  -6.76857  1.000 57.36000 ? 55  ARG A CG  1 
ATOM   390 C CD  . ARG A 1 55  ? -12.34437 11.66468  -8.01845  1.000 61.21000 ? 55  ARG A CD  1 
ATOM   391 N NE  . ARG A 1 55  ? -11.67547 11.27325  -9.25718  1.000 68.58000 ? 55  ARG A NE  1 
ATOM   392 C CZ  . ARG A 1 55  ? -12.08176 10.28526  -10.05013 1.000 72.82000 ? 55  ARG A CZ  1 
ATOM   393 N NH1 . ARG A 1 55  ? -13.16073 9.58101   -9.73528  1.000 72.75000 ? 55  ARG A NH1 1 
ATOM   394 N NH2 . ARG A 1 55  ? -11.40965 10.00282  -11.15933 1.000 62.38000 ? 55  ARG A NH2 1 
ATOM   395 N N   . SER A 1 56  ? -13.39314 8.91324   -4.14015  1.000 51.52000 ? 56  SER A N   1 
ATOM   396 C CA  . SER A 1 56  ? -14.39070 9.31333   -3.15341  1.000 52.15000 ? 56  SER A CA  1 
ATOM   397 C C   . SER A 1 56  ? -13.87763 9.15404   -1.72940  1.000 51.72000 ? 56  SER A C   1 
ATOM   398 O O   . SER A 1 56  ? -14.27369 9.91317   -0.83834  1.000 55.92000 ? 56  SER A O   1 
ATOM   399 C CB  . SER A 1 56  ? -15.66574 8.49020   -3.33739  1.000 52.83000 ? 56  SER A CB  1 
ATOM   400 O OG  . SER A 1 56  ? -15.45054 7.13626   -2.96840  1.000 49.02000 ? 56  SER A OG  1 
ATOM   401 N N   . GLY A 1 57  ? -13.00689 8.17726   -1.49375  1.000 52.54000 ? 57  GLY A N   1 
ATOM   402 C CA  . GLY A 1 57  ? -12.55542 7.83790   -0.16058  1.000 51.27000 ? 57  GLY A CA  1 
ATOM   403 C C   . GLY A 1 57  ? -13.01683 6.48076   0.31572   1.000 49.91000 ? 57  GLY A C   1 
ATOM   404 O O   . GLY A 1 57  ? -12.59984 6.04628   1.39840   1.000 51.23000 ? 57  GLY A O   1 
ATOM   405 N N   . ASP A 1 58  ? -13.87183 5.80491   -0.45092  1.000 50.99000 ? 58  ASP A N   1 
ATOM   406 C CA  . ASP A 1 58  ? -14.27584 4.44691   -0.11506  1.000 53.81000 ? 58  ASP A CA  1 
ATOM   407 C C   . ASP A 1 58  ? -13.05803 3.53653   -0.06845  1.000 52.16000 ? 58  ASP A C   1 
ATOM   408 O O   . ASP A 1 58  ? -12.24801 3.51462   -1.00034  1.000 49.19000 ? 58  ASP A O   1 
ATOM   409 C CB  . ASP A 1 58  ? -15.28023 3.91965   -1.13875  1.000 49.55000 ? 58  ASP A CB  1 
ATOM   410 C CG  . ASP A 1 58  ? -16.57209 4.70921   -1.15663  1.000 60.73000 ? 58  ASP A CG  1 
ATOM   411 O OD1 . ASP A 1 58  ? -16.74136 5.61198   -0.30907  1.000 53.49000 ? 58  ASP A OD1 1 
ATOM   412 O OD2 . ASP A 1 58  ? -17.41818 4.41967   -2.02808  1.000 61.15000 ? 58  ASP A OD2 1 
ATOM   413 N N   . THR A 1 59  ? -12.93323 2.78121   1.01654   1.000 51.08000 ? 59  THR A N   1 
ATOM   414 C CA  . THR A 1 59  ? -11.80546 1.88600   1.22147   1.000 43.35000 ? 59  THR A CA  1 
ATOM   415 C C   . THR A 1 59  ? -12.28943 0.44580   1.27174   1.000 48.63000 ? 59  THR A C   1 
ATOM   416 O O   . THR A 1 59  ? -13.35206 0.15734   1.83159   1.000 50.83000 ? 59  THR A O   1 
ATOM   417 C CB  . THR A 1 59  ? -11.05506 2.22757   2.51080   1.000 45.46000 ? 59  THR A CB  1 
ATOM   418 O OG1 . THR A 1 59  ? -11.95101 2.13433   3.62501   1.000 46.78000 ? 59  THR A OG1 1 
ATOM   419 C CG2 . THR A 1 59  ? -10.48601 3.63631   2.43694   1.000 41.26000 ? 59  THR A CG2 1 
ATOM   420 N N   . ASN A 1 60  ? -11.51038 -0.44939  0.67044   1.000 45.62000 ? 60  ASN A N   1 
ATOM   421 C CA  . ASN A 1 60  ? -11.74827 -1.88407  0.73622   1.000 46.67000 ? 60  ASN A CA  1 
ATOM   422 C C   . ASN A 1 60  ? -10.45646 -2.57207  1.14527   1.000 45.03000 ? 60  ASN A C   1 
ATOM   423 O O   . ASN A 1 60  ? -9.37073  -2.17326  0.71672   1.000 44.16000 ? 60  ASN A O   1 
ATOM   424 C CB  . ASN A 1 60  ? -12.24105 -2.44573  -0.60341  1.000 47.27000 ? 60  ASN A CB  1 
ATOM   425 C CG  . ASN A 1 60  ? -11.22112 -2.28777  -1.71326  1.000 52.59000 ? 60  ASN A CG  1 
ATOM   426 O OD1 . ASN A 1 60  ? -10.63618 -1.21992  -1.88758  1.000 54.19000 ? 60  ASN A OD1 1 
ATOM   427 N ND2 . ASN A 1 60  ? -10.99742 -3.35752  -2.46737  1.000 49.42000 ? 60  ASN A ND2 1 
ATOM   428 N N   . TYR A 1 61  ? -10.57718 -3.60036  1.97954   1.000 42.98000 ? 61  TYR A N   1 
ATOM   429 C CA  . TYR A 1 61  ? -9.42355  -4.30708  2.51213   1.000 41.34000 ? 61  TYR A CA  1 
ATOM   430 C C   . TYR A 1 61  ? -9.57991  -5.79996  2.28082   1.000 39.59000 ? 61  TYR A C   1 
ATOM   431 O O   . TYR A 1 61  ? -10.69553 -6.32651  2.25342   1.000 40.55000 ? 61  TYR A O   1 
ATOM   432 C CB  . TYR A 1 61  ? -9.24564  -4.05340  4.01299   1.000 40.50000 ? 61  TYR A CB  1 
ATOM   433 C CG  . TYR A 1 61  ? -9.09723  -2.60038  4.39107   1.000 40.96000 ? 61  TYR A CG  1 
ATOM   434 C CD1 . TYR A 1 61  ? -10.21258 -1.80283  4.61229   1.000 40.06000 ? 61  TYR A CD1 1 
ATOM   435 C CD2 . TYR A 1 61  ? -7.84234  -2.02793  4.53713   1.000 43.24000 ? 61  TYR A CD2 1 
ATOM   436 C CE1 . TYR A 1 61  ? -10.08007 -0.47074  4.96292   1.000 44.62000 ? 61  TYR A CE1 1 
ATOM   437 C CE2 . TYR A 1 61  ? -7.70004  -0.69883  4.88672   1.000 43.71000 ? 61  TYR A CE2 1 
ATOM   438 C CZ  . TYR A 1 61  ? -8.82122  0.07349   5.09972   1.000 42.63000 ? 61  TYR A CZ  1 
ATOM   439 O OH  . TYR A 1 61  ? -8.68129  1.39560   5.45091   1.000 43.13000 ? 61  TYR A OH  1 
ATOM   440 N N   . ALA A 1 62  ? -8.44837  -6.47896  2.11600   1.000 37.88000 ? 62  ALA A N   1 
ATOM   441 C CA  . ALA A 1 62  ? -8.46452  -7.93233  2.13634   1.000 41.65000 ? 62  ALA A CA  1 
ATOM   442 C C   . ALA A 1 62  ? -8.91532  -8.41350  3.51082   1.000 41.21000 ? 62  ALA A C   1 
ATOM   443 O O   . ALA A 1 62  ? -8.71262  -7.73784  4.52418   1.000 33.91000 ? 62  ALA A O   1 
ATOM   444 C CB  . ALA A 1 62  ? -7.08214  -8.49135  1.79979   1.000 41.52000 ? 62  ALA A CB  1 
ATOM   445 N N   . ASP A 1 63  ? -9.55213  -9.58726  3.53541   1.000 43.54000 ? 63  ASP A N   1 
ATOM   446 C CA  . ASP A 1 63  ? -10.06784 -10.12740 4.79468   1.000 42.19000 ? 63  ASP A CA  1 
ATOM   447 C C   . ASP A 1 63  ? -8.94177  -10.26559 5.80959   1.000 37.65000 ? 63  ASP A C   1 
ATOM   448 O O   . ASP A 1 63  ? -9.11794  -9.94898  6.99105   1.000 43.91000 ? 63  ASP A O   1 
ATOM   449 C CB  . ASP A 1 63  ? -10.78400 -11.44874 4.55104   1.000 44.24000 ? 63  ASP A CB  1 
ATOM   450 C CG  . ASP A 1 63  ? -12.15660 -11.26638 3.92784   1.000 54.93000 ? 63  ASP A CG  1 
ATOM   451 O OD1 . ASP A 1 63  ? -12.56554 -10.10739 3.70923   1.000 52.91000 ? 63  ASP A OD1 1 
ATOM   452 O OD2 . ASP A 1 63  ? -12.82856 -12.28520 3.65955   1.000 60.13000 ? 63  ASP A OD2 1 
ATOM   453 N N   . SER A 1 64  ? -7.77311  -10.73141 5.36681   1.000 36.06000 ? 64  SER A N   1 
ATOM   454 C CA  . SER A 1 64  ? -6.66943  -10.96539 6.29347   1.000 39.48000 ? 64  SER A CA  1 
ATOM   455 C C   . SER A 1 64  ? -6.14874  -9.68774  6.95053   1.000 37.62000 ? 64  SER A C   1 
ATOM   456 O O   . SER A 1 64  ? -5.50523  -9.77096  8.00164   1.000 36.16000 ? 64  SER A O   1 
ATOM   457 C CB  . SER A 1 64  ? -5.52172  -11.66995 5.57115   1.000 42.49000 ? 64  SER A CB  1 
ATOM   458 O OG  . SER A 1 64  ? -4.98059  -10.85463 4.54947   1.000 46.56000 ? 64  SER A OG  1 
ATOM   459 N N   . VAL A 1 65  ? -6.43615  -8.52619  6.40254   1.000 34.46000 ? 65  VAL A N   1 
ATOM   460 C CA  . VAL A 1 65  ? -5.92972  -7.29507  6.95970   1.000 34.19000 ? 65  VAL A CA  1 
ATOM   461 C C   . VAL A 1 65  ? -6.97822  -6.36311  7.51589   1.000 35.63000 ? 65  VAL A C   1 
ATOM   462 O O   . VAL A 1 65  ? -6.66627  -5.37609  8.09575   1.000 40.25000 ? 65  VAL A O   1 
ATOM   463 C CB  . VAL A 1 65  ? -5.05686  -6.55926  5.96394   1.000 35.05000 ? 65  VAL A CB  1 
ATOM   464 C CG1 . VAL A 1 65  ? -4.04489  -7.49053  5.39324   1.000 39.59000 ? 65  VAL A CG1 1 
ATOM   465 C CG2 . VAL A 1 65  ? -5.86168  -5.91228  4.87461   1.000 36.14000 ? 65  VAL A CG2 1 
ATOM   466 N N   . LYS A 1 66  ? -8.22381  -6.73090  7.33963   1.000 33.85000 ? 66  LYS A N   1 
ATOM   467 C CA  . LYS A 1 66  ? -9.27792  -5.91979  7.87284   1.000 37.16000 ? 66  LYS A CA  1 
ATOM   468 C C   . LYS A 1 66  ? -9.14442  -5.75232  9.36429   1.000 38.74000 ? 66  LYS A C   1 
ATOM   469 O O   . LYS A 1 66  ? -9.01212  -6.72387  10.11377  1.000 34.50000 ? 66  LYS A O   1 
ATOM   470 C CB  . LYS A 1 66  ? -10.59576 -6.61228  7.60965   1.000 40.50000 ? 66  LYS A CB  1 
ATOM   471 C CG  . LYS A 1 66  ? -11.71632 -5.68214  7.22950   1.000 49.23000 ? 66  LYS A CG  1 
ATOM   472 C CD  . LYS A 1 66  ? -12.73361 -6.48435  6.45802   1.000 54.88000 ? 66  LYS A CD  1 
ATOM   473 C CE  . LYS A 1 66  ? -12.20550 -6.87951  5.09058   1.000 54.93000 ? 66  LYS A CE  1 
ATOM   474 N NZ  . LYS A 1 66  ? -13.29543 -7.03204  4.08743   1.000 50.72000 ? 66  LYS A NZ  1 
ATOM   475 N N   . GLY A 1 67  ? -9.21218  -4.50628  9.79825   1.000 40.70000 ? 67  GLY A N   1 
ATOM   476 C CA  . GLY A 1 67  ? -9.14335  -4.21664  11.19723  1.000 36.17000 ? 67  GLY A CA  1 
ATOM   477 C C   . GLY A 1 67  ? -7.74748  -4.04782  11.72421  1.000 39.98000 ? 67  GLY A C   1 
ATOM   478 O O   . GLY A 1 67  ? -7.55020  -3.64380  12.86903  1.000 40.11000 ? 67  GLY A O   1 
ATOM   479 N N   . ARG A 1 68  ? -6.77716  -4.36258  10.87723  1.000 34.77000 ? 68  ARG A N   1 
ATOM   480 C CA  . ARG A 1 68  ? -5.39703  -4.17766  11.21510  1.000 33.28000 ? 68  ARG A CA  1 
ATOM   481 C C   . ARG A 1 68  ? -4.75336  -3.07735  10.38062  1.000 38.19000 ? 68  ARG A C   1 
ATOM   482 O O   . ARG A 1 68  ? -3.98280  -2.32950  10.88978  1.000 35.51000 ? 68  ARG A O   1 
ATOM   483 C CB  . ARG A 1 68  ? -4.62144  -5.46158  10.99702  1.000 34.41000 ? 68  ARG A CB  1 
ATOM   484 C CG  . ARG A 1 68  ? -5.09094  -6.64005  11.81833  1.000 35.22000 ? 68  ARG A CG  1 
ATOM   485 C CD  . ARG A 1 68  ? -4.08484  -7.76545  11.80924  1.000 36.99000 ? 68  ARG A CD  1 
ATOM   486 N NE  . ARG A 1 68  ? -3.89266  -8.35089  10.51017  1.000 30.27000 ? 68  ARG A NE  1 
ATOM   487 C CZ  . ARG A 1 68  ? -2.72386  -8.53079  9.94987   1.000 33.15000 ? 68  ARG A CZ  1 
ATOM   488 N NH1 . ARG A 1 68  ? -1.64470  -8.17145  10.54913  1.000 34.15000 ? 68  ARG A NH1 1 
ATOM   489 N NH2 . ARG A 1 68  ? -2.64063  -9.08286  8.79663   1.000 32.97000 ? 68  ARG A NH2 1 
ATOM   490 N N   . PHE A 1 69  ? -5.08180  -3.01616  9.09843   1.000 37.36000 ? 69  PHE A N   1 
ATOM   491 C CA  . PHE A 1 69  ? -4.49779  -2.03885  8.18965   1.000 37.46000 ? 69  PHE A CA  1 
ATOM   492 C C   . PHE A 1 69  ? -5.50928  -0.94268  7.88388   1.000 38.40000 ? 69  PHE A C   1 
ATOM   493 O O   . PHE A 1 69  ? -6.72326  -1.16369  7.92611   1.000 35.88000 ? 69  PHE A O   1 
ATOM   494 C CB  . PHE A 1 69  ? -4.04209  -2.68573  6.87258   1.000 34.37000 ? 69  PHE A CB  1 
ATOM   495 C CG  . PHE A 1 69  ? -2.88743  -3.65432  7.01292   1.000 36.48000 ? 69  PHE A CG  1 
ATOM   496 C CD1 . PHE A 1 69  ? -2.38772  -4.01016  8.25597   1.000 38.87000 ? 69  PHE A CD1 1 
ATOM   497 C CD2 . PHE A 1 69  ? -2.29959  -4.20150  5.88427   1.000 34.10000 ? 69  PHE A CD2 1 
ATOM   498 C CE1 . PHE A 1 69  ? -1.33220  -4.90119  8.36877   1.000 40.12000 ? 69  PHE A CE1 1 
ATOM   499 C CE2 . PHE A 1 69  ? -1.24315  -5.08883  5.99018   1.000 37.84000 ? 69  PHE A CE2 1 
ATOM   500 C CZ  . PHE A 1 69  ? -0.75944  -5.43941  7.23175   1.000 36.45000 ? 69  PHE A CZ  1 
ATOM   501 N N   . THR A 1 70  ? -4.99553  0.24585   7.56433   1.000 37.21000 ? 70  THR A N   1 
ATOM   502 C CA  . THR A 1 70  ? -5.83007  1.38446   7.19965   1.000 34.36000 ? 70  THR A CA  1 
ATOM   503 C C   . THR A 1 70  ? -5.16825  2.13164   6.05348   1.000 37.06000 ? 70  THR A C   1 
ATOM   504 O O   . THR A 1 70  ? -4.02555  2.58170   6.18389   1.000 36.23000 ? 70  THR A O   1 
ATOM   505 C CB  . THR A 1 70  ? -6.04398  2.32720   8.38789   1.000 36.73000 ? 70  THR A CB  1 
ATOM   506 O OG1 . THR A 1 70  ? -6.74321  1.63910   9.42903   1.000 44.36000 ? 70  THR A OG1 1 
ATOM   507 C CG2 . THR A 1 70  ? -6.85082  3.54297   7.95847   1.000 38.92000 ? 70  THR A CG2 1 
ATOM   508 N N   . ILE A 1 71  ? -5.88147  2.26272   4.94114   1.000 37.22000 ? 71  ILE A N   1 
ATOM   509 C CA  . ILE A 1 71  ? -5.41916  3.03327   3.79174   1.000 33.87000 ? 71  ILE A CA  1 
ATOM   510 C C   . ILE A 1 71  ? -6.11290  4.39008   3.81557   1.000 39.46000 ? 71  ILE A C   1 
ATOM   511 O O   . ILE A 1 71  ? -7.29349  4.48983   4.17420   1.000 34.73000 ? 71  ILE A O   1 
ATOM   512 C CB  . ILE A 1 71  ? -5.68259  2.27487   2.47460   1.000 34.64000 ? 71  ILE A CB  1 
ATOM   513 C CG1 . ILE A 1 71  ? -5.10507  3.03157   1.27878   1.000 39.32000 ? 71  ILE A CG1 1 
ATOM   514 C CG2 . ILE A 1 71  ? -7.17072  2.00352   2.28205   1.000 38.94000 ? 71  ILE A CG2 1 
ATOM   515 C CD1 . ILE A 1 71  ? -5.15005  2.23977   -0.00941  1.000 38.04000 ? 71  ILE A CD1 1 
ATOM   516 N N   . SER A 1 72  ? -5.37608  5.44250   3.45923   1.000 39.29000 ? 72  SER A N   1 
ATOM   517 C CA  . SER A 1 72  ? -5.90540  6.79743   3.53455   1.000 41.02000 ? 72  SER A CA  1 
ATOM   518 C C   . SER A 1 72  ? -5.24542  7.67361   2.47877   1.000 42.74000 ? 72  SER A C   1 
ATOM   519 O O   . SER A 1 72  ? -4.11374  7.41792   2.05933   1.000 42.46000 ? 72  SER A O   1 
ATOM   520 C CB  . SER A 1 72  ? -5.68983  7.40514   4.92607   1.000 39.86000 ? 72  SER A CB  1 
ATOM   521 O OG  . SER A 1 72  ? -4.31157  7.46728   5.25188   1.000 41.65000 ? 72  SER A OG  1 
ATOM   522 N N   . ARG A 1 73  ? -5.96738  8.71015   2.05666   1.000 40.68000 ? 73  ARG A N   1 
ATOM   523 C CA  . ARG A 1 73  ? -5.46246  9.70634   1.11760   1.000 39.99000 ? 73  ARG A CA  1 
ATOM   524 C C   . ARG A 1 73  ? -5.07395  10.97046  1.87218   1.000 46.04000 ? 73  ARG A C   1 
ATOM   525 O O   . ARG A 1 73  ? -5.87263  11.50490  2.64750   1.000 46.68000 ? 73  ARG A O   1 
ATOM   526 C CB  . ARG A 1 73  ? -6.51028  10.05126  0.05520   1.000 41.96000 ? 73  ARG A CB  1 
ATOM   527 C CG  . ARG A 1 73  ? -6.61428  9.07966   -1.11143  1.000 43.99000 ? 73  ARG A CG  1 
ATOM   528 C CD  . ARG A 1 73  ? -7.76936  9.46467   -2.03811  1.000 48.46000 ? 73  ARG A CD  1 
ATOM   529 N NE  . ARG A 1 73  ? -8.03550  8.43658   -3.04399  1.000 45.86000 ? 73  ARG A NE  1 
ATOM   530 C CZ  . ARG A 1 73  ? -7.79195  8.57125   -4.34477  1.000 54.22000 ? 73  ARG A CZ  1 
ATOM   531 N NH1 . ARG A 1 73  ? -7.28485  9.70245   -4.81852  1.000 49.81000 ? 73  ARG A NH1 1 
ATOM   532 N NH2 . ARG A 1 73  ? -8.06772  7.57423   -5.17587  1.000 49.24000 ? 73  ARG A NH2 1 
ATOM   533 N N   . ASP A 1 74  ? -3.85385  11.44717  1.64082   1.000 43.22000 ? 74  ASP A N   1 
ATOM   534 C CA  . ASP A 1 74  ? -3.40215  12.74590  2.13339   1.000 39.68000 ? 74  ASP A CA  1 
ATOM   535 C C   . ASP A 1 74  ? -3.25027  13.64748  0.91194   1.000 42.47000 ? 74  ASP A C   1 
ATOM   536 O O   . ASP A 1 74  ? -2.21826  13.62179  0.23542   1.000 38.35000 ? 74  ASP A O   1 
ATOM   537 C CB  . ASP A 1 74  ? -2.09786  12.62740  2.91289   1.000 39.62000 ? 74  ASP A CB  1 
ATOM   538 C CG  . ASP A 1 74  ? -1.71590  13.92048  3.62018   1.000 38.76000 ? 74  ASP A CG  1 
ATOM   539 O OD1 . ASP A 1 74  ? -1.95060  15.01573  3.06347   1.000 46.04000 ? 74  ASP A OD1 1 
ATOM   540 O OD2 . ASP A 1 74  ? -1.17881  13.84038  4.74403   1.000 49.85000 ? 74  ASP A OD2 1 
ATOM   541 N N   . ASP A 1 75  ? -4.28486  14.44423  0.63515   1.000 40.10000 ? 75  ASP A N   1 
ATOM   542 C CA  . ASP A 1 75  ? -4.27408  15.28593  -0.55799  1.000 37.57000 ? 75  ASP A CA  1 
ATOM   543 C C   . ASP A 1 75  ? -3.18080  16.34629  -0.48759  1.000 37.95000 ? 75  ASP A C   1 
ATOM   544 O O   . ASP A 1 75  ? -2.54354  16.65439  -1.50191  1.000 38.86000 ? 75  ASP A O   1 
ATOM   545 C CB  . ASP A 1 75  ? -5.64303  15.93718  -0.74403  1.000 42.51000 ? 75  ASP A CB  1 
ATOM   546 C CG  . ASP A 1 75  ? -6.74092  14.92296  -0.99013  1.000 47.03000 ? 75  ASP A CG  1 
ATOM   547 O OD1 . ASP A 1 75  ? -6.61578  14.12842  -1.94568  1.000 49.45000 ? 75  ASP A OD1 1 
ATOM   548 O OD2 . ASP A 1 75  ? -7.72488  14.91549  -0.22156  1.000 59.56000 ? 75  ASP A OD2 1 
ATOM   549 N N   . ALA A 1 76  ? -2.95025  16.91562  0.69748   1.000 39.27000 ? 76  ALA A N   1 
ATOM   550 C CA  . ALA A 1 76  ? -1.95954  17.97828  0.82834   1.000 38.19000 ? 76  ALA A CA  1 
ATOM   551 C C   . ALA A 1 76  ? -0.53764  17.49757  0.56974   1.000 41.28000 ? 76  ALA A C   1 
ATOM   552 O O   . ALA A 1 76  ? 0.25648   18.18592  -0.08154  1.000 39.83000 ? 76  ALA A O   1 
ATOM   553 C CB  . ALA A 1 76  ? -2.01447  18.57646  2.23322   1.000 40.13000 ? 76  ALA A CB  1 
ATOM   554 N N   . LYS A 1 77  ? -0.19735  16.30970  1.07491   1.000 37.50000 ? 77  LYS A N   1 
ATOM   555 C CA  . LYS A 1 77  ? 1.11492   15.72856  0.82993   1.000 37.95000 ? 77  LYS A CA  1 
ATOM   556 C C   . LYS A 1 77  ? 1.13658   14.96780  -0.48759  1.000 33.30000 ? 77  LYS A C   1 
ATOM   557 O O   . LYS A 1 77  ? 2.21148   14.52583  -0.90608  1.000 34.71000 ? 77  LYS A O   1 
ATOM   558 C CB  . LYS A 1 77  ? 1.51309   14.78127  1.96817   1.000 34.13000 ? 77  LYS A CB  1 
ATOM   559 C CG  . LYS A 1 77  ? 1.71877   15.46201  3.31053   1.000 37.10000 ? 77  LYS A CG  1 
ATOM   560 C CD  . LYS A 1 77  ? 2.05189   14.44286  4.38991   1.000 44.86000 ? 77  LYS A CD  1 
ATOM   561 C CE  . LYS A 1 77  ? 2.33347   15.10927  5.72682   1.000 44.97000 ? 77  LYS A CE  1 
ATOM   562 N NZ  . LYS A 1 77  ? 2.60424   14.09979  6.79192   1.000 53.07000 ? 77  LYS A NZ  1 
ATOM   563 N N   . ASN A 1 78  ? -0.01296  14.81524  -1.14697  1.000 31.72000 ? 78  ASN A N   1 
ATOM   564 C CA  . ASN A 1 78  ? -0.12916  14.04526  -2.38486  1.000 32.98000 ? 78  ASN A CA  1 
ATOM   565 C C   . ASN A 1 78  ? 0.39547   12.61913  -2.23429  1.000 35.30000 ? 78  ASN A C   1 
ATOM   566 O O   . ASN A 1 78  ? 1.04913   12.06731  -3.12227  1.000 30.26000 ? 78  ASN A O   1 
ATOM   567 C CB  . ASN A 1 78  ? 0.53037   14.77055  -3.55892  1.000 30.95000 ? 78  ASN A CB  1 
ATOM   568 C CG  . ASN A 1 78  ? -0.04411  14.34627  -4.89759  1.000 35.74000 ? 78  ASN A CG  1 
ATOM   569 O OD1 . ASN A 1 78  ? -1.26075  14.29046  -5.07222  1.000 34.49000 ? 78  ASN A OD1 1 
ATOM   570 N ND2 . ASN A 1 78  ? 0.83013   14.03048  -5.84615  1.000 34.81000 ? 78  ASN A ND2 1 
ATOM   571 N N   . THR A 1 79  ? 0.09693   12.02656  -1.08115  1.000 32.37000 ? 79  THR A N   1 
ATOM   572 C CA  . THR A 1 79  ? 0.57001   10.70056  -0.71758  1.000 38.26000 ? 79  THR A CA  1 
ATOM   573 C C   . THR A 1 79  ? -0.58913  9.86097   -0.20306  1.000 38.21000 ? 79  THR A C   1 
ATOM   574 O O   . THR A 1 79  ? -1.49562  10.38006  0.45504   1.000 32.21000 ? 79  THR A O   1 
ATOM   575 C CB  . THR A 1 79  ? 1.65821   10.82431  0.36334   1.000 35.85000 ? 79  THR A CB  1 
ATOM   576 O OG1 . THR A 1 79  ? 2.72818   11.64321  -0.12451  1.000 35.61000 ? 79  THR A OG1 1 
ATOM   577 C CG2 . THR A 1 79  ? 2.21236   9.45519   0.75241   1.000 39.01000 ? 79  THR A CG2 1 
ATOM   578 N N   . VAL A 1 80  ? -0.56685  8.56941   -0.52584  1.000 37.76000 ? 80  VAL A N   1 
ATOM   579 C CA  . VAL A 1 80  ? -1.51562  7.59615   0.00335   1.000 31.76000 ? 80  VAL A CA  1 
ATOM   580 C C   . VAL A 1 80  ? -0.74873  6.76431   1.02054   1.000 39.32000 ? 80  VAL A C   1 
ATOM   581 O O   . VAL A 1 80  ? 0.31061   6.20930   0.70400   1.000 36.03000 ? 80  VAL A O   1 
ATOM   582 C CB  . VAL A 1 80  ? -2.13541  6.73710   -1.10870  1.000 32.41000 ? 80  VAL A CB  1 
ATOM   583 C CG1 . VAL A 1 80  ? -3.02877  5.65659   -0.51639  1.000 37.46000 ? 80  VAL A CG1 1 
ATOM   584 C CG2 . VAL A 1 80  ? -2.92988  7.61322   -2.06382  1.000 40.00000 ? 80  VAL A CG2 1 
ATOM   585 N N   . PHE A 1 81  ? -1.27667  6.68652   2.23975   1.000 35.71000 ? 81  PHE A N   1 
ATOM   586 C CA  . PHE A 1 81  ? -0.62255  5.98885   3.33565   1.000 35.57000 ? 81  PHE A CA  1 
ATOM   587 C C   . PHE A 1 81  ? -1.30326  4.64942   3.57836   1.000 36.90000 ? 81  PHE A C   1 
ATOM   588 O O   . PHE A 1 81  ? -2.50552  4.48968   3.35851   1.000 35.01000 ? 81  PHE A O   1 
ATOM   589 C CB  . PHE A 1 81  ? -0.65169  6.80620   4.62901   1.000 41.25000 ? 81  PHE A CB  1 
ATOM   590 C CG  . PHE A 1 81  ? 0.13862   8.07770   4.56354   1.000 42.80000 ? 81  PHE A CG  1 
ATOM   591 C CD1 . PHE A 1 81  ? 1.51253   8.06563   4.73423   1.000 41.67000 ? 81  PHE A CD1 1 
ATOM   592 C CD2 . PHE A 1 81  ? -0.49152  9.28871   4.34143   1.000 42.89000 ? 81  PHE A CD2 1 
ATOM   593 C CE1 . PHE A 1 81  ? 2.24366   9.23506   4.67761   1.000 43.78000 ? 81  PHE A CE1 1 
ATOM   594 C CE2 . PHE A 1 81  ? 0.23652   10.46327  4.28513   1.000 46.17000 ? 81  PHE A CE2 1 
ATOM   595 C CZ  . PHE A 1 81  ? 1.60517   10.43414  4.45350   1.000 42.99000 ? 81  PHE A CZ  1 
ATOM   596 N N   . LEU A 1 82  ? -0.51585  3.68535   4.04693   1.000 36.61000 ? 82  LEU A N   1 
ATOM   597 C CA  . LEU A 1 82  ? -1.03698  2.41416   4.54304   1.000 37.47000 ? 82  LEU A CA  1 
ATOM   598 C C   . LEU A 1 82  ? -0.46942  2.25964   5.94811   1.000 35.60000 ? 82  LEU A C   1 
ATOM   599 O O   . LEU A 1 82  ? 0.73083   2.02920   6.11716   1.000 33.85000 ? 82  LEU A O   1 
ATOM   600 C CB  . LEU A 1 82  ? -0.66331  1.24660   3.63512   1.000 37.53000 ? 82  LEU A CB  1 
ATOM   601 C CG  . LEU A 1 82  ? -1.19881  -0.10744  4.11427   1.000 36.71000 ? 82  LEU A CG  1 
ATOM   602 C CD1 . LEU A 1 82  ? -2.71832  -0.14990  4.00568   1.000 36.95000 ? 82  LEU A CD1 1 
ATOM   603 C CD2 . LEU A 1 82  ? -0.56775  -1.25935  3.34609   1.000 35.69000 ? 82  LEU A CD2 1 
ATOM   604 N N   . GLN A 1 83  ? -1.32799  2.42130   6.95225   1.000 34.78000 ? 83  GLN A N   1 
ATOM   605 C CA  . GLN A 1 83  ? -0.94320  2.16322   8.33212   1.000 35.73000 ? 83  GLN A CA  1 
ATOM   606 C C   . GLN A 1 83  ? -1.14082  0.67655   8.59363   1.000 35.40000 ? 83  GLN A C   1 
ATOM   607 O O   . GLN A 1 83  ? -2.24318  0.15314   8.40319   1.000 36.85000 ? 83  GLN A O   1 
ATOM   608 C CB  . GLN A 1 83  ? -1.77996  2.99835   9.29613   1.000 38.47000 ? 83  GLN A CB  1 
ATOM   609 C CG  . GLN A 1 83  ? -1.45659  2.74659   10.75773  1.000 34.86000 ? 83  GLN A CG  1 
ATOM   610 C CD  . GLN A 1 83  ? -0.07720  3.24283   11.13414  1.000 39.36000 ? 83  GLN A CD  1 
ATOM   611 O OE1 . GLN A 1 83  ? 0.33459   4.32882   10.72794  1.000 42.76000 ? 83  GLN A OE1 1 
ATOM   612 N NE2 . GLN A 1 83  ? 0.64875   2.44548   11.90983  1.000 37.37000 ? 83  GLN A NE2 1 
ATOM   613 N N   . MET A 1 84  ? -0.07977  -0.00528  9.01740   1.000 34.34000 ? 84  MET A N   1 
ATOM   614 C CA  . MET A 1 84  ? -0.10406  -1.44716  9.23501   1.000 33.36000 ? 84  MET A CA  1 
ATOM   615 C C   . MET A 1 84  ? 0.14632   -1.72652  10.70895  1.000 36.55000 ? 84  MET A C   1 
ATOM   616 O O   . MET A 1 84  ? 1.23053   -1.42967  11.21986  1.000 36.50000 ? 84  MET A O   1 
ATOM   617 C CB  . MET A 1 84  ? 0.94305   -2.15007  8.36709   1.000 32.17000 ? 84  MET A CB  1 
ATOM   618 C CG  . MET A 1 84  ? 0.78917   -1.88445  6.87713   1.000 39.48000 ? 84  MET A CG  1 
ATOM   619 S SD  . MET A 1 84  ? 2.05387   -2.68929  5.87554   1.000 40.81000 ? 84  MET A SD  1 
ATOM   620 C CE  . MET A 1 84  ? 3.53857   -2.02921  6.60581   1.000 35.18000 ? 84  MET A CE  1 
ATOM   621 N N   . ASN A 1 85  ? -0.84864  -2.27580  11.37659  1.000 34.28000 ? 85  ASN A N   1 
ATOM   622 C CA  . ASN A 1 85  ? -0.74909  -2.57224  12.79024  1.000 34.62000 ? 85  ASN A CA  1 
ATOM   623 C C   . ASN A 1 85  ? -0.88095  -4.04700  13.05905  1.000 35.60000 ? 85  ASN A C   1 
ATOM   624 O O   . ASN A 1 85  ? -1.40243  -4.79822  12.23618  1.000 33.26000 ? 85  ASN A O   1 
ATOM   625 C CB  . ASN A 1 85  ? -1.84682  -1.85797  13.54692  1.000 38.60000 ? 85  ASN A CB  1 
ATOM   626 C CG  . ASN A 1 85  ? -1.73960  -0.34903  13.43906  1.000 37.40000 ? 85  ASN A CG  1 
ATOM   627 O OD1 . ASN A 1 85  ? -0.64165  0.20703   13.42133  1.000 42.09000 ? 85  ASN A OD1 1 
ATOM   628 N ND2 . ASN A 1 85  ? -2.88279  0.32156   13.36485  1.000 38.58000 ? 85  ASN A ND2 1 
ATOM   629 N N   . SER A 1 86  ? -0.40704  -4.45962  14.21156  1.000 35.94000 ? 86  SER A N   1 
ATOM   630 C CA  . SER A 1 86  ? -0.43462  -5.84443  14.65535  1.000 32.81000 ? 86  SER A CA  1 
ATOM   631 C C   . SER A 1 86  ? 0.11396   -6.77686  13.60205  1.000 30.34000 ? 86  SER A C   1 
ATOM   632 O O   . SER A 1 86  ? -0.53530  -7.73906  13.17952  1.000 32.06000 ? 86  SER A O   1 
ATOM   633 C CB  . SER A 1 86  ? -1.84459  -6.24673  15.01074  1.000 39.69000 ? 86  SER A CB  1 
ATOM   634 O OG  . SER A 1 86  ? -1.95242  -7.65266  15.14889  1.000 47.91000 ? 86  SER A OG  1 
ATOM   635 N N   . LEU A 1 87  ? 1.30988   -6.48909  13.17554  1.000 35.57000 ? 87  LEU A N   1 
ATOM   636 C CA  . LEU A 1 87  ? 1.96419   -7.24030  12.15092  1.000 32.56000 ? 87  LEU A CA  1 
ATOM   637 C C   . LEU A 1 87  ? 2.44883   -8.61348  12.62247  1.000 33.35000 ? 87  LEU A C   1 
ATOM   638 O O   . LEU A 1 87  ? 2.87385   -8.75528  13.72716  1.000 33.54000 ? 87  LEU A O   1 
ATOM   639 C CB  . LEU A 1 87  ? 3.11783   -6.42003  11.63065  1.000 31.33000 ? 87  LEU A CB  1 
ATOM   640 C CG  . LEU A 1 87  ? 2.70337   -5.22365  10.78373  1.000 32.29000 ? 87  LEU A CG  1 
ATOM   641 C CD1 . LEU A 1 87  ? 3.81940   -4.25159  10.54002  1.000 34.69000 ? 87  LEU A CD1 1 
ATOM   642 C CD2 . LEU A 1 87  ? 2.08741   -5.65165  9.49240   1.000 30.01000 ? 87  LEU A CD2 1 
ATOM   643 N N   . THR A 1 88  ? 2.39165   -9.59958  11.74052  1.000 32.89000 ? 88  THR A N   1 
ATOM   644 C CA  . THR A 1 88  ? 2.90503   -10.93500 12.01802  1.000 35.86000 ? 88  THR A CA  1 
ATOM   645 C C   . THR A 1 88  ? 3.76159   -11.39038 10.84493  1.000 39.65000 ? 88  THR A C   1 
ATOM   646 O O   . THR A 1 88  ? 3.81268   -10.74099 9.79712   1.000 29.88000 ? 88  THR A O   1 
ATOM   647 C CB  . THR A 1 88  ? 1.78130   -11.95455 12.24215  1.000 35.47000 ? 88  THR A CB  1 
ATOM   648 O OG1 . THR A 1 88  ? 1.23848   -12.34856 10.97562  1.000 38.28000 ? 88  THR A OG1 1 
ATOM   649 C CG2 . THR A 1 88  ? 0.67684   -11.36599 13.09544  1.000 36.08000 ? 88  THR A CG2 1 
ATOM   650 N N   . THR A 1 89  ? 4.41540   -12.54216 11.02000  1.000 32.76000 ? 89  THR A N   1 
ATOM   651 C CA  . THR A 1 89  ? 5.26038   -13.09071 9.96283   1.000 32.99000 ? 89  THR A CA  1 
ATOM   652 C C   . THR A 1 89  ? 4.48916   -13.34705 8.67413   1.000 34.28000 ? 89  THR A C   1 
ATOM   653 O O   . THR A 1 89  ? 5.09772   -13.37567 7.59965   1.000 35.48000 ? 89  THR A O   1 
ATOM   654 C CB  . THR A 1 89  ? 5.92369   -14.38994 10.42529  1.000 37.50000 ? 89  THR A CB  1 
ATOM   655 O OG1 . THR A 1 89  ? 4.91415   -15.34052 10.78106  1.000 34.62000 ? 89  THR A OG1 1 
ATOM   656 C CG2 . THR A 1 89  ? 6.82345   -14.13593 11.62314  1.000 31.43000 ? 89  THR A CG2 1 
ATOM   657 N N   . GLU A 1 90  ? 3.16800   -13.52881 8.75179   1.000 33.27000 ? 90  GLU A N   1 
ATOM   658 C CA  . GLU A 1 90  ? 2.37504   -13.71695 7.54213   1.000 36.04000 ? 90  GLU A CA  1 
ATOM   659 C C   . GLU A 1 90  ? 2.37500   -12.47572 6.66235   1.000 39.44000 ? 90  GLU A C   1 
ATOM   660 O O   . GLU A 1 90  ? 2.02640   -12.56255 5.47998   1.000 36.06000 ? 90  GLU A O   1 
ATOM   661 C CB  . GLU A 1 90  ? 0.93709   -14.09255 7.90511   1.000 43.46000 ? 90  GLU A CB  1 
ATOM   662 C CG  . GLU A 1 90  ? 0.82054   -15.30751 8.81210   1.000 55.17000 ? 90  GLU A CG  1 
ATOM   663 C CD  . GLU A 1 90  ? 1.27403   -16.58892 8.13754   1.000 62.67000 ? 90  GLU A CD  1 
ATOM   664 O OE1 . GLU A 1 90  ? 1.15147   -16.68721 6.89765   1.000 68.70000 ? 90  GLU A OE1 1 
ATOM   665 O OE2 . GLU A 1 90  ? 1.75537   -17.49705 8.84935   1.000 70.11000 ? 90  GLU A OE2 1 
ATOM   666 N N   . ASP A 1 91  ? 2.76639   -11.32988 7.21239   1.000 35.41000 ? 91  ASP A N   1 
ATOM   667 C CA  . ASP A 1 91  ? 2.72278   -10.05752 6.50973   1.000 32.28000 ? 91  ASP A CA  1 
ATOM   668 C C   . ASP A 1 91  ? 4.02920   -9.71739  5.80584   1.000 35.05000 ? 91  ASP A C   1 
ATOM   669 O O   . ASP A 1 91  ? 4.08430   -8.70983  5.09104   1.000 31.95000 ? 91  ASP A O   1 
ATOM   670 C CB  . ASP A 1 91  ? 2.35288   -8.94791  7.49748   1.000 30.58000 ? 91  ASP A CB  1 
ATOM   671 C CG  . ASP A 1 91  ? 0.97320   -9.14905  8.09953   1.000 35.43000 ? 91  ASP A CG  1 
ATOM   672 O OD1 . ASP A 1 91  ? 0.04868   -9.52636  7.34889   1.000 37.91000 ? 91  ASP A OD1 1 
ATOM   673 O OD2 . ASP A 1 91  ? 0.81112   -8.94016  9.32050   1.000 32.45000 ? 91  ASP A OD2 1 
ATOM   674 N N   . THR A 1 92  ? 5.07146   -10.52703 5.98658   1.000 32.34000 ? 92  THR A N   1 
ATOM   675 C CA  . THR A 1 92  ? 6.32943   -10.30051 5.28647   1.000 32.20000 ? 92  THR A CA  1 
ATOM   676 C C   . THR A 1 92  ? 6.12808   -10.43845 3.78430   1.000 31.37000 ? 92  THR A C   1 
ATOM   677 O O   . THR A 1 92  ? 5.61462   -11.45294 3.30557   1.000 31.78000 ? 92  THR A O   1 
ATOM   678 C CB  . THR A 1 92  ? 7.39467   -11.28933 5.76244   1.000 34.00000 ? 92  THR A CB  1 
ATOM   679 O OG1 . THR A 1 92  ? 7.70789   -11.03850 7.13940   1.000 33.23000 ? 92  THR A OG1 1 
ATOM   680 C CG2 . THR A 1 92  ? 8.66150   -11.15934 4.91818   1.000 30.49000 ? 92  THR A CG2 1 
ATOM   681 N N   . ALA A 1 93  ? 6.54053   -9.41174  3.04718   1.000 32.47000 ? 93  ALA A N   1 
ATOM   682 C CA  . ALA A 1 93  ? 6.41156   -9.35133  1.59587   1.000 31.15000 ? 93  ALA A CA  1 
ATOM   683 C C   . ALA A 1 93  ? 6.90650   -7.98670  1.14285   1.000 30.08000 ? 93  ALA A C   1 
ATOM   684 O O   . ALA A 1 93  ? 7.13256   -7.07941  1.95063   1.000 31.77000 ? 93  ALA A O   1 
ATOM   685 C CB  . ALA A 1 93  ? 4.97454   -9.56721  1.11434   1.000 31.91000 ? 93  ALA A CB  1 
ATOM   686 N N   . VAL A 1 94  ? 7.07964   -7.85625  -0.16476  1.000 32.30000 ? 94  VAL A N   1 
ATOM   687 C CA  . VAL A 1 94  ? 7.27918   -6.55853  -0.79113  1.000 30.24000 ? 94  VAL A CA  1 
ATOM   688 C C   . VAL A 1 94  ? 5.90963   -5.95861  -1.06143  1.000 31.90000 ? 94  VAL A C   1 
ATOM   689 O O   . VAL A 1 94  ? 5.03278   -6.62643  -1.61997  1.000 34.08000 ? 94  VAL A O   1 
ATOM   690 C CB  . VAL A 1 94  ? 8.09332   -6.68939  -2.08712  1.000 34.19000 ? 94  VAL A CB  1 
ATOM   691 C CG1 . VAL A 1 94  ? 8.24249   -5.33152  -2.75972  1.000 30.97000 ? 94  VAL A CG1 1 
ATOM   692 C CG2 . VAL A 1 94  ? 9.44888   -7.30201  -1.79168  1.000 33.09000 ? 94  VAL A CG2 1 
ATOM   693 N N   . TYR A 1 95  ? 5.71421   -4.70765  -0.65966  1.000 30.59000 ? 95  TYR A N   1 
ATOM   694 C CA  . TYR A 1 95  ? 4.42860   -4.03639  -0.79107  1.000 30.34000 ? 95  TYR A CA  1 
ATOM   695 C C   . TYR A 1 95  ? 4.50368   -3.01953  -1.92032  1.000 31.04000 ? 95  TYR A C   1 
ATOM   696 O O   . TYR A 1 95  ? 5.41820   -2.19035  -1.95375  1.000 33.79000 ? 95  TYR A O   1 
ATOM   697 C CB  . TYR A 1 95  ? 4.03180   -3.36688  0.52610   1.000 33.36000 ? 95  TYR A CB  1 
ATOM   698 C CG  . TYR A 1 95  ? 3.54177   -4.35325  1.56633   1.000 31.51000 ? 95  TYR A CG  1 
ATOM   699 C CD1 . TYR A 1 95  ? 4.39882   -5.29173  2.12440   1.000 30.11000 ? 95  TYR A CD1 1 
ATOM   700 C CD2 . TYR A 1 95  ? 2.21796   -4.35099  1.98040   1.000 36.02000 ? 95  TYR A CD2 1 
ATOM   701 C CE1 . TYR A 1 95  ? 3.94709   -6.20123  3.07544   1.000 29.92000 ? 95  TYR A CE1 1 
ATOM   702 C CE2 . TYR A 1 95  ? 1.75966   -5.25190  2.92358   1.000 33.33000 ? 95  TYR A CE2 1 
ATOM   703 C CZ  . TYR A 1 95  ? 2.62694   -6.17397  3.46714   1.000 31.03000 ? 95  TYR A CZ  1 
ATOM   704 O OH  . TYR A 1 95  ? 2.16197   -7.06843  4.40476   1.000 35.83000 ? 95  TYR A OH  1 
ATOM   705 N N   . TYR A 1 96  ? 3.54431   -3.09026  -2.84052  1.000 31.38000 ? 96  TYR A N   1 
ATOM   706 C CA  . TYR A 1 96  ? 3.54813   -2.28138  -4.04990  1.000 31.16000 ? 96  TYR A CA  1 
ATOM   707 C C   . TYR A 1 96  ? 2.37011   -1.31988  -4.04954  1.000 35.37000 ? 96  TYR A C   1 
ATOM   708 O O   . TYR A 1 96  ? 1.28669   -1.63092  -3.54204  1.000 35.42000 ? 96  TYR A O   1 
ATOM   709 C CB  . TYR A 1 96  ? 3.47796   -3.15041  -5.31136  1.000 32.43000 ? 96  TYR A CB  1 
ATOM   710 C CG  . TYR A 1 96  ? 4.62093   -4.12176  -5.46451  1.000 37.51000 ? 96  TYR A CG  1 
ATOM   711 C CD1 . TYR A 1 96  ? 4.56504   -5.38398  -4.88866  1.000 39.94000 ? 96  TYR A CD1 1 
ATOM   712 C CD2 . TYR A 1 96  ? 5.75370   -3.78053  -6.18989  1.000 41.43000 ? 96  TYR A CD2 1 
ATOM   713 C CE1 . TYR A 1 96  ? 5.60970   -6.27984  -5.02752  1.000 42.15000 ? 96  TYR A CE1 1 
ATOM   714 C CE2 . TYR A 1 96  ? 6.80280   -4.66903  -6.33510  1.000 40.53000 ? 96  TYR A CE2 1 
ATOM   715 C CZ  . TYR A 1 96  ? 6.72417   -5.91647  -5.75346  1.000 38.93000 ? 96  TYR A CZ  1 
ATOM   716 O OH  . TYR A 1 96  ? 7.76365   -6.80551  -5.89531  1.000 42.48000 ? 96  TYR A OH  1 
ATOM   717 N N   . CYS A 1 97  ? 2.59721   -0.15009  -4.63210  1.000 36.68000 ? 97  CYS A N   1 
ATOM   718 C CA  . CYS A 1 97  ? 1.55936   0.84122   -4.85952  1.000 38.15000 ? 97  CYS A CA  1 
ATOM   719 C C   . CYS A 1 97  ? 1.07231   0.73687   -6.29804  1.000 41.25000 ? 97  CYS A C   1 
ATOM   720 O O   . CYS A 1 97  ? 1.87097   0.54139   -7.21843  1.000 39.27000 ? 97  CYS A O   1 
ATOM   721 C CB  . CYS A 1 97  ? 2.09397   2.24664   -4.58717  1.000 39.34000 ? 97  CYS A CB  1 
ATOM   722 S SG  . CYS A 1 97  ? 0.84674   3.52267   -4.52342  1.000 59.25000 ? 97  CYS A SG  1 
ATOM   723 N N   . ASN A 1 98  ? -0.24061  0.86061   -6.48931  1.000 43.19000 ? 98  ASN A N   1 
ATOM   724 C CA  . ASN A 1 98  ? -0.84414  0.78898   -7.81368  1.000 39.21000 ? 98  ASN A CA  1 
ATOM   725 C C   . ASN A 1 98  ? -1.83816  1.92640   -7.98450  1.000 42.11000 ? 98  ASN A C   1 
ATOM   726 O O   . ASN A 1 98  ? -2.69506  2.14405   -7.12105  1.000 42.90000 ? 98  ASN A O   1 
ATOM   727 C CB  . ASN A 1 98  ? -1.54062  -0.55614  -8.04177  1.000 45.16000 ? 98  ASN A CB  1 
ATOM   728 C CG  . ASN A 1 98  ? -2.42979  -0.55033  -9.27325  1.000 47.59000 ? 98  ASN A CG  1 
ATOM   729 O OD1 . ASN A 1 98  ? -3.65633  -0.57128  -9.16571  1.000 50.77000 ? 98  ASN A OD1 1 
ATOM   730 N ND2 . ASN A 1 98  ? -1.81399  -0.51032  -10.44910 1.000 46.19000 ? 98  ASN A ND2 1 
ATOM   731 N N   . ALA A 1 99  ? -1.72749  2.64233   -9.09984  1.000 38.96000 ? 99  ALA A N   1 
ATOM   732 C CA  . ALA A 1 99  ? -2.62285  3.74556   -9.42164  1.000 42.43000 ? 99  ALA A CA  1 
ATOM   733 C C   . ALA A 1 99  ? -3.40200  3.39478   -10.67808 1.000 44.85000 ? 99  ALA A C   1 
ATOM   734 O O   . ALA A 1 99  ? -2.80539  3.07435   -11.71250 1.000 45.80000 ? 99  ALA A O   1 
ATOM   735 C CB  . ALA A 1 99  ? -1.84743  5.04874   -9.61665  1.000 42.02000 ? 99  ALA A CB  1 
ATOM   736 N N   . GLN A 1 100 ? -4.72816  3.44643   -10.58543 1.000 48.17000 ? 100 GLN A N   1 
ATOM   737 C CA  . GLN A 1 100 ? -5.60876  3.25372   -11.72994 1.000 50.29000 ? 100 GLN A CA  1 
ATOM   738 C C   . GLN A 1 100 ? -6.12314  4.61210   -12.18902 1.000 53.90000 ? 100 GLN A C   1 
ATOM   739 O O   . GLN A 1 100 ? -6.76693  5.33123   -11.41582 1.000 51.25000 ? 100 GLN A O   1 
ATOM   740 C CB  . GLN A 1 100 ? -6.77667  2.33298   -11.38370 1.000 53.84000 ? 100 GLN A CB  1 
ATOM   741 C CG  . GLN A 1 100 ? -6.41548  0.86639   -11.27732 1.000 58.00000 ? 100 GLN A CG  1 
ATOM   742 C CD  . GLN A 1 100 ? -7.64307  -0.01654  -11.16909 1.000 66.40000 ? 100 GLN A CD  1 
ATOM   743 O OE1 . GLN A 1 100 ? -8.68336  0.27303   -11.76135 1.000 70.62000 ? 100 GLN A OE1 1 
ATOM   744 N NE2 . GLN A 1 100 ? -7.53044  -1.09757  -10.40368 1.000 65.45000 ? 100 GLN A NE2 1 
ATOM   745 N N   . ILE A 1 101 ? -5.84038  4.95840   -13.43461 1.000 52.35000 ? 101 ILE A N   1 
ATOM   746 C CA  . ILE A 1 101 ? -6.28188  6.21890   -14.02221 1.000 56.00000 ? 101 ILE A CA  1 
ATOM   747 C C   . ILE A 1 101 ? -7.13504  5.85246   -15.22927 1.000 65.74000 ? 101 ILE A C   1 
ATOM   748 O O   . ILE A 1 101 ? -6.62712  5.61194   -16.32879 1.000 65.19000 ? 101 ILE A O   1 
ATOM   749 C CB  . ILE A 1 101 ? -5.11169  7.12580   -14.40636 1.000 57.51000 ? 101 ILE A CB  1 
ATOM   750 C CG1 . ILE A 1 101 ? -4.24851  7.41157   -13.17716 1.000 55.53000 ? 101 ILE A CG1 1 
ATOM   751 C CG2 . ILE A 1 101 ? -5.62151  8.42002   -15.00773 1.000 61.47000 ? 101 ILE A CG2 1 
ATOM   752 C CD1 . ILE A 1 101 ? -3.15216  8.41630   -13.42248 1.000 54.70000 ? 101 ILE A CD1 1 
ATOM   753 N N   . LEU A 1 102 ? -8.43469  5.85691   -15.00197 1.000 70.46000 ? 102 LEU A N   1 
ATOM   754 C CA  . LEU A 1 102 ? -9.41950  5.56254   -16.00826 1.000 76.52000 ? 102 LEU A CA  1 
ATOM   755 C C   . LEU A 1 102 ? -9.68315  6.79887   -16.81208 1.000 74.74000 ? 102 LEU A C   1 
ATOM   756 O O   . LEU A 1 102 ? -10.71734 7.42397   -16.69941 1.000 73.20000 ? 102 LEU A O   1 
ATOM   757 C CB  . LEU A 1 102 ? -10.70486 5.07342   -15.36273 1.000 74.46000 ? 102 LEU A CB  1 
ATOM   758 C CG  . LEU A 1 102 ? -10.71727 3.58653   -15.13332 1.000 70.11000 ? 102 LEU A CG  1 
ATOM   759 C CD1 . LEU A 1 102 ? -9.42560  3.13543   -14.50761 1.000 65.03000 ? 102 LEU A CD1 1 
ATOM   760 C CD2 . LEU A 1 102 ? -11.89174 3.15428   -14.29923 1.000 68.81000 ? 102 LEU A CD2 1 
ATOM   761 N N   . SER A 1 103 ? -8.71848  7.13249   -17.63604 1.000 70.89000 ? 103 SER A N   1 
ATOM   762 C CA  . SER A 1 103 ? -8.86904  8.26178   -18.54474 1.000 74.90000 ? 103 SER A CA  1 
ATOM   763 C C   . SER A 1 103 ? -7.92696  8.11201   -19.73634 1.000 69.06000 ? 103 SER A C   1 
ATOM   764 O O   . SER A 1 103 ? -7.98796  8.88507   -20.69270 1.000 68.36000 ? 103 SER A O   1 
ATOM   765 C CB  . SER A 1 103 ? -8.59871  9.58063   -17.81697 1.000 72.47000 ? 103 SER A CB  1 
ATOM   766 O OG  . SER A 1 103 ? -7.22305  9.72292   -17.50825 1.000 72.80000 ? 103 SER A OG  1 
ATOM   767 N N   . GLY A 1 107 ? -8.00836  3.67947   -19.83574 1.000 69.74000 ? 107 GLY A N   1 
ATOM   768 C CA  . GLY A 1 107 ? -7.87576  2.66031   -18.80786 1.000 71.47000 ? 107 GLY A CA  1 
ATOM   769 C C   . GLY A 1 107 ? -6.46076  2.13953   -18.67014 1.000 73.71000 ? 107 GLY A C   1 
ATOM   770 O O   . GLY A 1 107 ? -6.06235  1.25090   -19.41491 1.000 71.99000 ? 107 GLY A O   1 
ATOM   771 N N   . THR A 1 108 ? -5.70004  2.69908   -17.72741 1.000 67.38000 ? 108 THR A N   1 
ATOM   772 C CA  . THR A 1 108 ? -4.29012  2.37765   -17.57922 1.000 64.97000 ? 108 THR A CA  1 
ATOM   773 C C   . THR A 1 108 ? -3.86817  2.16990   -16.12078 1.000 61.92000 ? 108 THR A C   1 
ATOM   774 O O   . THR A 1 108 ? -4.47138  2.71877   -15.22884 1.000 55.06000 ? 108 THR A O   1 
ATOM   775 C CB  . THR A 1 108 ? -3.45914  3.50748   -18.14620 1.000 62.15000 ? 108 THR A CB  1 
ATOM   776 O OG1 . THR A 1 108 ? -3.95418  4.70071   -17.59916 1.000 62.93000 ? 108 THR A OG1 1 
ATOM   777 C CG2 . THR A 1 108 ? -3.64719  3.61886   -19.60470 1.000 61.66000 ? 108 THR A CG2 1 
ATOM   778 N N   . ASP A 1 109 ? -2.79175  1.40354   -15.94780 1.000 59.04000 ? 109 ASP A N   1 
ATOM   779 C CA  . ASP A 1 109 ? -2.25978  0.97660   -14.65142 1.000 55.86000 ? 109 ASP A CA  1 
ATOM   780 C C   . ASP A 1 109 ? -0.82275  1.38985   -14.49163 1.000 51.90000 ? 109 ASP A C   1 
ATOM   781 O O   . ASP A 1 109 ? -0.05217  1.40093   -15.45952 1.000 55.01000 ? 109 ASP A O   1 
ATOM   782 C CB  . ASP A 1 109 ? -2.20808  -0.54376  -14.65791 1.000 59.45000 ? 109 ASP A CB  1 
ATOM   783 C CG  . ASP A 1 109 ? -3.43888  -1.14881  -14.12183 1.000 64.73000 ? 109 ASP A CG  1 
ATOM   784 O OD1 . ASP A 1 109 ? -3.79964  -0.84298  -12.97129 1.000 64.00000 ? 109 ASP A OD1 1 
ATOM   785 O OD2 . ASP A 1 109 ? -4.07148  -1.94729  -14.84001 1.000 71.81000 ? 109 ASP A OD2 1 
ATOM   786 N N   . TYR A 1 110 ? -0.45488  1.64954   -13.24359 1.000 44.38000 ? 110 TYR A N   1 
ATOM   787 C CA  . TYR A 1 110 ? 0.89229   2.09640   -12.95111 1.000 38.14000 ? 110 TYR A CA  1 
ATOM   788 C C   . TYR A 1 110 ? 1.28005   1.55370   -11.59733 1.000 40.38000 ? 110 TYR A C   1 
ATOM   789 O O   . TYR A 1 110 ? 0.46221   1.49567   -10.67808 1.000 38.23000 ? 110 TYR A O   1 
ATOM   790 C CB  . TYR A 1 110 ? 0.85069   3.60433   -12.81381 1.000 40.12000 ? 110 TYR A CB  1 
ATOM   791 C CG  . TYR A 1 110 ? 0.50541   4.31771   -14.04790 1.000 43.55000 ? 110 TYR A CG  1 
ATOM   792 C CD1 . TYR A 1 110 ? 1.44284   4.47439   -15.04471 1.000 44.91000 ? 110 TYR A CD1 1 
ATOM   793 C CD2 . TYR A 1 110 ? -0.75888  4.84969   -14.22168 1.000 44.33000 ? 110 TYR A CD2 1 
ATOM   794 C CE1 . TYR A 1 110 ? 1.13514   5.13780   -16.19382 1.000 49.25000 ? 110 TYR A CE1 1 
ATOM   795 C CE2 . TYR A 1 110 ? -1.07859  5.51708   -15.36937 1.000 51.58000 ? 110 TYR A CE2 1 
ATOM   796 C CZ  . TYR A 1 110 ? -0.11845  5.64867   -16.33746 1.000 45.05000 ? 110 TYR A CZ  1 
ATOM   797 O OH  . TYR A 1 110 ? -0.39874  6.29573   -17.47152 1.000 60.45000 ? 110 TYR A OH  1 
ATOM   798 N N   . TRP A 1 111 ? 2.54263   1.18844   -11.46455 1.000 39.20000 ? 111 TRP A N   1 
ATOM   799 C CA  . TRP A 1 111 ? 3.03016   0.58084   -10.25227 1.000 40.58000 ? 111 TRP A CA  1 
ATOM   800 C C   . TRP A 1 111 ? 4.30954   1.21206   -9.78021  1.000 42.93000 ? 111 TRP A C   1 
ATOM   801 O O   . TRP A 1 111 ? 5.10439   1.62528   -10.55873 1.000 45.16000 ? 111 TRP A O   1 
ATOM   802 C CB  . TRP A 1 111 ? 3.34076   -0.87241  -10.49977 1.000 39.76000 ? 111 TRP A CB  1 
ATOM   803 C CG  . TRP A 1 111 ? 2.21344   -1.72959  -10.84439 1.000 42.98000 ? 111 TRP A CG  1 
ATOM   804 C CD1 . TRP A 1 111 ? 1.74509   -1.97688  -12.06183 1.000 46.27000 ? 111 TRP A CD1 1 
ATOM   805 C CD2 . TRP A 1 111 ? 1.44741   -2.51599  -9.95697  1.000 45.29000 ? 111 TRP A CD2 1 
ATOM   806 N NE1 . TRP A 1 111 ? 0.71447   -2.83541  -12.00458 1.000 44.68000 ? 111 TRP A NE1 1 
ATOM   807 C CE2 . TRP A 1 111 ? 0.52198   -3.19647  -10.71093 1.000 49.95000 ? 111 TRP A CE2 1 
ATOM   808 C CE3 . TRP A 1 111 ? 1.44535   -2.69305  -8.59083  1.000 42.34000 ? 111 TRP A CE3 1 
ATOM   809 C CZ2 . TRP A 1 111 ? -0.39952  -4.02685  -10.15274 1.000 44.28000 ? 111 TRP A CZ2 1 
ATOM   810 C CZ3 . TRP A 1 111 ? 0.54998   -3.50512  -8.04894  1.000 45.27000 ? 111 TRP A CZ3 1 
ATOM   811 C CH2 . TRP A 1 111 ? -0.36319  -4.16721  -8.81070  1.000 51.02000 ? 111 TRP A CH2 1 
ATOM   812 N N   . GLY A 1 112 ? 4.51675   1.22443   -8.48057  1.000 40.01000 ? 112 GLY A N   1 
ATOM   813 C CA  . GLY A 1 112 ? 5.78453   1.60400   -7.90153  1.000 38.85000 ? 112 GLY A CA  1 
ATOM   814 C C   . GLY A 1 112 ? 6.73419   0.42352   -7.84654  1.000 34.06000 ? 112 GLY A C   1 
ATOM   815 O O   . GLY A 1 112 ? 6.39534   -0.70932  -8.18680  1.000 38.90000 ? 112 GLY A O   1 
ATOM   816 N N   . GLN A 1 113 ? 7.96127   0.70331   -7.40751  1.000 34.73000 ? 113 GLN A N   1 
ATOM   817 C CA  . GLN A 1 113 ? 8.98098   -0.33654  -7.35562  1.000 35.99000 ? 113 GLN A CA  1 
ATOM   818 C C   . GLN A 1 113 ? 8.81684   -1.26499  -6.15980  1.000 35.74000 ? 113 GLN A C   1 
ATOM   819 O O   . GLN A 1 113 ? 9.40873   -2.35009  -6.14962  1.000 34.46000 ? 113 GLN A O   1 
ATOM   820 C CB  . GLN A 1 113 ? 10.37558  0.29314   -7.34211  1.000 37.85000 ? 113 GLN A CB  1 
ATOM   821 C CG  . GLN A 1 113 ? 10.83699  0.78175   -8.70827  1.000 50.53000 ? 113 GLN A CG  1 
ATOM   822 C CD  . GLN A 1 113 ? 10.83916  -0.32587  -9.75227  1.000 53.70000 ? 113 GLN A CD  1 
ATOM   823 O OE1 . GLN A 1 113 ? 11.65721  -1.24657  -9.69787  1.000 57.34000 ? 113 GLN A OE1 1 
ATOM   824 N NE2 . GLN A 1 113 ? 9.91549   -0.24418  -10.70342 1.000 57.03000 ? 113 GLN A NE2 1 
ATOM   825 N N   . GLY A 1 114 ? 8.03246   -0.87298  -5.16401  1.000 33.33000 ? 114 GLY A N   1 
ATOM   826 C CA  . GLY A 1 114 ? 7.78883   -1.71269  -4.01034  1.000 36.78000 ? 114 GLY A CA  1 
ATOM   827 C C   . GLY A 1 114 ? 8.74591   -1.42784  -2.86669  1.000 37.87000 ? 114 GLY A C   1 
ATOM   828 O O   . GLY A 1 114 ? 9.84724   -0.90901  -3.04535  1.000 35.74000 ? 114 GLY A O   1 
ATOM   829 N N   . THR A 1 115 ? 8.30053   -1.77460  -1.66125  1.000 32.54000 ? 115 THR A N   1 
ATOM   830 C CA  . THR A 1 115 ? 9.11353   -1.59403  -0.46809  1.000 30.46000 ? 115 THR A CA  1 
ATOM   831 C C   . THR A 1 115 ? 8.98131   -2.83676  0.40099   1.000 33.02000 ? 115 THR A C   1 
ATOM   832 O O   . THR A 1 115 ? 7.87360   -3.34279  0.60688   1.000 33.20000 ? 115 THR A O   1 
ATOM   833 C CB  . THR A 1 115 ? 8.70600   -0.32313  0.29619   1.000 37.19000 ? 115 THR A CB  1 
ATOM   834 O OG1 . THR A 1 115 ? 9.53913   -0.15557  1.44788   1.000 37.74000 ? 115 THR A OG1 1 
ATOM   835 C CG2 . THR A 1 115 ? 7.24217   -0.36925  0.72038   1.000 32.17000 ? 115 THR A CG2 1 
ATOM   836 N N   . GLN A 1 116 ? 10.11392  -3.34056  0.88129   1.000 30.53000 ? 116 GLN A N   1 
ATOM   837 C CA  . GLN A 1 116 ? 10.13201  -4.58794  1.63157   1.000 30.46000 ? 116 GLN A CA  1 
ATOM   838 C C   . GLN A 1 116 ? 9.59657   -4.37082  3.04028   1.000 32.91000 ? 116 GLN A C   1 
ATOM   839 O O   . GLN A 1 116 ? 9.96787   -3.40940  3.71893   1.000 31.07000 ? 116 GLN A O   1 
ATOM   840 C CB  . GLN A 1 116 ? 11.54976  -5.15417  1.69196   1.000 31.73000 ? 116 GLN A CB  1 
ATOM   841 C CG  . GLN A 1 116 ? 11.69626  -6.40571  2.55868   1.000 32.73000 ? 116 GLN A CG  1 
ATOM   842 C CD  . GLN A 1 116 ? 11.17204  -7.65557  1.87762   1.000 33.03000 ? 116 GLN A CD  1 
ATOM   843 O OE1 . GLN A 1 116 ? 11.42031  -7.88026  0.69402   1.000 35.85000 ? 116 GLN A OE1 1 
ATOM   844 N NE2 . GLN A 1 116 ? 10.44137  -8.47789  2.62373   1.000 33.84000 ? 116 GLN A NE2 1 
ATOM   845 N N   . VAL A 1 117 ? 8.71549   -5.26689  3.47159   1.000 29.98000 ? 117 VAL A N   1 
ATOM   846 C CA  . VAL A 1 117 ? 8.29057   -5.36350  4.86073   1.000 27.17000 ? 117 VAL A CA  1 
ATOM   847 C C   . VAL A 1 117 ? 8.68246   -6.74659  5.35759   1.000 29.97000 ? 117 VAL A C   1 
ATOM   848 O O   . VAL A 1 117 ? 8.33101   -7.75640  4.73556   1.000 29.25000 ? 117 VAL A O   1 
ATOM   849 C CB  . VAL A 1 117 ? 6.77774   -5.12716  5.01341   1.000 27.82000 ? 117 VAL A CB  1 
ATOM   850 C CG1 . VAL A 1 117 ? 6.33738   -5.36296  6.44895   1.000 29.75000 ? 117 VAL A CG1 1 
ATOM   851 C CG2 . VAL A 1 117 ? 6.41372   -3.71507  4.55920   1.000 30.22000 ? 117 VAL A CG2 1 
ATOM   852 N N   . THR A 1 118 ? 9.42640   -6.79392  6.46123   1.000 28.61000 ? 118 THR A N   1 
ATOM   853 C CA  . THR A 1 118 ? 9.90211   -8.05326  7.02904   1.000 32.40000 ? 118 THR A CA  1 
ATOM   854 C C   . THR A 1 118 ? 9.56061   -8.06780  8.51037   1.000 32.00000 ? 118 THR A C   1 
ATOM   855 O O   . THR A 1 118 ? 10.11059  -7.27806  9.28355   1.000 33.28000 ? 118 THR A O   1 
ATOM   856 C CB  . THR A 1 118 ? 11.40480  -8.22831  6.81925   1.000 32.94000 ? 118 THR A CB  1 
ATOM   857 O OG1 . THR A 1 118 ? 11.71361  -8.09858  5.42652   1.000 32.81000 ? 118 THR A OG1 1 
ATOM   858 C CG2 . THR A 1 118 ? 11.84883  -9.59614  7.30642   1.000 28.85000 ? 118 THR A CG2 1 
ATOM   859 N N   . VAL A 1 119 ? 8.65781   -8.95973  8.90168   1.000 29.77000 ? 119 VAL A N   1 
ATOM   860 C CA  . VAL A 1 119 ? 8.21590   -9.07954  10.28611  1.000 29.03000 ? 119 VAL A CA  1 
ATOM   861 C C   . VAL A 1 119 ? 8.96705   -10.25216 10.90157  1.000 34.97000 ? 119 VAL A C   1 
ATOM   862 O O   . VAL A 1 119 ? 8.78236   -11.40322 10.49233  1.000 31.20000 ? 119 VAL A O   1 
ATOM   863 C CB  . VAL A 1 119 ? 6.69692   -9.27198  10.37948  1.000 32.06000 ? 119 VAL A CB  1 
ATOM   864 C CG1 . VAL A 1 119 ? 6.24019   -9.19656  11.82850  1.000 34.26000 ? 119 VAL A CG1 1 
ATOM   865 C CG2 . VAL A 1 119 ? 5.97119   -8.23589  9.51929   1.000 31.91000 ? 119 VAL A CG2 1 
ATOM   866 N N   . SER A 1 120 ? 9.82820   -9.95373  11.85905  1.000 32.74000 ? 120 SER A N   1 
ATOM   867 C CA  . SER A 1 120 ? 10.65403  -10.94560 12.52377  1.000 37.02000 ? 120 SER A CA  1 
ATOM   868 C C   . SER A 1 120 ? 10.90104  -10.58912 13.97408  1.000 40.85000 ? 120 SER A C   1 
ATOM   869 O O   . SER A 1 120 ? 11.26020  -9.45315  14.28490  1.000 40.04000 ? 120 SER A O   1 
ATOM   870 C CB  . SER A 1 120 ? 11.99875  -11.07255 11.80527  1.000 39.47000 ? 120 SER A CB  1 
ATOM   871 O OG  . SER A 1 120 ? 12.73762  -12.18341 12.28390  1.000 43.70000 ? 120 SER A OG  1 
ATOM   872 N N   . SER A 1 121 ? 10.73646  -11.54714 14.85843  1.000 40.08000 ? 121 SER A N   1 
ATOM   873 C CA  . SER A 1 121 ? 10.99380  -11.30043 16.26826  1.000 41.53000 ? 121 SER A CA  1 
ATOM   874 C C   . SER A 1 121 ? 12.47830  -11.37682 16.50967  1.000 43.20000 ? 121 SER A C   1 
ATOM   875 O O   . SER A 1 121 ? 13.12910  -12.31370 16.04645  1.000 45.87000 ? 121 SER A O   1 
ATOM   876 C CB  . SER A 1 121 ? 10.33177  -12.36475 17.11078  1.000 42.40000 ? 121 SER A CB  1 
ATOM   877 O OG  . SER A 1 121 ? 10.45480  -12.06896 18.49081  1.000 43.10000 ? 121 SER A OG  1 
ATOM   878 N N   . GLY A 1 122 ? 13.02513  -10.43416 17.21117  1.000 42.04000 ? 122 GLY A N   1 
ATOM   879 C CA  . GLY A 1 122 ? 14.43208  -10.53171 17.38460  1.000 47.41000 ? 122 GLY A CA  1 
ATOM   880 C C   . GLY A 1 122 ? 14.99770  -9.96753  18.63613  1.000 59.83000 ? 122 GLY A C   1 
ATOM   881 O O   . GLY A 1 122 ? 14.97036  -10.61492 19.67483  1.000 63.21000 ? 122 GLY A O   1 
HETATM 882 O O   . HOH B 2 .   ? 5.27873   4.69259   -13.61910 1.000 50.80000 ? 201 HOH A O   1 
HETATM 883 O O   . HOH B 2 .   ? 9.70522   -9.84781  19.20279  1.000 43.04000 ? 202 HOH A O   1 
HETATM 884 O O   . HOH B 2 .   ? -3.72098  5.44674   6.52657   1.000 42.30000 ? 203 HOH A O   1 
HETATM 885 O O   . HOH B 2 .   ? 0.50815   -5.21438  18.72840  1.000 48.73000 ? 204 HOH A O   1 
HETATM 886 O O   . HOH B 2 .   ? -0.71895  -13.94963 1.14971   1.000 57.53000 ? 205 HOH A O   1 
HETATM 887 O O   . HOH B 2 .   ? 0.81878   -2.61901  16.22775  1.000 35.65000 ? 206 HOH A O   1 
HETATM 888 O O   . HOH B 2 .   ? -10.79589 2.65053   6.04886   1.000 45.80000 ? 207 HOH A O   1 
HETATM 889 O O   . HOH B 2 .   ? -2.89681  15.97823  -3.91625  1.000 35.42000 ? 208 HOH A O   1 
HETATM 890 O O   . HOH B 2 .   ? 10.86234  -10.02336 -0.65879  1.000 33.24000 ? 209 HOH A O   1 
HETATM 891 O O   . HOH B 2 .   ? 5.84290   6.55473   5.74766   1.000 42.99000 ? 210 HOH A O   1 
HETATM 892 O O   . HOH B 2 .   ? 7.02969   7.63441   -0.65730  1.000 41.89000 ? 211 HOH A O   1 
HETATM 893 O O   . HOH B 2 .   ? 2.10650   19.91848  0.70070   1.000 50.27000 ? 212 HOH A O   1 
HETATM 894 O O   . HOH B 2 .   ? -1.04820  -13.64572 10.61565  0.50  50.93000 ? 213 HOH A O   1 
HETATM 895 O O   . HOH B 2 .   ? -4.86968  0.44557   10.88954  1.000 44.79000 ? 214 HOH A O   1 
HETATM 896 O O   . HOH B 2 .   ? 2.66171   -11.53548 3.08864   1.000 44.48000 ? 215 HOH A O   1 
HETATM 897 O O   . HOH B 2 .   ? -9.21447  -2.01596  8.43060   1.000 42.56000 ? 216 HOH A O   1 
HETATM 898 O O   . HOH B 2 .   ? 7.09694   -14.85812 6.59573   1.000 42.44000 ? 217 HOH A O   1 
HETATM 899 O O   . HOH B 2 .   ? 2.23203   -6.51027  -13.05619 1.000 56.11000 ? 218 HOH A O   1 
HETATM 900 O O   . HOH B 2 .   ? -8.66285  -9.35471  9.58134   1.000 36.50000 ? 219 HOH A O   1 
HETATM 901 O O   . HOH B 2 .   ? -6.46362  14.80519  2.21310   1.000 50.97000 ? 220 HOH A O   1 
HETATM 902 O O   . HOH B 2 .   ? 3.78641   12.38694  -14.02487 1.000 53.51000 ? 221 HOH A O   1 
HETATM 903 O O   . HOH B 2 .   ? 5.25350   11.67477  0.92511   1.000 44.32000 ? 222 HOH A O   1 
HETATM 904 O O   A HOH B 2 .   ? -15.18636 -13.00149 2.45683   0.540 45.33000 ? 223 HOH A O   1 
HETATM 905 O O   B HOH B 2 .   ? -15.82711 -11.89323 3.38461   0.460 46.99000 ? 223 HOH A O   1 
HETATM 906 O O   . HOH B 2 .   ? 14.14837  -1.68574  9.15213   1.000 40.05000 ? 224 HOH A O   1 
HETATM 907 O O   . HOH B 2 .   ? 9.21097   -13.27436 7.72941   1.000 42.89000 ? 225 HOH A O   1 
HETATM 908 O O   . HOH B 2 .   ? 2.35778   -12.99485 -1.75679  1.000 39.91000 ? 226 HOH A O   1 
HETATM 909 O O   . HOH B 2 .   ? -9.44447  -4.45816  14.75742  1.000 41.02000 ? 227 HOH A O   1 
HETATM 910 O O   . HOH B 2 .   ? -6.46682  -10.28812 10.58449  1.000 33.65000 ? 228 HOH A O   1 
HETATM 911 O O   . HOH B 2 .   ? -14.49292 7.42770   -6.33581  1.000 50.75000 ? 229 HOH A O   1 
HETATM 912 O O   . HOH B 2 .   ? -6.98596  -10.02367 -1.31709  1.000 54.00000 ? 230 HOH A O   1 
HETATM 913 O O   . HOH B 2 .   ? 7.02971   3.09727   8.73878   1.000 41.43000 ? 231 HOH A O   1 
HETATM 914 O O   . HOH B 2 .   ? 6.08321   4.36434   -11.01347 1.000 44.25000 ? 232 HOH A O   1 
HETATM 915 O O   . HOH B 2 .   ? 3.72539   16.49127  -12.41403 1.000 41.97000 ? 233 HOH A O   1 
HETATM 916 O O   . HOH B 2 .   ? 12.68276  -2.22953  0.01390   1.000 42.49000 ? 234 HOH A O   1 
HETATM 917 O O   . HOH B 2 .   ? 9.50646   -14.14004 14.20650  1.000 39.06000 ? 235 HOH A O   1 
HETATM 918 O O   . HOH B 2 .   ? 0.83458   -12.95927 -8.90244  1.000 52.39000 ? 236 HOH A O   1 
HETATM 919 O O   . HOH B 2 .   ? 9.44421   -10.94270 1.31736   1.000 33.74000 ? 237 HOH A O   1 
HETATM 920 O O   . HOH B 2 .   ? 9.31786   3.35153   -7.29254  1.000 52.03000 ? 238 HOH A O   1 
HETATM 921 O O   . HOH B 2 .   ? 8.03965   -9.73545  -4.59593  1.000 46.14000 ? 239 HOH A O   1 
HETATM 922 O O   . HOH B 2 .   ? -9.43861  0.33431   9.70594   1.000 55.68000 ? 240 HOH A O   1 
HETATM 923 O O   . HOH B 2 .   ? 9.17901   -3.06592  15.90282  1.000 47.11000 ? 241 HOH A O   1 
HETATM 924 O O   . HOH B 2 .   ? -5.46186  15.58223  -5.03165  1.000 46.01000 ? 242 HOH A O   1 
HETATM 925 O O   . HOH B 2 .   ? 10.09556  -14.07386 9.81224   1.000 40.40000 ? 243 HOH A O   1 
HETATM 926 O O   . HOH B 2 .   ? 4.38790   1.34222   -13.91958 1.000 40.61000 ? 244 HOH A O   1 
HETATM 927 O O   . HOH B 2 .   ? 5.53775   10.49837  3.33106   1.000 48.42000 ? 245 HOH A O   1 
HETATM 928 O O   . HOH B 2 .   ? -5.98521  -10.42158 -4.50899  1.000 54.39000 ? 246 HOH A O   1 
HETATM 929 O O   . HOH B 2 .   ? 3.33930   3.42750   13.14947  1.000 47.51000 ? 247 HOH A O   1 
HETATM 930 O O   . HOH B 2 .   ? -13.58884 -4.03416  2.79263   1.000 47.05000 ? 248 HOH A O   1 
HETATM 931 O O   . HOH B 2 .   ? 9.84431   3.21321   -4.89937  1.000 55.26000 ? 249 HOH A O   1 
HETATM 932 O O   . HOH B 2 .   ? -14.29804 4.89775   4.03110   1.000 55.16000 ? 250 HOH A O   1 
HETATM 933 O O   . HOH B 2 .   ? 1.43721   -12.70380 0.72820   1.000 54.31000 ? 251 HOH A O   1 
HETATM 934 O O   . HOH B 2 .   ? 4.48697   -7.01204  -8.70633  1.000 55.40000 ? 252 HOH A O   1 
HETATM 935 O O   . HOH B 2 .   ? 4.29654   -5.25161  -11.37654 1.000 58.63000 ? 253 HOH A O   1 
HETATM 936 O O   . HOH B 2 .   ? 11.56824  -15.87172 13.84196  1.000 56.02000 ? 254 HOH A O   1 
HETATM 937 O O   . HOH B 2 .   ? 11.35842  -2.52789  15.94763  1.000 60.01000 ? 255 HOH A O   1 
HETATM 938 O O   . HOH B 2 .   ? 1.93257   20.92501  2.69377   1.000 54.41000 ? 256 HOH A O   1 
HETATM 939 O O   . HOH B 2 .   ? 5.97083   14.07305  3.94113   1.000 48.07000 ? 257 HOH A O   1 
# 
